data_3RCP
# 
_entry.id   3RCP 
# 
_audit_conform.dict_name       mmcif_pdbx.dic 
_audit_conform.dict_version    5.399 
_audit_conform.dict_location   http://mmcif.pdb.org/dictionaries/ascii/mmcif_pdbx.dic 
# 
loop_
_database_2.database_id 
_database_2.database_code 
_database_2.pdbx_database_accession 
_database_2.pdbx_DOI 
PDB   3RCP         pdb_00003rcp 10.2210/pdb3rcp/pdb 
RCSB  RCSB064769   ?            ?                   
WWPDB D_1000064769 ?            ?                   
# 
loop_
_pdbx_audit_revision_history.ordinal 
_pdbx_audit_revision_history.data_content_type 
_pdbx_audit_revision_history.major_revision 
_pdbx_audit_revision_history.minor_revision 
_pdbx_audit_revision_history.revision_date 
1 'Structure model' 1 0 2011-04-20 
2 'Structure model' 1 1 2011-07-13 
3 'Structure model' 1 2 2017-11-08 
4 'Structure model' 1 3 2024-11-20 
# 
_pdbx_audit_revision_details.ordinal             1 
_pdbx_audit_revision_details.revision_ordinal    1 
_pdbx_audit_revision_details.data_content_type   'Structure model' 
_pdbx_audit_revision_details.provider            repository 
_pdbx_audit_revision_details.type                'Initial release' 
_pdbx_audit_revision_details.description         ? 
_pdbx_audit_revision_details.details             ? 
# 
loop_
_pdbx_audit_revision_group.ordinal 
_pdbx_audit_revision_group.revision_ordinal 
_pdbx_audit_revision_group.data_content_type 
_pdbx_audit_revision_group.group 
1 2 'Structure model' 'Version format compliance' 
2 3 'Structure model' 'Refinement description'    
3 4 'Structure model' 'Data collection'           
4 4 'Structure model' 'Database references'       
5 4 'Structure model' 'Derived calculations'      
6 4 'Structure model' 'Structure summary'         
# 
loop_
_pdbx_audit_revision_category.ordinal 
_pdbx_audit_revision_category.revision_ordinal 
_pdbx_audit_revision_category.data_content_type 
_pdbx_audit_revision_category.category 
1 3 'Structure model' software                  
2 4 'Structure model' chem_comp_atom            
3 4 'Structure model' chem_comp_bond            
4 4 'Structure model' database_2                
5 4 'Structure model' pdbx_entry_details        
6 4 'Structure model' pdbx_modification_feature 
7 4 'Structure model' struct_conn               
8 4 'Structure model' struct_ref_seq_dif        
9 4 'Structure model' struct_site               
# 
loop_
_pdbx_audit_revision_item.ordinal 
_pdbx_audit_revision_item.revision_ordinal 
_pdbx_audit_revision_item.data_content_type 
_pdbx_audit_revision_item.item 
1 3 'Structure model' '_software.name'                      
2 4 'Structure model' '_database_2.pdbx_DOI'                
3 4 'Structure model' '_database_2.pdbx_database_accession' 
4 4 'Structure model' '_struct_conn.pdbx_leaving_atom_flag' 
5 4 'Structure model' '_struct_ref_seq_dif.details'         
6 4 'Structure model' '_struct_site.pdbx_auth_asym_id'      
7 4 'Structure model' '_struct_site.pdbx_auth_comp_id'      
8 4 'Structure model' '_struct_site.pdbx_auth_seq_id'       
# 
_pdbx_database_status.status_code                     REL 
_pdbx_database_status.entry_id                        3RCP 
_pdbx_database_status.recvd_initial_deposition_date   2011-03-31 
_pdbx_database_status.deposit_site                    RCSB 
_pdbx_database_status.process_site                    RCSB 
_pdbx_database_status.status_code_sf                  REL 
_pdbx_database_status.status_code_mr                  ? 
_pdbx_database_status.SG_entry                        ? 
_pdbx_database_status.status_code_cs                  ? 
_pdbx_database_status.pdb_format_compatible           Y 
_pdbx_database_status.methods_development_category    ? 
_pdbx_database_status.status_code_nmr_data            ? 
# 
_pdbx_database_related.db_name        PDB 
_pdbx_database_related.db_id          2KCJ 
_pdbx_database_related.details        'Solution structure' 
_pdbx_database_related.content_type   unspecified 
# 
loop_
_audit_author.name 
_audit_author.pdbx_ordinal 
'Roy, S.'           1 
'He, J.'            2 
'Kutateladze, T.G.' 3 
# 
_citation.id                        primary 
_citation.title                     
'Molecular Basis of Phosphatidylinositol 4-Phosphate and ARF1 GTPase Recognition by the FAPP1 Pleckstrin Homology (PH) Domain.' 
_citation.journal_abbrev            J.Biol.Chem. 
_citation.journal_volume            286 
_citation.page_first                18650 
_citation.page_last                 18657 
_citation.year                      2011 
_citation.journal_id_ASTM           JBCHA3 
_citation.country                   US 
_citation.journal_id_ISSN           0021-9258 
_citation.journal_id_CSD            0071 
_citation.book_publisher            ? 
_citation.pdbx_database_id_PubMed   21454700 
_citation.pdbx_database_id_DOI      10.1074/jbc.M111.233015 
# 
loop_
_citation_author.citation_id 
_citation_author.name 
_citation_author.ordinal 
_citation_author.identifier_ORCID 
primary 'He, J.'            1 ? 
primary 'Scott, J.L.'       2 ? 
primary 'Heroux, A.'        3 ? 
primary 'Roy, S.'           4 ? 
primary 'Lenoir, M.'        5 ? 
primary 'Overduin, M.'      6 ? 
primary 'Stahelin, R.V.'    7 ? 
primary 'Kutateladze, T.G.' 8 ? 
# 
loop_
_entity.id 
_entity.type 
_entity.src_method 
_entity.pdbx_description 
_entity.formula_weight 
_entity.pdbx_number_of_molecules 
_entity.pdbx_ec 
_entity.pdbx_mutation 
_entity.pdbx_fragment 
_entity.details 
1 polymer     man 'Pleckstrin homology domain-containing family A member 3' 11988.104 1  ? C94S 'Residues 1-99, PH domain' ? 
2 non-polymer syn GLYCEROL                                                  92.094    1  ? ?    ?                          ? 
3 water       nat water                                                     18.015    65 ? ?    ?                          ? 
# 
_entity_name_com.entity_id   1 
_entity_name_com.name        
;PH domain-containing family A member 3, Phosphatidylinositol-four-phosphate adapter protein 1, FAPP-1, Phosphoinositol 4-phosphate adapter protein 1
;
# 
_entity_poly.entity_id                      1 
_entity_poly.type                           'polypeptide(L)' 
_entity_poly.nstd_linkage                   no 
_entity_poly.nstd_monomer                   yes 
_entity_poly.pdbx_seq_one_letter_code       
;(MSE)EGVLYKWTNYLTGWQPRWFVLDNGILSYYDSQDDVCKGSKGSIK(MSE)AVCEIKVHSADNTR(MSE)ELIIPGE
QHFY(MSE)KAVNAAERQRWLVALGSSKASLTDTRLVPR
;
_entity_poly.pdbx_seq_one_letter_code_can   
;MEGVLYKWTNYLTGWQPRWFVLDNGILSYYDSQDDVCKGSKGSIKMAVCEIKVHSADNTRMELIIPGEQHFYMKAVNAAE
RQRWLVALGSSKASLTDTRLVPR
;
_entity_poly.pdbx_strand_id                 A 
_entity_poly.pdbx_target_identifier         ? 
# 
loop_
_pdbx_entity_nonpoly.entity_id 
_pdbx_entity_nonpoly.name 
_pdbx_entity_nonpoly.comp_id 
2 GLYCEROL GOL 
3 water    HOH 
# 
loop_
_entity_poly_seq.entity_id 
_entity_poly_seq.num 
_entity_poly_seq.mon_id 
_entity_poly_seq.hetero 
1 1   MSE n 
1 2   GLU n 
1 3   GLY n 
1 4   VAL n 
1 5   LEU n 
1 6   TYR n 
1 7   LYS n 
1 8   TRP n 
1 9   THR n 
1 10  ASN n 
1 11  TYR n 
1 12  LEU n 
1 13  THR n 
1 14  GLY n 
1 15  TRP n 
1 16  GLN n 
1 17  PRO n 
1 18  ARG n 
1 19  TRP n 
1 20  PHE n 
1 21  VAL n 
1 22  LEU n 
1 23  ASP n 
1 24  ASN n 
1 25  GLY n 
1 26  ILE n 
1 27  LEU n 
1 28  SER n 
1 29  TYR n 
1 30  TYR n 
1 31  ASP n 
1 32  SER n 
1 33  GLN n 
1 34  ASP n 
1 35  ASP n 
1 36  VAL n 
1 37  CYS n 
1 38  LYS n 
1 39  GLY n 
1 40  SER n 
1 41  LYS n 
1 42  GLY n 
1 43  SER n 
1 44  ILE n 
1 45  LYS n 
1 46  MSE n 
1 47  ALA n 
1 48  VAL n 
1 49  CYS n 
1 50  GLU n 
1 51  ILE n 
1 52  LYS n 
1 53  VAL n 
1 54  HIS n 
1 55  SER n 
1 56  ALA n 
1 57  ASP n 
1 58  ASN n 
1 59  THR n 
1 60  ARG n 
1 61  MSE n 
1 62  GLU n 
1 63  LEU n 
1 64  ILE n 
1 65  ILE n 
1 66  PRO n 
1 67  GLY n 
1 68  GLU n 
1 69  GLN n 
1 70  HIS n 
1 71  PHE n 
1 72  TYR n 
1 73  MSE n 
1 74  LYS n 
1 75  ALA n 
1 76  VAL n 
1 77  ASN n 
1 78  ALA n 
1 79  ALA n 
1 80  GLU n 
1 81  ARG n 
1 82  GLN n 
1 83  ARG n 
1 84  TRP n 
1 85  LEU n 
1 86  VAL n 
1 87  ALA n 
1 88  LEU n 
1 89  GLY n 
1 90  SER n 
1 91  SER n 
1 92  LYS n 
1 93  ALA n 
1 94  SER n 
1 95  LEU n 
1 96  THR n 
1 97  ASP n 
1 98  THR n 
1 99  ARG n 
1 100 LEU n 
1 101 VAL n 
1 102 PRO n 
1 103 ARG n 
# 
_entity_src_gen.entity_id                          1 
_entity_src_gen.pdbx_src_id                        1 
_entity_src_gen.pdbx_alt_source_flag               sample 
_entity_src_gen.pdbx_seq_type                      ? 
_entity_src_gen.pdbx_beg_seq_num                   ? 
_entity_src_gen.pdbx_end_seq_num                   ? 
_entity_src_gen.gene_src_common_name               human 
_entity_src_gen.gene_src_genus                     ? 
_entity_src_gen.pdbx_gene_src_gene                 'FAPP1, PLEKHA3' 
_entity_src_gen.gene_src_species                   ? 
_entity_src_gen.gene_src_strain                    ? 
_entity_src_gen.gene_src_tissue                    ? 
_entity_src_gen.gene_src_tissue_fraction           ? 
_entity_src_gen.gene_src_details                   ? 
_entity_src_gen.pdbx_gene_src_fragment             ? 
_entity_src_gen.pdbx_gene_src_scientific_name      'Homo sapiens' 
_entity_src_gen.pdbx_gene_src_ncbi_taxonomy_id     9606 
_entity_src_gen.pdbx_gene_src_variant              ? 
_entity_src_gen.pdbx_gene_src_cell_line            ? 
_entity_src_gen.pdbx_gene_src_atcc                 ? 
_entity_src_gen.pdbx_gene_src_organ                ? 
_entity_src_gen.pdbx_gene_src_organelle            ? 
_entity_src_gen.pdbx_gene_src_cell                 ? 
_entity_src_gen.pdbx_gene_src_cellular_location    ? 
_entity_src_gen.host_org_common_name               ? 
_entity_src_gen.pdbx_host_org_scientific_name      'Escherichia coli' 
_entity_src_gen.pdbx_host_org_ncbi_taxonomy_id     469008 
_entity_src_gen.host_org_genus                     ? 
_entity_src_gen.pdbx_host_org_gene                 ? 
_entity_src_gen.pdbx_host_org_organ                ? 
_entity_src_gen.host_org_species                   ? 
_entity_src_gen.pdbx_host_org_tissue               ? 
_entity_src_gen.pdbx_host_org_tissue_fraction      ? 
_entity_src_gen.pdbx_host_org_strain               'Rosetta (DE3) pLysS' 
_entity_src_gen.pdbx_host_org_variant              ? 
_entity_src_gen.pdbx_host_org_cell_line            ? 
_entity_src_gen.pdbx_host_org_atcc                 ? 
_entity_src_gen.pdbx_host_org_culture_collection   ? 
_entity_src_gen.pdbx_host_org_cell                 ? 
_entity_src_gen.pdbx_host_org_organelle            ? 
_entity_src_gen.pdbx_host_org_cellular_location    ? 
_entity_src_gen.pdbx_host_org_vector_type          Plasmid 
_entity_src_gen.pdbx_host_org_vector               ? 
_entity_src_gen.host_org_details                   ? 
_entity_src_gen.expression_system_id               ? 
_entity_src_gen.plasmid_name                       pET-28a 
_entity_src_gen.plasmid_details                    ? 
_entity_src_gen.pdbx_description                   ? 
# 
loop_
_chem_comp.id 
_chem_comp.type 
_chem_comp.mon_nstd_flag 
_chem_comp.name 
_chem_comp.pdbx_synonyms 
_chem_comp.formula 
_chem_comp.formula_weight 
ALA 'L-peptide linking' y ALANINE          ?                               'C3 H7 N O2'     89.093  
ARG 'L-peptide linking' y ARGININE         ?                               'C6 H15 N4 O2 1' 175.209 
ASN 'L-peptide linking' y ASPARAGINE       ?                               'C4 H8 N2 O3'    132.118 
ASP 'L-peptide linking' y 'ASPARTIC ACID'  ?                               'C4 H7 N O4'     133.103 
CYS 'L-peptide linking' y CYSTEINE         ?                               'C3 H7 N O2 S'   121.158 
GLN 'L-peptide linking' y GLUTAMINE        ?                               'C5 H10 N2 O3'   146.144 
GLU 'L-peptide linking' y 'GLUTAMIC ACID'  ?                               'C5 H9 N O4'     147.129 
GLY 'peptide linking'   y GLYCINE          ?                               'C2 H5 N O2'     75.067  
GOL non-polymer         . GLYCEROL         'GLYCERIN; PROPANE-1,2,3-TRIOL' 'C3 H8 O3'       92.094  
HIS 'L-peptide linking' y HISTIDINE        ?                               'C6 H10 N3 O2 1' 156.162 
HOH non-polymer         . WATER            ?                               'H2 O'           18.015  
ILE 'L-peptide linking' y ISOLEUCINE       ?                               'C6 H13 N O2'    131.173 
LEU 'L-peptide linking' y LEUCINE          ?                               'C6 H13 N O2'    131.173 
LYS 'L-peptide linking' y LYSINE           ?                               'C6 H15 N2 O2 1' 147.195 
MSE 'L-peptide linking' n SELENOMETHIONINE ?                               'C5 H11 N O2 Se' 196.106 
PHE 'L-peptide linking' y PHENYLALANINE    ?                               'C9 H11 N O2'    165.189 
PRO 'L-peptide linking' y PROLINE          ?                               'C5 H9 N O2'     115.130 
SER 'L-peptide linking' y SERINE           ?                               'C3 H7 N O3'     105.093 
THR 'L-peptide linking' y THREONINE        ?                               'C4 H9 N O3'     119.119 
TRP 'L-peptide linking' y TRYPTOPHAN       ?                               'C11 H12 N2 O2'  204.225 
TYR 'L-peptide linking' y TYROSINE         ?                               'C9 H11 N O3'    181.189 
VAL 'L-peptide linking' y VALINE           ?                               'C5 H11 N O2'    117.146 
# 
loop_
_pdbx_poly_seq_scheme.asym_id 
_pdbx_poly_seq_scheme.entity_id 
_pdbx_poly_seq_scheme.seq_id 
_pdbx_poly_seq_scheme.mon_id 
_pdbx_poly_seq_scheme.ndb_seq_num 
_pdbx_poly_seq_scheme.pdb_seq_num 
_pdbx_poly_seq_scheme.auth_seq_num 
_pdbx_poly_seq_scheme.pdb_mon_id 
_pdbx_poly_seq_scheme.auth_mon_id 
_pdbx_poly_seq_scheme.pdb_strand_id 
_pdbx_poly_seq_scheme.pdb_ins_code 
_pdbx_poly_seq_scheme.hetero 
A 1 1   MSE 1   1   1   MSE MSE A . n 
A 1 2   GLU 2   2   2   GLU GLU A . n 
A 1 3   GLY 3   3   3   GLY GLY A . n 
A 1 4   VAL 4   4   4   VAL VAL A . n 
A 1 5   LEU 5   5   5   LEU LEU A . n 
A 1 6   TYR 6   6   6   TYR TYR A . n 
A 1 7   LYS 7   7   7   LYS LYS A . n 
A 1 8   TRP 8   8   8   TRP TRP A . n 
A 1 9   THR 9   9   9   THR THR A . n 
A 1 10  ASN 10  10  10  ASN ASN A . n 
A 1 11  TYR 11  11  11  TYR TYR A . n 
A 1 12  LEU 12  12  12  LEU LEU A . n 
A 1 13  THR 13  13  13  THR THR A . n 
A 1 14  GLY 14  14  14  GLY GLY A . n 
A 1 15  TRP 15  15  15  TRP TRP A . n 
A 1 16  GLN 16  16  16  GLN GLN A . n 
A 1 17  PRO 17  17  17  PRO PRO A . n 
A 1 18  ARG 18  18  18  ARG ARG A . n 
A 1 19  TRP 19  19  19  TRP TRP A . n 
A 1 20  PHE 20  20  20  PHE PHE A . n 
A 1 21  VAL 21  21  21  VAL VAL A . n 
A 1 22  LEU 22  22  22  LEU LEU A . n 
A 1 23  ASP 23  23  23  ASP ASP A . n 
A 1 24  ASN 24  24  24  ASN ASN A . n 
A 1 25  GLY 25  25  25  GLY GLY A . n 
A 1 26  ILE 26  26  26  ILE ILE A . n 
A 1 27  LEU 27  27  27  LEU LEU A . n 
A 1 28  SER 28  28  28  SER SER A . n 
A 1 29  TYR 29  29  29  TYR TYR A . n 
A 1 30  TYR 30  30  30  TYR TYR A . n 
A 1 31  ASP 31  31  31  ASP ASP A . n 
A 1 32  SER 32  32  32  SER SER A . n 
A 1 33  GLN 33  33  33  GLN GLN A . n 
A 1 34  ASP 34  34  34  ASP ASP A . n 
A 1 35  ASP 35  35  ?   ?   ?   A . n 
A 1 36  VAL 36  36  ?   ?   ?   A . n 
A 1 37  CYS 37  37  ?   ?   ?   A . n 
A 1 38  LYS 38  38  38  LYS LYS A . n 
A 1 39  GLY 39  39  39  GLY GLY A . n 
A 1 40  SER 40  40  40  SER SER A . n 
A 1 41  LYS 41  41  41  LYS LYS A . n 
A 1 42  GLY 42  42  42  GLY GLY A . n 
A 1 43  SER 43  43  43  SER SER A . n 
A 1 44  ILE 44  44  44  ILE ILE A . n 
A 1 45  LYS 45  45  45  LYS LYS A . n 
A 1 46  MSE 46  46  46  MSE MSE A . n 
A 1 47  ALA 47  47  47  ALA ALA A . n 
A 1 48  VAL 48  48  48  VAL VAL A . n 
A 1 49  CYS 49  49  49  CYS CYS A . n 
A 1 50  GLU 50  50  50  GLU GLU A . n 
A 1 51  ILE 51  51  51  ILE ILE A . n 
A 1 52  LYS 52  52  52  LYS LYS A . n 
A 1 53  VAL 53  53  53  VAL VAL A . n 
A 1 54  HIS 54  54  54  HIS HIS A . n 
A 1 55  SER 55  55  55  SER SER A . n 
A 1 56  ALA 56  56  56  ALA ALA A . n 
A 1 57  ASP 57  57  57  ASP ASP A . n 
A 1 58  ASN 58  58  58  ASN ASN A . n 
A 1 59  THR 59  59  59  THR THR A . n 
A 1 60  ARG 60  60  60  ARG ARG A . n 
A 1 61  MSE 61  61  61  MSE MSE A . n 
A 1 62  GLU 62  62  62  GLU GLU A . n 
A 1 63  LEU 63  63  63  LEU LEU A . n 
A 1 64  ILE 64  64  64  ILE ILE A . n 
A 1 65  ILE 65  65  65  ILE ILE A . n 
A 1 66  PRO 66  66  66  PRO PRO A . n 
A 1 67  GLY 67  67  67  GLY GLY A . n 
A 1 68  GLU 68  68  68  GLU GLU A . n 
A 1 69  GLN 69  69  69  GLN GLN A . n 
A 1 70  HIS 70  70  70  HIS HIS A . n 
A 1 71  PHE 71  71  71  PHE PHE A . n 
A 1 72  TYR 72  72  72  TYR TYR A . n 
A 1 73  MSE 73  73  73  MSE MSE A . n 
A 1 74  LYS 74  74  74  LYS LYS A . n 
A 1 75  ALA 75  75  75  ALA ALA A . n 
A 1 76  VAL 76  76  76  VAL VAL A . n 
A 1 77  ASN 77  77  77  ASN ASN A . n 
A 1 78  ALA 78  78  78  ALA ALA A . n 
A 1 79  ALA 79  79  79  ALA ALA A . n 
A 1 80  GLU 80  80  80  GLU GLU A . n 
A 1 81  ARG 81  81  81  ARG ARG A . n 
A 1 82  GLN 82  82  82  GLN GLN A . n 
A 1 83  ARG 83  83  83  ARG ARG A . n 
A 1 84  TRP 84  84  84  TRP TRP A . n 
A 1 85  LEU 85  85  85  LEU LEU A . n 
A 1 86  VAL 86  86  86  VAL VAL A . n 
A 1 87  ALA 87  87  87  ALA ALA A . n 
A 1 88  LEU 88  88  88  LEU LEU A . n 
A 1 89  GLY 89  89  89  GLY GLY A . n 
A 1 90  SER 90  90  90  SER SER A . n 
A 1 91  SER 91  91  91  SER SER A . n 
A 1 92  LYS 92  92  92  LYS LYS A . n 
A 1 93  ALA 93  93  93  ALA ALA A . n 
A 1 94  SER 94  94  94  SER SER A . n 
A 1 95  LEU 95  95  95  LEU LEU A . n 
A 1 96  THR 96  96  96  THR THR A . n 
A 1 97  ASP 97  97  97  ASP ASP A . n 
A 1 98  THR 98  98  98  THR THR A . n 
A 1 99  ARG 99  99  99  ARG ARG A . n 
A 1 100 LEU 100 100 100 LEU LEU A . n 
A 1 101 VAL 101 101 101 VAL VAL A . n 
A 1 102 PRO 102 102 102 PRO PRO A . n 
A 1 103 ARG 103 103 103 ARG ARG A . n 
# 
loop_
_pdbx_nonpoly_scheme.asym_id 
_pdbx_nonpoly_scheme.entity_id 
_pdbx_nonpoly_scheme.mon_id 
_pdbx_nonpoly_scheme.ndb_seq_num 
_pdbx_nonpoly_scheme.pdb_seq_num 
_pdbx_nonpoly_scheme.auth_seq_num 
_pdbx_nonpoly_scheme.pdb_mon_id 
_pdbx_nonpoly_scheme.auth_mon_id 
_pdbx_nonpoly_scheme.pdb_strand_id 
_pdbx_nonpoly_scheme.pdb_ins_code 
B 2 GOL 1  104 1  GOL GOL A . 
C 3 HOH 1  105 1  HOH HOH A . 
C 3 HOH 2  106 2  HOH HOH A . 
C 3 HOH 3  107 3  HOH HOH A . 
C 3 HOH 4  108 4  HOH HOH A . 
C 3 HOH 5  109 5  HOH HOH A . 
C 3 HOH 6  110 6  HOH HOH A . 
C 3 HOH 7  111 7  HOH HOH A . 
C 3 HOH 8  112 8  HOH HOH A . 
C 3 HOH 9  113 9  HOH HOH A . 
C 3 HOH 10 114 10 HOH HOH A . 
C 3 HOH 11 115 11 HOH HOH A . 
C 3 HOH 12 116 12 HOH HOH A . 
C 3 HOH 13 117 13 HOH HOH A . 
C 3 HOH 14 118 14 HOH HOH A . 
C 3 HOH 15 119 15 HOH HOH A . 
C 3 HOH 16 120 16 HOH HOH A . 
C 3 HOH 17 121 17 HOH HOH A . 
C 3 HOH 18 122 18 HOH HOH A . 
C 3 HOH 19 123 19 HOH HOH A . 
C 3 HOH 20 124 20 HOH HOH A . 
C 3 HOH 21 125 21 HOH HOH A . 
C 3 HOH 22 126 22 HOH HOH A . 
C 3 HOH 23 127 23 HOH HOH A . 
C 3 HOH 24 128 24 HOH HOH A . 
C 3 HOH 25 129 25 HOH HOH A . 
C 3 HOH 26 130 26 HOH HOH A . 
C 3 HOH 27 131 27 HOH HOH A . 
C 3 HOH 28 132 28 HOH HOH A . 
C 3 HOH 29 133 29 HOH HOH A . 
C 3 HOH 30 134 30 HOH HOH A . 
C 3 HOH 31 135 31 HOH HOH A . 
C 3 HOH 32 136 32 HOH HOH A . 
C 3 HOH 33 137 33 HOH HOH A . 
C 3 HOH 34 138 34 HOH HOH A . 
C 3 HOH 35 139 35 HOH HOH A . 
C 3 HOH 36 140 36 HOH HOH A . 
C 3 HOH 37 141 37 HOH HOH A . 
C 3 HOH 38 142 38 HOH HOH A . 
C 3 HOH 39 143 39 HOH HOH A . 
C 3 HOH 40 144 40 HOH HOH A . 
C 3 HOH 41 145 41 HOH HOH A . 
C 3 HOH 42 146 42 HOH HOH A . 
C 3 HOH 43 147 43 HOH HOH A . 
C 3 HOH 44 148 44 HOH HOH A . 
C 3 HOH 45 149 45 HOH HOH A . 
C 3 HOH 46 150 46 HOH HOH A . 
C 3 HOH 47 151 47 HOH HOH A . 
C 3 HOH 48 152 48 HOH HOH A . 
C 3 HOH 49 153 49 HOH HOH A . 
C 3 HOH 50 154 50 HOH HOH A . 
C 3 HOH 51 155 51 HOH HOH A . 
C 3 HOH 52 156 52 HOH HOH A . 
C 3 HOH 53 157 53 HOH HOH A . 
C 3 HOH 54 158 54 HOH HOH A . 
C 3 HOH 55 159 55 HOH HOH A . 
C 3 HOH 56 160 56 HOH HOH A . 
C 3 HOH 57 161 57 HOH HOH A . 
C 3 HOH 58 162 58 HOH HOH A . 
C 3 HOH 59 163 59 HOH HOH A . 
C 3 HOH 60 164 60 HOH HOH A . 
C 3 HOH 61 165 61 HOH HOH A . 
C 3 HOH 62 166 62 HOH HOH A . 
C 3 HOH 63 167 63 HOH HOH A . 
C 3 HOH 64 168 64 HOH HOH A . 
C 3 HOH 65 169 65 HOH HOH A . 
# 
loop_
_software.name 
_software.classification 
_software.version 
_software.citation_id 
_software.pdbx_ordinal 
CrystalClear 'data collection' .                            ? 1 
HKL2Map      'model building'  .                            ? 2 
PHENIX       refinement        '(phenix.refine: 1.6.1_357)' ? 3 
d*TREK       'data reduction'  .                            ? 4 
d*TREK       'data scaling'    .                            ? 5 
HKL2Map      phasing           .                            ? 6 
# 
_cell.entry_id           3RCP 
_cell.length_a           31.025 
_cell.length_b           31.025 
_cell.length_c           216.690 
_cell.angle_alpha        90.00 
_cell.angle_beta         90.00 
_cell.angle_gamma        90.00 
_cell.Z_PDB              8 
_cell.pdbx_unique_axis   ? 
_cell.length_a_esd       ? 
_cell.length_b_esd       ? 
_cell.length_c_esd       ? 
_cell.angle_alpha_esd    ? 
_cell.angle_beta_esd     ? 
_cell.angle_gamma_esd    ? 
# 
_symmetry.entry_id                         3RCP 
_symmetry.space_group_name_H-M             'P 41 21 2' 
_symmetry.pdbx_full_space_group_name_H-M   ? 
_symmetry.cell_setting                     ? 
_symmetry.Int_Tables_number                92 
_symmetry.space_group_name_Hall            ? 
# 
_exptl.entry_id          3RCP 
_exptl.method            'X-RAY DIFFRACTION' 
_exptl.crystals_number   1 
# 
_exptl_crystal.id                    1 
_exptl_crystal.density_meas          ? 
_exptl_crystal.density_Matthews      2.17 
_exptl_crystal.density_percent_sol   43.44 
_exptl_crystal.description           ? 
_exptl_crystal.F_000                 ? 
_exptl_crystal.preparation           ? 
# 
_exptl_crystal_grow.crystal_id      1 
_exptl_crystal_grow.method          'VAPOR DIFFUSION, HANGING DROP' 
_exptl_crystal_grow.temp            291 
_exptl_crystal_grow.temp_details    ? 
_exptl_crystal_grow.pH              4.6 
_exptl_crystal_grow.pdbx_details    
;precipitant solution containing 0.1 M NaAc, pH 4.6, 50mM (NH4)2SO4 and 15% PEG1000., VAPOR DIFFUSION, HANGING DROP, temperature 291K
;
_exptl_crystal_grow.pdbx_pH_range   ? 
# 
_diffrn.id                     1 
_diffrn.ambient_temp           100.0 
_diffrn.ambient_temp_details   ? 
_diffrn.crystal_id             1 
# 
_diffrn_detector.diffrn_id              1 
_diffrn_detector.detector               CCD 
_diffrn_detector.type                   'ADSC QUANTUM 210' 
_diffrn_detector.pdbx_collection_date   2010-03-05 
_diffrn_detector.details                mirrors 
# 
_diffrn_radiation.diffrn_id                        1 
_diffrn_radiation.wavelength_id                    1 
_diffrn_radiation.pdbx_monochromatic_or_laue_m_l   M 
_diffrn_radiation.monochromator                    'SI(111) MONOCHROMATOR' 
_diffrn_radiation.pdbx_diffrn_protocol             'SINGLE WAVELENGTH' 
_diffrn_radiation.pdbx_scattering_type             x-ray 
# 
_diffrn_radiation_wavelength.id           1 
_diffrn_radiation_wavelength.wavelength   1.0 
_diffrn_radiation_wavelength.wt           1.0 
# 
_diffrn_source.diffrn_id                   1 
_diffrn_source.source                      SYNCHROTRON 
_diffrn_source.type                        'NSLS BEAMLINE X12C' 
_diffrn_source.pdbx_synchrotron_site       NSLS 
_diffrn_source.pdbx_synchrotron_beamline   X12C 
_diffrn_source.pdbx_wavelength             ? 
_diffrn_source.pdbx_wavelength_list        1.0 
# 
_reflns.entry_id                     3RCP 
_reflns.observed_criterion_sigma_I   ? 
_reflns.observed_criterion_sigma_F   0.0 
_reflns.d_resolution_low             30.7118 
_reflns.d_resolution_high            1.90 
_reflns.number_obs                   15364 
_reflns.number_all                   15767 
_reflns.percent_possible_obs         96.42 
_reflns.pdbx_Rmerge_I_obs            ? 
_reflns.pdbx_Rsym_value              ? 
_reflns.pdbx_netI_over_sigmaI        ? 
_reflns.B_iso_Wilson_estimate        35.2 
_reflns.pdbx_redundancy              ? 
_reflns.R_free_details               ? 
_reflns.limit_h_max                  ? 
_reflns.limit_h_min                  ? 
_reflns.limit_k_max                  ? 
_reflns.limit_k_min                  ? 
_reflns.limit_l_max                  ? 
_reflns.limit_l_min                  ? 
_reflns.observed_criterion_F_max     ? 
_reflns.observed_criterion_F_min     ? 
_reflns.pdbx_chi_squared             ? 
_reflns.pdbx_scaling_rejects         ? 
_reflns.pdbx_ordinal                 1 
_reflns.pdbx_diffrn_id               1 
# 
_reflns_shell.d_res_high             1.90 
_reflns_shell.d_res_low              1.93 
_reflns_shell.percent_possible_all   98.1 
_reflns_shell.Rmerge_I_obs           0.517 
_reflns_shell.pdbx_Rsym_value        ? 
_reflns_shell.meanI_over_sigI_obs    6.7 
_reflns_shell.pdbx_redundancy        9.7 
_reflns_shell.percent_possible_obs   ? 
_reflns_shell.number_unique_all      455 
_reflns_shell.number_measured_all    ? 
_reflns_shell.number_measured_obs    ? 
_reflns_shell.number_unique_obs      ? 
_reflns_shell.pdbx_chi_squared       ? 
_reflns_shell.pdbx_ordinal           1 
_reflns_shell.pdbx_diffrn_id         1 
# 
_refine.entry_id                                 3RCP 
_refine.ls_number_reflns_obs                     15364 
_refine.ls_number_reflns_all                     15767 
_refine.pdbx_ls_sigma_I                          ? 
_refine.pdbx_ls_sigma_F                          0.0 
_refine.pdbx_data_cutoff_high_absF               ? 
_refine.pdbx_data_cutoff_low_absF                ? 
_refine.pdbx_data_cutoff_high_rms_absF           ? 
_refine.ls_d_res_low                             29.826 
_refine.ls_d_res_high                            1.900 
_refine.ls_percent_reflns_obs                    96.43 
_refine.ls_R_factor_obs                          0.2328 
_refine.ls_R_factor_all                          0.2650 
_refine.ls_R_factor_R_work                       0.2302 
_refine.ls_R_factor_R_free                       0.2553 
_refine.ls_R_factor_R_free_error                 ? 
_refine.ls_R_factor_R_free_error_details         ? 
_refine.ls_percent_reflns_R_free                 9.85 
_refine.ls_number_reflns_R_free                  1513 
_refine.ls_number_parameters                     ? 
_refine.ls_number_restraints                     ? 
_refine.occupancy_min                            ? 
_refine.occupancy_max                            ? 
_refine.correlation_coeff_Fo_to_Fc               ? 
_refine.correlation_coeff_Fo_to_Fc_free          ? 
_refine.B_iso_mean                               ? 
_refine.aniso_B[1][1]                            -4.1745 
_refine.aniso_B[2][2]                            -4.1745 
_refine.aniso_B[3][3]                            8.3490 
_refine.aniso_B[1][2]                            -0.0000 
_refine.aniso_B[1][3]                            0.0000 
_refine.aniso_B[2][3]                            -0.0000 
_refine.solvent_model_details                    'FLAT BULK SOLVENT MODEL' 
_refine.solvent_model_param_ksol                 0.421 
_refine.solvent_model_param_bsol                 60.281 
_refine.pdbx_solvent_vdw_probe_radii             1.11 
_refine.pdbx_solvent_ion_probe_radii             ? 
_refine.pdbx_solvent_shrinkage_radii             0.90 
_refine.pdbx_ls_cross_valid_method               ? 
_refine.details                                  ? 
_refine.pdbx_starting_model                      ? 
_refine.pdbx_method_to_determine_struct          SAD 
_refine.pdbx_isotropic_thermal_model             ? 
_refine.pdbx_stereochemistry_target_values       ML 
_refine.pdbx_stereochem_target_val_spec_case     ? 
_refine.pdbx_R_Free_selection_details            Random 
_refine.pdbx_overall_ESU_R_Free                  ? 
_refine.overall_SU_ML                            0.24 
_refine.overall_SU_B                             ? 
_refine.overall_SU_R_Cruickshank_DPI             ? 
_refine.ls_redundancy_reflns_obs                 ? 
_refine.B_iso_min                                ? 
_refine.B_iso_max                                ? 
_refine.overall_SU_R_free                        ? 
_refine.ls_wR_factor_R_free                      ? 
_refine.ls_wR_factor_R_work                      ? 
_refine.overall_FOM_free_R_set                   ? 
_refine.overall_FOM_work_R_set                   ? 
_refine.pdbx_overall_phase_error                 ? 
_refine.pdbx_refine_id                           'X-RAY DIFFRACTION' 
_refine.pdbx_overall_ESU_R                       ? 
_refine.pdbx_diffrn_id                           1 
_refine.pdbx_TLS_residual_ADP_flag               ? 
_refine.pdbx_overall_SU_R_free_Cruickshank_DPI   ? 
_refine.pdbx_overall_SU_R_Blow_DPI               ? 
_refine.pdbx_overall_SU_R_free_Blow_DPI          ? 
# 
_refine_hist.pdbx_refine_id                   'X-RAY DIFFRACTION' 
_refine_hist.cycle_id                         LAST 
_refine_hist.pdbx_number_atoms_protein        806 
_refine_hist.pdbx_number_atoms_nucleic_acid   0 
_refine_hist.pdbx_number_atoms_ligand         6 
_refine_hist.number_atoms_solvent             65 
_refine_hist.number_atoms_total               877 
_refine_hist.d_res_high                       1.900 
_refine_hist.d_res_low                        29.826 
# 
loop_
_refine_ls_restr.type 
_refine_ls_restr.dev_ideal 
_refine_ls_restr.dev_ideal_target 
_refine_ls_restr.weight 
_refine_ls_restr.number 
_refine_ls_restr.pdbx_restraint_function 
_refine_ls_restr.pdbx_refine_id 
f_bond_d           0.017  ? ? 829  ? 'X-RAY DIFFRACTION' 
f_angle_d          1.573  ? ? 1117 ? 'X-RAY DIFFRACTION' 
f_dihedral_angle_d 17.890 ? ? 304  ? 'X-RAY DIFFRACTION' 
f_chiral_restr     0.113  ? ? 119  ? 'X-RAY DIFFRACTION' 
f_plane_restr      0.010  ? ? 138  ? 'X-RAY DIFFRACTION' 
# 
loop_
_refine_ls_shell.pdbx_total_number_of_bins_used 
_refine_ls_shell.d_res_high 
_refine_ls_shell.d_res_low 
_refine_ls_shell.number_reflns_R_work 
_refine_ls_shell.R_factor_R_work 
_refine_ls_shell.percent_reflns_obs 
_refine_ls_shell.R_factor_R_free 
_refine_ls_shell.R_factor_R_free_error 
_refine_ls_shell.percent_reflns_R_free 
_refine_ls_shell.number_reflns_R_free 
_refine_ls_shell.number_reflns_all 
_refine_ls_shell.R_factor_all 
_refine_ls_shell.number_reflns_obs 
_refine_ls_shell.redundancy_reflns_obs 
_refine_ls_shell.pdbx_refine_id 
. 1.9003 1.9617  1207 0.2726 92.00  0.3040 . . 135 . . . . 'X-RAY DIFFRACTION' 
. 1.9617 2.0318  1188 0.2623 91.00  0.2646 . . 134 . . . . 'X-RAY DIFFRACTION' 
. 2.0318 2.1131  1210 0.2481 94.00  0.3073 . . 137 . . . . 'X-RAY DIFFRACTION' 
. 2.1131 2.2092  1276 0.2310 95.00  0.2373 . . 137 . . . . 'X-RAY DIFFRACTION' 
. 2.2092 2.3257  1239 0.2319 96.00  0.2831 . . 130 . . . . 'X-RAY DIFFRACTION' 
. 2.3257 2.4713  1264 0.2484 98.00  0.3360 . . 139 . . . . 'X-RAY DIFFRACTION' 
. 2.4713 2.6620  1297 0.2461 98.00  0.2829 . . 130 . . . . 'X-RAY DIFFRACTION' 
. 2.6620 2.9297  1280 0.2310 98.00  0.2545 . . 137 . . . . 'X-RAY DIFFRACTION' 
. 2.9297 3.3531  1298 0.2147 99.00  0.2224 . . 146 . . . . 'X-RAY DIFFRACTION' 
. 3.3531 4.2227  1290 0.2004 100.00 0.2177 . . 143 . . . . 'X-RAY DIFFRACTION' 
. 4.2227 29.8299 1302 0.2323 99.00  0.2515 . . 145 . . . . 'X-RAY DIFFRACTION' 
# 
_struct.entry_id                  3RCP 
_struct.title                     'Crystal structure of the FAPP1 pleckstrin homology domain' 
_struct.pdbx_model_details        ? 
_struct.pdbx_CASP_flag            ? 
_struct.pdbx_model_type_details   ? 
# 
_struct_keywords.entry_id        3RCP 
_struct_keywords.pdbx_keywords   'MEMBRANE PROTEIN' 
_struct_keywords.text            
;FAPP1, PH domain, Lipid-binding, Membrane, MEMBRANE PROTEIN, seven-stranded-barrel capped by an helix at one edge, phospholipid Binding
;
# 
loop_
_struct_asym.id 
_struct_asym.pdbx_blank_PDB_chainid_flag 
_struct_asym.pdbx_modified 
_struct_asym.entity_id 
_struct_asym.details 
A N N 1 ? 
B N N 2 ? 
C N N 3 ? 
# 
_struct_ref.id                         1 
_struct_ref.db_name                    UNP 
_struct_ref.db_code                    PKHA3_HUMAN 
_struct_ref.pdbx_db_accession          Q9HB20 
_struct_ref.entity_id                  1 
_struct_ref.pdbx_seq_one_letter_code   
;MEGVLYKWTNYLTGWQPRWFVLDNGILSYYDSQDDVCKGSKGSIKMAVCEIKVHSADNTRMELIIPGEQHFYMKAVNAAE
RQRWLVALGSSKACLTDTR
;
_struct_ref.pdbx_align_begin           1 
_struct_ref.pdbx_db_isoform            ? 
# 
_struct_ref_seq.align_id                      1 
_struct_ref_seq.ref_id                        1 
_struct_ref_seq.pdbx_PDB_id_code              3RCP 
_struct_ref_seq.pdbx_strand_id                A 
_struct_ref_seq.seq_align_beg                 1 
_struct_ref_seq.pdbx_seq_align_beg_ins_code   ? 
_struct_ref_seq.seq_align_end                 99 
_struct_ref_seq.pdbx_seq_align_end_ins_code   ? 
_struct_ref_seq.pdbx_db_accession             Q9HB20 
_struct_ref_seq.db_align_beg                  1 
_struct_ref_seq.pdbx_db_align_beg_ins_code    ? 
_struct_ref_seq.db_align_end                  99 
_struct_ref_seq.pdbx_db_align_end_ins_code    ? 
_struct_ref_seq.pdbx_auth_seq_align_beg       1 
_struct_ref_seq.pdbx_auth_seq_align_end       99 
# 
loop_
_struct_ref_seq_dif.align_id 
_struct_ref_seq_dif.pdbx_pdb_id_code 
_struct_ref_seq_dif.mon_id 
_struct_ref_seq_dif.pdbx_pdb_strand_id 
_struct_ref_seq_dif.seq_num 
_struct_ref_seq_dif.pdbx_pdb_ins_code 
_struct_ref_seq_dif.pdbx_seq_db_name 
_struct_ref_seq_dif.pdbx_seq_db_accession_code 
_struct_ref_seq_dif.db_mon_id 
_struct_ref_seq_dif.pdbx_seq_db_seq_num 
_struct_ref_seq_dif.details 
_struct_ref_seq_dif.pdbx_auth_seq_num 
_struct_ref_seq_dif.pdbx_ordinal 
1 3RCP SER A 94  ? UNP Q9HB20 CYS 94 'engineered mutation' 94  1 
1 3RCP LEU A 100 ? UNP Q9HB20 ?   ?  'expression tag'      100 2 
1 3RCP VAL A 101 ? UNP Q9HB20 ?   ?  'expression tag'      101 3 
1 3RCP PRO A 102 ? UNP Q9HB20 ?   ?  'expression tag'      102 4 
1 3RCP ARG A 103 ? UNP Q9HB20 ?   ?  'expression tag'      103 5 
# 
loop_
_pdbx_struct_assembly.id 
_pdbx_struct_assembly.details 
_pdbx_struct_assembly.method_details 
_pdbx_struct_assembly.oligomeric_details 
_pdbx_struct_assembly.oligomeric_count 
1 author_defined_assembly   ?    monomeric 1 
2 software_defined_assembly PISA dimeric   2 
# 
loop_
_pdbx_struct_assembly_prop.biol_id 
_pdbx_struct_assembly_prop.type 
_pdbx_struct_assembly_prop.value 
_pdbx_struct_assembly_prop.details 
2 'ABSA (A^2)' 3090  ? 
2 MORE         -9    ? 
2 'SSA (A^2)'  11980 ? 
# 
loop_
_pdbx_struct_assembly_gen.assembly_id 
_pdbx_struct_assembly_gen.oper_expression 
_pdbx_struct_assembly_gen.asym_id_list 
1 1   A,B,C 
2 1,2 A,B,C 
# 
loop_
_pdbx_struct_oper_list.id 
_pdbx_struct_oper_list.type 
_pdbx_struct_oper_list.name 
_pdbx_struct_oper_list.symmetry_operation 
_pdbx_struct_oper_list.matrix[1][1] 
_pdbx_struct_oper_list.matrix[1][2] 
_pdbx_struct_oper_list.matrix[1][3] 
_pdbx_struct_oper_list.vector[1] 
_pdbx_struct_oper_list.matrix[2][1] 
_pdbx_struct_oper_list.matrix[2][2] 
_pdbx_struct_oper_list.matrix[2][3] 
_pdbx_struct_oper_list.vector[2] 
_pdbx_struct_oper_list.matrix[3][1] 
_pdbx_struct_oper_list.matrix[3][2] 
_pdbx_struct_oper_list.matrix[3][3] 
_pdbx_struct_oper_list.vector[3] 
1 'identity operation'         1_555 x,y,z  1.0000000000  0.0000000000 0.0000000000 0.0000000000  0.0000000000 1.0000000000  0.0000000000 0.0000000000   0.0000000000 0.0000000000 1.0000000000  0.0000000000   
2 'crystal symmetry operation' 7_555 y,x,-z -0.2650788066 0.8332881687 0.4851433337 25.8368886163 0.8332881687 -0.0551787344 0.5500782991 -14.5446774112 0.4851433337 0.5500782991 -0.6797424590 -14.1569901823 
# 
_struct_biol.id        1 
_struct_biol.details   ? 
# 
loop_
_struct_conf.conf_type_id 
_struct_conf.id 
_struct_conf.pdbx_PDB_helix_id 
_struct_conf.beg_label_comp_id 
_struct_conf.beg_label_asym_id 
_struct_conf.beg_label_seq_id 
_struct_conf.pdbx_beg_PDB_ins_code 
_struct_conf.end_label_comp_id 
_struct_conf.end_label_asym_id 
_struct_conf.end_label_seq_id 
_struct_conf.pdbx_end_PDB_ins_code 
_struct_conf.beg_auth_comp_id 
_struct_conf.beg_auth_asym_id 
_struct_conf.beg_auth_seq_id 
_struct_conf.end_auth_comp_id 
_struct_conf.end_auth_asym_id 
_struct_conf.end_auth_seq_id 
_struct_conf.pdbx_PDB_helix_class 
_struct_conf.details 
_struct_conf.pdbx_PDB_helix_length 
HELX_P HELX_P1 1 ALA A 47 ? CYS A 49 ? ALA A 47 CYS A 49 5 ? 3  
HELX_P HELX_P2 2 ASN A 77 ? SER A 90 ? ASN A 77 SER A 90 1 ? 14 
# 
_struct_conf_type.id          HELX_P 
_struct_conf_type.criteria    ? 
_struct_conf_type.reference   ? 
# 
loop_
_struct_conn.id 
_struct_conn.conn_type_id 
_struct_conn.pdbx_leaving_atom_flag 
_struct_conn.pdbx_PDB_id 
_struct_conn.ptnr1_label_asym_id 
_struct_conn.ptnr1_label_comp_id 
_struct_conn.ptnr1_label_seq_id 
_struct_conn.ptnr1_label_atom_id 
_struct_conn.pdbx_ptnr1_label_alt_id 
_struct_conn.pdbx_ptnr1_PDB_ins_code 
_struct_conn.pdbx_ptnr1_standard_comp_id 
_struct_conn.ptnr1_symmetry 
_struct_conn.ptnr2_label_asym_id 
_struct_conn.ptnr2_label_comp_id 
_struct_conn.ptnr2_label_seq_id 
_struct_conn.ptnr2_label_atom_id 
_struct_conn.pdbx_ptnr2_label_alt_id 
_struct_conn.pdbx_ptnr2_PDB_ins_code 
_struct_conn.ptnr1_auth_asym_id 
_struct_conn.ptnr1_auth_comp_id 
_struct_conn.ptnr1_auth_seq_id 
_struct_conn.ptnr2_auth_asym_id 
_struct_conn.ptnr2_auth_comp_id 
_struct_conn.ptnr2_auth_seq_id 
_struct_conn.ptnr2_symmetry 
_struct_conn.pdbx_ptnr3_label_atom_id 
_struct_conn.pdbx_ptnr3_label_seq_id 
_struct_conn.pdbx_ptnr3_label_comp_id 
_struct_conn.pdbx_ptnr3_label_asym_id 
_struct_conn.pdbx_ptnr3_label_alt_id 
_struct_conn.pdbx_ptnr3_PDB_ins_code 
_struct_conn.details 
_struct_conn.pdbx_dist_value 
_struct_conn.pdbx_value_order 
_struct_conn.pdbx_role 
covale1 covale both ? A MSE 1  C ? ? ? 1_555 A GLU 2  N ? ? A MSE 1  A GLU 2  1_555 ? ? ? ? ? ? ? 1.323 ? ? 
covale2 covale both ? A LYS 45 C ? ? ? 1_555 A MSE 46 N ? ? A LYS 45 A MSE 46 1_555 ? ? ? ? ? ? ? 1.322 ? ? 
covale3 covale both ? A MSE 46 C ? ? ? 1_555 A ALA 47 N ? ? A MSE 46 A ALA 47 1_555 ? ? ? ? ? ? ? 1.325 ? ? 
covale4 covale both ? A ARG 60 C ? ? ? 1_555 A MSE 61 N ? ? A ARG 60 A MSE 61 1_555 ? ? ? ? ? ? ? 1.323 ? ? 
covale5 covale both ? A MSE 61 C ? ? ? 1_555 A GLU 62 N ? ? A MSE 61 A GLU 62 1_555 ? ? ? ? ? ? ? 1.324 ? ? 
covale6 covale both ? A TYR 72 C ? ? ? 1_555 A MSE 73 N ? ? A TYR 72 A MSE 73 1_555 ? ? ? ? ? ? ? 1.324 ? ? 
covale7 covale both ? A MSE 73 C ? ? ? 1_555 A LYS 74 N ? ? A MSE 73 A LYS 74 1_555 ? ? ? ? ? ? ? 1.320 ? ? 
# 
_struct_conn_type.id          covale 
_struct_conn_type.criteria    ? 
_struct_conn_type.reference   ? 
# 
loop_
_pdbx_modification_feature.ordinal 
_pdbx_modification_feature.label_comp_id 
_pdbx_modification_feature.label_asym_id 
_pdbx_modification_feature.label_seq_id 
_pdbx_modification_feature.label_alt_id 
_pdbx_modification_feature.modified_residue_label_comp_id 
_pdbx_modification_feature.modified_residue_label_asym_id 
_pdbx_modification_feature.modified_residue_label_seq_id 
_pdbx_modification_feature.modified_residue_label_alt_id 
_pdbx_modification_feature.auth_comp_id 
_pdbx_modification_feature.auth_asym_id 
_pdbx_modification_feature.auth_seq_id 
_pdbx_modification_feature.PDB_ins_code 
_pdbx_modification_feature.symmetry 
_pdbx_modification_feature.modified_residue_auth_comp_id 
_pdbx_modification_feature.modified_residue_auth_asym_id 
_pdbx_modification_feature.modified_residue_auth_seq_id 
_pdbx_modification_feature.modified_residue_PDB_ins_code 
_pdbx_modification_feature.modified_residue_symmetry 
_pdbx_modification_feature.comp_id_linking_atom 
_pdbx_modification_feature.modified_residue_id_linking_atom 
_pdbx_modification_feature.modified_residue_id 
_pdbx_modification_feature.ref_pcm_id 
_pdbx_modification_feature.ref_comp_id 
_pdbx_modification_feature.type 
_pdbx_modification_feature.category 
1 MSE A 1  ? . . . . MSE A 1  ? 1_555 . . . . . . . MET 1 MSE Selenomethionine 'Named protein modification' 
2 MSE A 46 ? . . . . MSE A 46 ? 1_555 . . . . . . . MET 1 MSE Selenomethionine 'Named protein modification' 
3 MSE A 61 ? . . . . MSE A 61 ? 1_555 . . . . . . . MET 1 MSE Selenomethionine 'Named protein modification' 
4 MSE A 73 ? . . . . MSE A 73 ? 1_555 . . . . . . . MET 1 MSE Selenomethionine 'Named protein modification' 
# 
_struct_sheet.id               A 
_struct_sheet.type             ? 
_struct_sheet.number_strands   7 
_struct_sheet.details          ? 
# 
loop_
_struct_sheet_order.sheet_id 
_struct_sheet_order.range_id_1 
_struct_sheet_order.range_id_2 
_struct_sheet_order.offset 
_struct_sheet_order.sense 
A 1 2 ? anti-parallel 
A 2 3 ? anti-parallel 
A 3 4 ? anti-parallel 
A 4 5 ? anti-parallel 
A 5 6 ? anti-parallel 
A 6 7 ? anti-parallel 
# 
loop_
_struct_sheet_range.sheet_id 
_struct_sheet_range.id 
_struct_sheet_range.beg_label_comp_id 
_struct_sheet_range.beg_label_asym_id 
_struct_sheet_range.beg_label_seq_id 
_struct_sheet_range.pdbx_beg_PDB_ins_code 
_struct_sheet_range.end_label_comp_id 
_struct_sheet_range.end_label_asym_id 
_struct_sheet_range.end_label_seq_id 
_struct_sheet_range.pdbx_end_PDB_ins_code 
_struct_sheet_range.beg_auth_comp_id 
_struct_sheet_range.beg_auth_asym_id 
_struct_sheet_range.beg_auth_seq_id 
_struct_sheet_range.end_auth_comp_id 
_struct_sheet_range.end_auth_asym_id 
_struct_sheet_range.end_auth_seq_id 
A 1 SER A 43 ? LYS A 45 ? SER A 43 LYS A 45 
A 2 ILE A 26 ? TYR A 30 ? ILE A 26 TYR A 30 
A 3 TRP A 15 ? ASP A 23 ? TRP A 15 ASP A 23 
A 4 GLU A 2  ? TRP A 8  ? GLU A 2  TRP A 8  
A 5 GLN A 69 ? LYS A 74 ? GLN A 69 LYS A 74 
A 6 ARG A 60 ? ILE A 65 ? ARG A 60 ILE A 65 
A 7 GLU A 50 ? LYS A 52 ? GLU A 50 LYS A 52 
# 
loop_
_pdbx_struct_sheet_hbond.sheet_id 
_pdbx_struct_sheet_hbond.range_id_1 
_pdbx_struct_sheet_hbond.range_id_2 
_pdbx_struct_sheet_hbond.range_1_label_atom_id 
_pdbx_struct_sheet_hbond.range_1_label_comp_id 
_pdbx_struct_sheet_hbond.range_1_label_asym_id 
_pdbx_struct_sheet_hbond.range_1_label_seq_id 
_pdbx_struct_sheet_hbond.range_1_PDB_ins_code 
_pdbx_struct_sheet_hbond.range_1_auth_atom_id 
_pdbx_struct_sheet_hbond.range_1_auth_comp_id 
_pdbx_struct_sheet_hbond.range_1_auth_asym_id 
_pdbx_struct_sheet_hbond.range_1_auth_seq_id 
_pdbx_struct_sheet_hbond.range_2_label_atom_id 
_pdbx_struct_sheet_hbond.range_2_label_comp_id 
_pdbx_struct_sheet_hbond.range_2_label_asym_id 
_pdbx_struct_sheet_hbond.range_2_label_seq_id 
_pdbx_struct_sheet_hbond.range_2_PDB_ins_code 
_pdbx_struct_sheet_hbond.range_2_auth_atom_id 
_pdbx_struct_sheet_hbond.range_2_auth_comp_id 
_pdbx_struct_sheet_hbond.range_2_auth_asym_id 
_pdbx_struct_sheet_hbond.range_2_auth_seq_id 
A 1 2 O ILE A 44 ? O ILE A 44 N LEU A 27 ? N LEU A 27 
A 2 3 O TYR A 30 ? O TYR A 30 N TRP A 19 ? N TRP A 19 
A 3 4 O PHE A 20 ? O PHE A 20 N GLY A 3  ? N GLY A 3  
A 4 5 N TYR A 6  ? N TYR A 6  O LYS A 74 ? O LYS A 74 
A 5 6 O PHE A 71 ? O PHE A 71 N LEU A 63 ? N LEU A 63 
A 6 7 O ILE A 64 ? O ILE A 64 N GLU A 50 ? N GLU A 50 
# 
_struct_site.id                   AC1 
_struct_site.pdbx_evidence_code   Software 
_struct_site.pdbx_auth_asym_id    A 
_struct_site.pdbx_auth_comp_id    GOL 
_struct_site.pdbx_auth_seq_id     104 
_struct_site.pdbx_auth_ins_code   ? 
_struct_site.pdbx_num_residues    3 
_struct_site.details              'BINDING SITE FOR RESIDUE GOL A 104' 
# 
loop_
_struct_site_gen.id 
_struct_site_gen.site_id 
_struct_site_gen.pdbx_num_res 
_struct_site_gen.label_comp_id 
_struct_site_gen.label_asym_id 
_struct_site_gen.label_seq_id 
_struct_site_gen.pdbx_auth_ins_code 
_struct_site_gen.auth_comp_id 
_struct_site_gen.auth_asym_id 
_struct_site_gen.auth_seq_id 
_struct_site_gen.label_atom_id 
_struct_site_gen.label_alt_id 
_struct_site_gen.symmetry 
_struct_site_gen.details 
1 AC1 3 TRP A 8  ? TRP A 8  . ? 1_555 ? 
2 AC1 3 ARG A 60 ? ARG A 60 . ? 1_555 ? 
3 AC1 3 TYR A 72 ? TYR A 72 . ? 1_555 ? 
# 
_pdbx_entry_details.entry_id                   3RCP 
_pdbx_entry_details.compound_details           ? 
_pdbx_entry_details.source_details             ? 
_pdbx_entry_details.nonpolymer_details         ? 
_pdbx_entry_details.sequence_details           ? 
_pdbx_entry_details.has_ligand_of_interest     ? 
_pdbx_entry_details.has_protein_modification   Y 
# 
_pdbx_validate_rmsd_bond.id                        1 
_pdbx_validate_rmsd_bond.PDB_model_num             1 
_pdbx_validate_rmsd_bond.auth_atom_id_1            C 
_pdbx_validate_rmsd_bond.auth_asym_id_1            A 
_pdbx_validate_rmsd_bond.auth_comp_id_1            HIS 
_pdbx_validate_rmsd_bond.auth_seq_id_1             70 
_pdbx_validate_rmsd_bond.PDB_ins_code_1            ? 
_pdbx_validate_rmsd_bond.label_alt_id_1            ? 
_pdbx_validate_rmsd_bond.auth_atom_id_2            N 
_pdbx_validate_rmsd_bond.auth_asym_id_2            A 
_pdbx_validate_rmsd_bond.auth_comp_id_2            PHE 
_pdbx_validate_rmsd_bond.auth_seq_id_2             71 
_pdbx_validate_rmsd_bond.PDB_ins_code_2            ? 
_pdbx_validate_rmsd_bond.label_alt_id_2            ? 
_pdbx_validate_rmsd_bond.bond_value                1.519 
_pdbx_validate_rmsd_bond.bond_target_value         1.336 
_pdbx_validate_rmsd_bond.bond_deviation            0.183 
_pdbx_validate_rmsd_bond.bond_standard_deviation   0.023 
_pdbx_validate_rmsd_bond.linker_flag               Y 
# 
_pdbx_validate_rmsd_angle.id                         1 
_pdbx_validate_rmsd_angle.PDB_model_num              1 
_pdbx_validate_rmsd_angle.auth_atom_id_1             O 
_pdbx_validate_rmsd_angle.auth_asym_id_1             A 
_pdbx_validate_rmsd_angle.auth_comp_id_1             ASP 
_pdbx_validate_rmsd_angle.auth_seq_id_1              57 
_pdbx_validate_rmsd_angle.PDB_ins_code_1             ? 
_pdbx_validate_rmsd_angle.label_alt_id_1             ? 
_pdbx_validate_rmsd_angle.auth_atom_id_2             C 
_pdbx_validate_rmsd_angle.auth_asym_id_2             A 
_pdbx_validate_rmsd_angle.auth_comp_id_2             ASP 
_pdbx_validate_rmsd_angle.auth_seq_id_2              57 
_pdbx_validate_rmsd_angle.PDB_ins_code_2             ? 
_pdbx_validate_rmsd_angle.label_alt_id_2             ? 
_pdbx_validate_rmsd_angle.auth_atom_id_3             N 
_pdbx_validate_rmsd_angle.auth_asym_id_3             A 
_pdbx_validate_rmsd_angle.auth_comp_id_3             ASN 
_pdbx_validate_rmsd_angle.auth_seq_id_3              58 
_pdbx_validate_rmsd_angle.PDB_ins_code_3             ? 
_pdbx_validate_rmsd_angle.label_alt_id_3             ? 
_pdbx_validate_rmsd_angle.angle_value                109.97 
_pdbx_validate_rmsd_angle.angle_target_value         122.70 
_pdbx_validate_rmsd_angle.angle_deviation            -12.73 
_pdbx_validate_rmsd_angle.angle_standard_deviation   1.60 
_pdbx_validate_rmsd_angle.linker_flag                Y 
# 
loop_
_pdbx_validate_torsion.id 
_pdbx_validate_torsion.PDB_model_num 
_pdbx_validate_torsion.auth_comp_id 
_pdbx_validate_torsion.auth_asym_id 
_pdbx_validate_torsion.auth_seq_id 
_pdbx_validate_torsion.PDB_ins_code 
_pdbx_validate_torsion.label_alt_id 
_pdbx_validate_torsion.phi 
_pdbx_validate_torsion.psi 
1 1 THR A 9  ? ? -93.81  -64.89  
2 1 ASN A 10 ? ? -170.09 -179.45 
3 1 GLN A 33 ? ? -51.94  4.37    
# 
_pdbx_validate_main_chain_plane.id                       1 
_pdbx_validate_main_chain_plane.PDB_model_num            1 
_pdbx_validate_main_chain_plane.auth_comp_id             PHE 
_pdbx_validate_main_chain_plane.auth_asym_id             A 
_pdbx_validate_main_chain_plane.auth_seq_id              71 
_pdbx_validate_main_chain_plane.PDB_ins_code             ? 
_pdbx_validate_main_chain_plane.label_alt_id             ? 
_pdbx_validate_main_chain_plane.improper_torsion_angle   -10.57 
# 
loop_
_pdbx_struct_mod_residue.id 
_pdbx_struct_mod_residue.label_asym_id 
_pdbx_struct_mod_residue.label_comp_id 
_pdbx_struct_mod_residue.label_seq_id 
_pdbx_struct_mod_residue.auth_asym_id 
_pdbx_struct_mod_residue.auth_comp_id 
_pdbx_struct_mod_residue.auth_seq_id 
_pdbx_struct_mod_residue.PDB_ins_code 
_pdbx_struct_mod_residue.parent_comp_id 
_pdbx_struct_mod_residue.details 
1 A MSE 1  A MSE 1  ? MET SELENOMETHIONINE 
2 A MSE 46 A MSE 46 ? MET SELENOMETHIONINE 
3 A MSE 61 A MSE 61 ? MET SELENOMETHIONINE 
4 A MSE 73 A MSE 73 ? MET SELENOMETHIONINE 
# 
_pdbx_refine_tls.pdbx_refine_id   'X-RAY DIFFRACTION' 
_pdbx_refine_tls.id               1 
_pdbx_refine_tls.details          ? 
_pdbx_refine_tls.method           refined 
_pdbx_refine_tls.origin_x         0.1260 
_pdbx_refine_tls.origin_y         -0.0974 
_pdbx_refine_tls.origin_z         0.6943 
_pdbx_refine_tls.T[1][1]          0.1602 
_pdbx_refine_tls.T[2][2]          0.1101 
_pdbx_refine_tls.T[3][3]          0.0939 
_pdbx_refine_tls.T[1][2]          -0.0104 
_pdbx_refine_tls.T[1][3]          0.0315 
_pdbx_refine_tls.T[2][3]          -0.0400 
_pdbx_refine_tls.L[1][1]          0.2961 
_pdbx_refine_tls.L[2][2]          0.1451 
_pdbx_refine_tls.L[3][3]          0.9493 
_pdbx_refine_tls.L[1][2]          -0.1416 
_pdbx_refine_tls.L[1][3]          0.2901 
_pdbx_refine_tls.L[2][3]          -0.3632 
_pdbx_refine_tls.S[1][1]          0.2058 
_pdbx_refine_tls.S[1][2]          -0.2322 
_pdbx_refine_tls.S[1][3]          0.0219 
_pdbx_refine_tls.S[2][1]          -0.0524 
_pdbx_refine_tls.S[2][2]          0.1366 
_pdbx_refine_tls.S[2][3]          0.0268 
_pdbx_refine_tls.S[3][1]          -0.3148 
_pdbx_refine_tls.S[3][2]          0.0359 
_pdbx_refine_tls.S[3][3]          0.1061 
# 
_pdbx_refine_tls_group.pdbx_refine_id      'X-RAY DIFFRACTION' 
_pdbx_refine_tls_group.id                  1 
_pdbx_refine_tls_group.refine_tls_id       1 
_pdbx_refine_tls_group.beg_auth_asym_id    ? 
_pdbx_refine_tls_group.beg_auth_seq_id     ? 
_pdbx_refine_tls_group.beg_label_asym_id   ? 
_pdbx_refine_tls_group.beg_label_seq_id    ? 
_pdbx_refine_tls_group.end_auth_asym_id    ? 
_pdbx_refine_tls_group.end_auth_seq_id     ? 
_pdbx_refine_tls_group.end_label_asym_id   ? 
_pdbx_refine_tls_group.end_label_seq_id    ? 
_pdbx_refine_tls_group.selection           ? 
_pdbx_refine_tls_group.selection_details   'chain A' 
# 
loop_
_pdbx_unobs_or_zero_occ_residues.id 
_pdbx_unobs_or_zero_occ_residues.PDB_model_num 
_pdbx_unobs_or_zero_occ_residues.polymer_flag 
_pdbx_unobs_or_zero_occ_residues.occupancy_flag 
_pdbx_unobs_or_zero_occ_residues.auth_asym_id 
_pdbx_unobs_or_zero_occ_residues.auth_comp_id 
_pdbx_unobs_or_zero_occ_residues.auth_seq_id 
_pdbx_unobs_or_zero_occ_residues.PDB_ins_code 
_pdbx_unobs_or_zero_occ_residues.label_asym_id 
_pdbx_unobs_or_zero_occ_residues.label_comp_id 
_pdbx_unobs_or_zero_occ_residues.label_seq_id 
1 1 Y 1 A ASP 35 ? A ASP 35 
2 1 Y 1 A VAL 36 ? A VAL 36 
3 1 Y 1 A CYS 37 ? A CYS 37 
# 
loop_
_chem_comp_atom.comp_id 
_chem_comp_atom.atom_id 
_chem_comp_atom.type_symbol 
_chem_comp_atom.pdbx_aromatic_flag 
_chem_comp_atom.pdbx_stereo_config 
_chem_comp_atom.pdbx_ordinal 
ALA N    N  N N 1   
ALA CA   C  N S 2   
ALA C    C  N N 3   
ALA O    O  N N 4   
ALA CB   C  N N 5   
ALA OXT  O  N N 6   
ALA H    H  N N 7   
ALA H2   H  N N 8   
ALA HA   H  N N 9   
ALA HB1  H  N N 10  
ALA HB2  H  N N 11  
ALA HB3  H  N N 12  
ALA HXT  H  N N 13  
ARG N    N  N N 14  
ARG CA   C  N S 15  
ARG C    C  N N 16  
ARG O    O  N N 17  
ARG CB   C  N N 18  
ARG CG   C  N N 19  
ARG CD   C  N N 20  
ARG NE   N  N N 21  
ARG CZ   C  N N 22  
ARG NH1  N  N N 23  
ARG NH2  N  N N 24  
ARG OXT  O  N N 25  
ARG H    H  N N 26  
ARG H2   H  N N 27  
ARG HA   H  N N 28  
ARG HB2  H  N N 29  
ARG HB3  H  N N 30  
ARG HG2  H  N N 31  
ARG HG3  H  N N 32  
ARG HD2  H  N N 33  
ARG HD3  H  N N 34  
ARG HE   H  N N 35  
ARG HH11 H  N N 36  
ARG HH12 H  N N 37  
ARG HH21 H  N N 38  
ARG HH22 H  N N 39  
ARG HXT  H  N N 40  
ASN N    N  N N 41  
ASN CA   C  N S 42  
ASN C    C  N N 43  
ASN O    O  N N 44  
ASN CB   C  N N 45  
ASN CG   C  N N 46  
ASN OD1  O  N N 47  
ASN ND2  N  N N 48  
ASN OXT  O  N N 49  
ASN H    H  N N 50  
ASN H2   H  N N 51  
ASN HA   H  N N 52  
ASN HB2  H  N N 53  
ASN HB3  H  N N 54  
ASN HD21 H  N N 55  
ASN HD22 H  N N 56  
ASN HXT  H  N N 57  
ASP N    N  N N 58  
ASP CA   C  N S 59  
ASP C    C  N N 60  
ASP O    O  N N 61  
ASP CB   C  N N 62  
ASP CG   C  N N 63  
ASP OD1  O  N N 64  
ASP OD2  O  N N 65  
ASP OXT  O  N N 66  
ASP H    H  N N 67  
ASP H2   H  N N 68  
ASP HA   H  N N 69  
ASP HB2  H  N N 70  
ASP HB3  H  N N 71  
ASP HD2  H  N N 72  
ASP HXT  H  N N 73  
CYS N    N  N N 74  
CYS CA   C  N R 75  
CYS C    C  N N 76  
CYS O    O  N N 77  
CYS CB   C  N N 78  
CYS SG   S  N N 79  
CYS OXT  O  N N 80  
CYS H    H  N N 81  
CYS H2   H  N N 82  
CYS HA   H  N N 83  
CYS HB2  H  N N 84  
CYS HB3  H  N N 85  
CYS HG   H  N N 86  
CYS HXT  H  N N 87  
GLN N    N  N N 88  
GLN CA   C  N S 89  
GLN C    C  N N 90  
GLN O    O  N N 91  
GLN CB   C  N N 92  
GLN CG   C  N N 93  
GLN CD   C  N N 94  
GLN OE1  O  N N 95  
GLN NE2  N  N N 96  
GLN OXT  O  N N 97  
GLN H    H  N N 98  
GLN H2   H  N N 99  
GLN HA   H  N N 100 
GLN HB2  H  N N 101 
GLN HB3  H  N N 102 
GLN HG2  H  N N 103 
GLN HG3  H  N N 104 
GLN HE21 H  N N 105 
GLN HE22 H  N N 106 
GLN HXT  H  N N 107 
GLU N    N  N N 108 
GLU CA   C  N S 109 
GLU C    C  N N 110 
GLU O    O  N N 111 
GLU CB   C  N N 112 
GLU CG   C  N N 113 
GLU CD   C  N N 114 
GLU OE1  O  N N 115 
GLU OE2  O  N N 116 
GLU OXT  O  N N 117 
GLU H    H  N N 118 
GLU H2   H  N N 119 
GLU HA   H  N N 120 
GLU HB2  H  N N 121 
GLU HB3  H  N N 122 
GLU HG2  H  N N 123 
GLU HG3  H  N N 124 
GLU HE2  H  N N 125 
GLU HXT  H  N N 126 
GLY N    N  N N 127 
GLY CA   C  N N 128 
GLY C    C  N N 129 
GLY O    O  N N 130 
GLY OXT  O  N N 131 
GLY H    H  N N 132 
GLY H2   H  N N 133 
GLY HA2  H  N N 134 
GLY HA3  H  N N 135 
GLY HXT  H  N N 136 
GOL C1   C  N N 137 
GOL O1   O  N N 138 
GOL C2   C  N N 139 
GOL O2   O  N N 140 
GOL C3   C  N N 141 
GOL O3   O  N N 142 
GOL H11  H  N N 143 
GOL H12  H  N N 144 
GOL HO1  H  N N 145 
GOL H2   H  N N 146 
GOL HO2  H  N N 147 
GOL H31  H  N N 148 
GOL H32  H  N N 149 
GOL HO3  H  N N 150 
HIS N    N  N N 151 
HIS CA   C  N S 152 
HIS C    C  N N 153 
HIS O    O  N N 154 
HIS CB   C  N N 155 
HIS CG   C  Y N 156 
HIS ND1  N  Y N 157 
HIS CD2  C  Y N 158 
HIS CE1  C  Y N 159 
HIS NE2  N  Y N 160 
HIS OXT  O  N N 161 
HIS H    H  N N 162 
HIS H2   H  N N 163 
HIS HA   H  N N 164 
HIS HB2  H  N N 165 
HIS HB3  H  N N 166 
HIS HD1  H  N N 167 
HIS HD2  H  N N 168 
HIS HE1  H  N N 169 
HIS HE2  H  N N 170 
HIS HXT  H  N N 171 
HOH O    O  N N 172 
HOH H1   H  N N 173 
HOH H2   H  N N 174 
ILE N    N  N N 175 
ILE CA   C  N S 176 
ILE C    C  N N 177 
ILE O    O  N N 178 
ILE CB   C  N S 179 
ILE CG1  C  N N 180 
ILE CG2  C  N N 181 
ILE CD1  C  N N 182 
ILE OXT  O  N N 183 
ILE H    H  N N 184 
ILE H2   H  N N 185 
ILE HA   H  N N 186 
ILE HB   H  N N 187 
ILE HG12 H  N N 188 
ILE HG13 H  N N 189 
ILE HG21 H  N N 190 
ILE HG22 H  N N 191 
ILE HG23 H  N N 192 
ILE HD11 H  N N 193 
ILE HD12 H  N N 194 
ILE HD13 H  N N 195 
ILE HXT  H  N N 196 
LEU N    N  N N 197 
LEU CA   C  N S 198 
LEU C    C  N N 199 
LEU O    O  N N 200 
LEU CB   C  N N 201 
LEU CG   C  N N 202 
LEU CD1  C  N N 203 
LEU CD2  C  N N 204 
LEU OXT  O  N N 205 
LEU H    H  N N 206 
LEU H2   H  N N 207 
LEU HA   H  N N 208 
LEU HB2  H  N N 209 
LEU HB3  H  N N 210 
LEU HG   H  N N 211 
LEU HD11 H  N N 212 
LEU HD12 H  N N 213 
LEU HD13 H  N N 214 
LEU HD21 H  N N 215 
LEU HD22 H  N N 216 
LEU HD23 H  N N 217 
LEU HXT  H  N N 218 
LYS N    N  N N 219 
LYS CA   C  N S 220 
LYS C    C  N N 221 
LYS O    O  N N 222 
LYS CB   C  N N 223 
LYS CG   C  N N 224 
LYS CD   C  N N 225 
LYS CE   C  N N 226 
LYS NZ   N  N N 227 
LYS OXT  O  N N 228 
LYS H    H  N N 229 
LYS H2   H  N N 230 
LYS HA   H  N N 231 
LYS HB2  H  N N 232 
LYS HB3  H  N N 233 
LYS HG2  H  N N 234 
LYS HG3  H  N N 235 
LYS HD2  H  N N 236 
LYS HD3  H  N N 237 
LYS HE2  H  N N 238 
LYS HE3  H  N N 239 
LYS HZ1  H  N N 240 
LYS HZ2  H  N N 241 
LYS HZ3  H  N N 242 
LYS HXT  H  N N 243 
MSE N    N  N N 244 
MSE CA   C  N S 245 
MSE C    C  N N 246 
MSE O    O  N N 247 
MSE OXT  O  N N 248 
MSE CB   C  N N 249 
MSE CG   C  N N 250 
MSE SE   SE N N 251 
MSE CE   C  N N 252 
MSE H    H  N N 253 
MSE H2   H  N N 254 
MSE HA   H  N N 255 
MSE HXT  H  N N 256 
MSE HB2  H  N N 257 
MSE HB3  H  N N 258 
MSE HG2  H  N N 259 
MSE HG3  H  N N 260 
MSE HE1  H  N N 261 
MSE HE2  H  N N 262 
MSE HE3  H  N N 263 
PHE N    N  N N 264 
PHE CA   C  N S 265 
PHE C    C  N N 266 
PHE O    O  N N 267 
PHE CB   C  N N 268 
PHE CG   C  Y N 269 
PHE CD1  C  Y N 270 
PHE CD2  C  Y N 271 
PHE CE1  C  Y N 272 
PHE CE2  C  Y N 273 
PHE CZ   C  Y N 274 
PHE OXT  O  N N 275 
PHE H    H  N N 276 
PHE H2   H  N N 277 
PHE HA   H  N N 278 
PHE HB2  H  N N 279 
PHE HB3  H  N N 280 
PHE HD1  H  N N 281 
PHE HD2  H  N N 282 
PHE HE1  H  N N 283 
PHE HE2  H  N N 284 
PHE HZ   H  N N 285 
PHE HXT  H  N N 286 
PRO N    N  N N 287 
PRO CA   C  N S 288 
PRO C    C  N N 289 
PRO O    O  N N 290 
PRO CB   C  N N 291 
PRO CG   C  N N 292 
PRO CD   C  N N 293 
PRO OXT  O  N N 294 
PRO H    H  N N 295 
PRO HA   H  N N 296 
PRO HB2  H  N N 297 
PRO HB3  H  N N 298 
PRO HG2  H  N N 299 
PRO HG3  H  N N 300 
PRO HD2  H  N N 301 
PRO HD3  H  N N 302 
PRO HXT  H  N N 303 
SER N    N  N N 304 
SER CA   C  N S 305 
SER C    C  N N 306 
SER O    O  N N 307 
SER CB   C  N N 308 
SER OG   O  N N 309 
SER OXT  O  N N 310 
SER H    H  N N 311 
SER H2   H  N N 312 
SER HA   H  N N 313 
SER HB2  H  N N 314 
SER HB3  H  N N 315 
SER HG   H  N N 316 
SER HXT  H  N N 317 
THR N    N  N N 318 
THR CA   C  N S 319 
THR C    C  N N 320 
THR O    O  N N 321 
THR CB   C  N R 322 
THR OG1  O  N N 323 
THR CG2  C  N N 324 
THR OXT  O  N N 325 
THR H    H  N N 326 
THR H2   H  N N 327 
THR HA   H  N N 328 
THR HB   H  N N 329 
THR HG1  H  N N 330 
THR HG21 H  N N 331 
THR HG22 H  N N 332 
THR HG23 H  N N 333 
THR HXT  H  N N 334 
TRP N    N  N N 335 
TRP CA   C  N S 336 
TRP C    C  N N 337 
TRP O    O  N N 338 
TRP CB   C  N N 339 
TRP CG   C  Y N 340 
TRP CD1  C  Y N 341 
TRP CD2  C  Y N 342 
TRP NE1  N  Y N 343 
TRP CE2  C  Y N 344 
TRP CE3  C  Y N 345 
TRP CZ2  C  Y N 346 
TRP CZ3  C  Y N 347 
TRP CH2  C  Y N 348 
TRP OXT  O  N N 349 
TRP H    H  N N 350 
TRP H2   H  N N 351 
TRP HA   H  N N 352 
TRP HB2  H  N N 353 
TRP HB3  H  N N 354 
TRP HD1  H  N N 355 
TRP HE1  H  N N 356 
TRP HE3  H  N N 357 
TRP HZ2  H  N N 358 
TRP HZ3  H  N N 359 
TRP HH2  H  N N 360 
TRP HXT  H  N N 361 
TYR N    N  N N 362 
TYR CA   C  N S 363 
TYR C    C  N N 364 
TYR O    O  N N 365 
TYR CB   C  N N 366 
TYR CG   C  Y N 367 
TYR CD1  C  Y N 368 
TYR CD2  C  Y N 369 
TYR CE1  C  Y N 370 
TYR CE2  C  Y N 371 
TYR CZ   C  Y N 372 
TYR OH   O  N N 373 
TYR OXT  O  N N 374 
TYR H    H  N N 375 
TYR H2   H  N N 376 
TYR HA   H  N N 377 
TYR HB2  H  N N 378 
TYR HB3  H  N N 379 
TYR HD1  H  N N 380 
TYR HD2  H  N N 381 
TYR HE1  H  N N 382 
TYR HE2  H  N N 383 
TYR HH   H  N N 384 
TYR HXT  H  N N 385 
VAL N    N  N N 386 
VAL CA   C  N S 387 
VAL C    C  N N 388 
VAL O    O  N N 389 
VAL CB   C  N N 390 
VAL CG1  C  N N 391 
VAL CG2  C  N N 392 
VAL OXT  O  N N 393 
VAL H    H  N N 394 
VAL H2   H  N N 395 
VAL HA   H  N N 396 
VAL HB   H  N N 397 
VAL HG11 H  N N 398 
VAL HG12 H  N N 399 
VAL HG13 H  N N 400 
VAL HG21 H  N N 401 
VAL HG22 H  N N 402 
VAL HG23 H  N N 403 
VAL HXT  H  N N 404 
# 
loop_
_chem_comp_bond.comp_id 
_chem_comp_bond.atom_id_1 
_chem_comp_bond.atom_id_2 
_chem_comp_bond.value_order 
_chem_comp_bond.pdbx_aromatic_flag 
_chem_comp_bond.pdbx_stereo_config 
_chem_comp_bond.pdbx_ordinal 
ALA N   CA   sing N N 1   
ALA N   H    sing N N 2   
ALA N   H2   sing N N 3   
ALA CA  C    sing N N 4   
ALA CA  CB   sing N N 5   
ALA CA  HA   sing N N 6   
ALA C   O    doub N N 7   
ALA C   OXT  sing N N 8   
ALA CB  HB1  sing N N 9   
ALA CB  HB2  sing N N 10  
ALA CB  HB3  sing N N 11  
ALA OXT HXT  sing N N 12  
ARG N   CA   sing N N 13  
ARG N   H    sing N N 14  
ARG N   H2   sing N N 15  
ARG CA  C    sing N N 16  
ARG CA  CB   sing N N 17  
ARG CA  HA   sing N N 18  
ARG C   O    doub N N 19  
ARG C   OXT  sing N N 20  
ARG CB  CG   sing N N 21  
ARG CB  HB2  sing N N 22  
ARG CB  HB3  sing N N 23  
ARG CG  CD   sing N N 24  
ARG CG  HG2  sing N N 25  
ARG CG  HG3  sing N N 26  
ARG CD  NE   sing N N 27  
ARG CD  HD2  sing N N 28  
ARG CD  HD3  sing N N 29  
ARG NE  CZ   sing N N 30  
ARG NE  HE   sing N N 31  
ARG CZ  NH1  sing N N 32  
ARG CZ  NH2  doub N N 33  
ARG NH1 HH11 sing N N 34  
ARG NH1 HH12 sing N N 35  
ARG NH2 HH21 sing N N 36  
ARG NH2 HH22 sing N N 37  
ARG OXT HXT  sing N N 38  
ASN N   CA   sing N N 39  
ASN N   H    sing N N 40  
ASN N   H2   sing N N 41  
ASN CA  C    sing N N 42  
ASN CA  CB   sing N N 43  
ASN CA  HA   sing N N 44  
ASN C   O    doub N N 45  
ASN C   OXT  sing N N 46  
ASN CB  CG   sing N N 47  
ASN CB  HB2  sing N N 48  
ASN CB  HB3  sing N N 49  
ASN CG  OD1  doub N N 50  
ASN CG  ND2  sing N N 51  
ASN ND2 HD21 sing N N 52  
ASN ND2 HD22 sing N N 53  
ASN OXT HXT  sing N N 54  
ASP N   CA   sing N N 55  
ASP N   H    sing N N 56  
ASP N   H2   sing N N 57  
ASP CA  C    sing N N 58  
ASP CA  CB   sing N N 59  
ASP CA  HA   sing N N 60  
ASP C   O    doub N N 61  
ASP C   OXT  sing N N 62  
ASP CB  CG   sing N N 63  
ASP CB  HB2  sing N N 64  
ASP CB  HB3  sing N N 65  
ASP CG  OD1  doub N N 66  
ASP CG  OD2  sing N N 67  
ASP OD2 HD2  sing N N 68  
ASP OXT HXT  sing N N 69  
CYS N   CA   sing N N 70  
CYS N   H    sing N N 71  
CYS N   H2   sing N N 72  
CYS CA  C    sing N N 73  
CYS CA  CB   sing N N 74  
CYS CA  HA   sing N N 75  
CYS C   O    doub N N 76  
CYS C   OXT  sing N N 77  
CYS CB  SG   sing N N 78  
CYS CB  HB2  sing N N 79  
CYS CB  HB3  sing N N 80  
CYS SG  HG   sing N N 81  
CYS OXT HXT  sing N N 82  
GLN N   CA   sing N N 83  
GLN N   H    sing N N 84  
GLN N   H2   sing N N 85  
GLN CA  C    sing N N 86  
GLN CA  CB   sing N N 87  
GLN CA  HA   sing N N 88  
GLN C   O    doub N N 89  
GLN C   OXT  sing N N 90  
GLN CB  CG   sing N N 91  
GLN CB  HB2  sing N N 92  
GLN CB  HB3  sing N N 93  
GLN CG  CD   sing N N 94  
GLN CG  HG2  sing N N 95  
GLN CG  HG3  sing N N 96  
GLN CD  OE1  doub N N 97  
GLN CD  NE2  sing N N 98  
GLN NE2 HE21 sing N N 99  
GLN NE2 HE22 sing N N 100 
GLN OXT HXT  sing N N 101 
GLU N   CA   sing N N 102 
GLU N   H    sing N N 103 
GLU N   H2   sing N N 104 
GLU CA  C    sing N N 105 
GLU CA  CB   sing N N 106 
GLU CA  HA   sing N N 107 
GLU C   O    doub N N 108 
GLU C   OXT  sing N N 109 
GLU CB  CG   sing N N 110 
GLU CB  HB2  sing N N 111 
GLU CB  HB3  sing N N 112 
GLU CG  CD   sing N N 113 
GLU CG  HG2  sing N N 114 
GLU CG  HG3  sing N N 115 
GLU CD  OE1  doub N N 116 
GLU CD  OE2  sing N N 117 
GLU OE2 HE2  sing N N 118 
GLU OXT HXT  sing N N 119 
GLY N   CA   sing N N 120 
GLY N   H    sing N N 121 
GLY N   H2   sing N N 122 
GLY CA  C    sing N N 123 
GLY CA  HA2  sing N N 124 
GLY CA  HA3  sing N N 125 
GLY C   O    doub N N 126 
GLY C   OXT  sing N N 127 
GLY OXT HXT  sing N N 128 
GOL C1  O1   sing N N 129 
GOL C1  C2   sing N N 130 
GOL C1  H11  sing N N 131 
GOL C1  H12  sing N N 132 
GOL O1  HO1  sing N N 133 
GOL C2  O2   sing N N 134 
GOL C2  C3   sing N N 135 
GOL C2  H2   sing N N 136 
GOL O2  HO2  sing N N 137 
GOL C3  O3   sing N N 138 
GOL C3  H31  sing N N 139 
GOL C3  H32  sing N N 140 
GOL O3  HO3  sing N N 141 
HIS N   CA   sing N N 142 
HIS N   H    sing N N 143 
HIS N   H2   sing N N 144 
HIS CA  C    sing N N 145 
HIS CA  CB   sing N N 146 
HIS CA  HA   sing N N 147 
HIS C   O    doub N N 148 
HIS C   OXT  sing N N 149 
HIS CB  CG   sing N N 150 
HIS CB  HB2  sing N N 151 
HIS CB  HB3  sing N N 152 
HIS CG  ND1  sing Y N 153 
HIS CG  CD2  doub Y N 154 
HIS ND1 CE1  doub Y N 155 
HIS ND1 HD1  sing N N 156 
HIS CD2 NE2  sing Y N 157 
HIS CD2 HD2  sing N N 158 
HIS CE1 NE2  sing Y N 159 
HIS CE1 HE1  sing N N 160 
HIS NE2 HE2  sing N N 161 
HIS OXT HXT  sing N N 162 
HOH O   H1   sing N N 163 
HOH O   H2   sing N N 164 
ILE N   CA   sing N N 165 
ILE N   H    sing N N 166 
ILE N   H2   sing N N 167 
ILE CA  C    sing N N 168 
ILE CA  CB   sing N N 169 
ILE CA  HA   sing N N 170 
ILE C   O    doub N N 171 
ILE C   OXT  sing N N 172 
ILE CB  CG1  sing N N 173 
ILE CB  CG2  sing N N 174 
ILE CB  HB   sing N N 175 
ILE CG1 CD1  sing N N 176 
ILE CG1 HG12 sing N N 177 
ILE CG1 HG13 sing N N 178 
ILE CG2 HG21 sing N N 179 
ILE CG2 HG22 sing N N 180 
ILE CG2 HG23 sing N N 181 
ILE CD1 HD11 sing N N 182 
ILE CD1 HD12 sing N N 183 
ILE CD1 HD13 sing N N 184 
ILE OXT HXT  sing N N 185 
LEU N   CA   sing N N 186 
LEU N   H    sing N N 187 
LEU N   H2   sing N N 188 
LEU CA  C    sing N N 189 
LEU CA  CB   sing N N 190 
LEU CA  HA   sing N N 191 
LEU C   O    doub N N 192 
LEU C   OXT  sing N N 193 
LEU CB  CG   sing N N 194 
LEU CB  HB2  sing N N 195 
LEU CB  HB3  sing N N 196 
LEU CG  CD1  sing N N 197 
LEU CG  CD2  sing N N 198 
LEU CG  HG   sing N N 199 
LEU CD1 HD11 sing N N 200 
LEU CD1 HD12 sing N N 201 
LEU CD1 HD13 sing N N 202 
LEU CD2 HD21 sing N N 203 
LEU CD2 HD22 sing N N 204 
LEU CD2 HD23 sing N N 205 
LEU OXT HXT  sing N N 206 
LYS N   CA   sing N N 207 
LYS N   H    sing N N 208 
LYS N   H2   sing N N 209 
LYS CA  C    sing N N 210 
LYS CA  CB   sing N N 211 
LYS CA  HA   sing N N 212 
LYS C   O    doub N N 213 
LYS C   OXT  sing N N 214 
LYS CB  CG   sing N N 215 
LYS CB  HB2  sing N N 216 
LYS CB  HB3  sing N N 217 
LYS CG  CD   sing N N 218 
LYS CG  HG2  sing N N 219 
LYS CG  HG3  sing N N 220 
LYS CD  CE   sing N N 221 
LYS CD  HD2  sing N N 222 
LYS CD  HD3  sing N N 223 
LYS CE  NZ   sing N N 224 
LYS CE  HE2  sing N N 225 
LYS CE  HE3  sing N N 226 
LYS NZ  HZ1  sing N N 227 
LYS NZ  HZ2  sing N N 228 
LYS NZ  HZ3  sing N N 229 
LYS OXT HXT  sing N N 230 
MSE N   CA   sing N N 231 
MSE N   H    sing N N 232 
MSE N   H2   sing N N 233 
MSE CA  C    sing N N 234 
MSE CA  CB   sing N N 235 
MSE CA  HA   sing N N 236 
MSE C   O    doub N N 237 
MSE C   OXT  sing N N 238 
MSE OXT HXT  sing N N 239 
MSE CB  CG   sing N N 240 
MSE CB  HB2  sing N N 241 
MSE CB  HB3  sing N N 242 
MSE CG  SE   sing N N 243 
MSE CG  HG2  sing N N 244 
MSE CG  HG3  sing N N 245 
MSE SE  CE   sing N N 246 
MSE CE  HE1  sing N N 247 
MSE CE  HE2  sing N N 248 
MSE CE  HE3  sing N N 249 
PHE N   CA   sing N N 250 
PHE N   H    sing N N 251 
PHE N   H2   sing N N 252 
PHE CA  C    sing N N 253 
PHE CA  CB   sing N N 254 
PHE CA  HA   sing N N 255 
PHE C   O    doub N N 256 
PHE C   OXT  sing N N 257 
PHE CB  CG   sing N N 258 
PHE CB  HB2  sing N N 259 
PHE CB  HB3  sing N N 260 
PHE CG  CD1  doub Y N 261 
PHE CG  CD2  sing Y N 262 
PHE CD1 CE1  sing Y N 263 
PHE CD1 HD1  sing N N 264 
PHE CD2 CE2  doub Y N 265 
PHE CD2 HD2  sing N N 266 
PHE CE1 CZ   doub Y N 267 
PHE CE1 HE1  sing N N 268 
PHE CE2 CZ   sing Y N 269 
PHE CE2 HE2  sing N N 270 
PHE CZ  HZ   sing N N 271 
PHE OXT HXT  sing N N 272 
PRO N   CA   sing N N 273 
PRO N   CD   sing N N 274 
PRO N   H    sing N N 275 
PRO CA  C    sing N N 276 
PRO CA  CB   sing N N 277 
PRO CA  HA   sing N N 278 
PRO C   O    doub N N 279 
PRO C   OXT  sing N N 280 
PRO CB  CG   sing N N 281 
PRO CB  HB2  sing N N 282 
PRO CB  HB3  sing N N 283 
PRO CG  CD   sing N N 284 
PRO CG  HG2  sing N N 285 
PRO CG  HG3  sing N N 286 
PRO CD  HD2  sing N N 287 
PRO CD  HD3  sing N N 288 
PRO OXT HXT  sing N N 289 
SER N   CA   sing N N 290 
SER N   H    sing N N 291 
SER N   H2   sing N N 292 
SER CA  C    sing N N 293 
SER CA  CB   sing N N 294 
SER CA  HA   sing N N 295 
SER C   O    doub N N 296 
SER C   OXT  sing N N 297 
SER CB  OG   sing N N 298 
SER CB  HB2  sing N N 299 
SER CB  HB3  sing N N 300 
SER OG  HG   sing N N 301 
SER OXT HXT  sing N N 302 
THR N   CA   sing N N 303 
THR N   H    sing N N 304 
THR N   H2   sing N N 305 
THR CA  C    sing N N 306 
THR CA  CB   sing N N 307 
THR CA  HA   sing N N 308 
THR C   O    doub N N 309 
THR C   OXT  sing N N 310 
THR CB  OG1  sing N N 311 
THR CB  CG2  sing N N 312 
THR CB  HB   sing N N 313 
THR OG1 HG1  sing N N 314 
THR CG2 HG21 sing N N 315 
THR CG2 HG22 sing N N 316 
THR CG2 HG23 sing N N 317 
THR OXT HXT  sing N N 318 
TRP N   CA   sing N N 319 
TRP N   H    sing N N 320 
TRP N   H2   sing N N 321 
TRP CA  C    sing N N 322 
TRP CA  CB   sing N N 323 
TRP CA  HA   sing N N 324 
TRP C   O    doub N N 325 
TRP C   OXT  sing N N 326 
TRP CB  CG   sing N N 327 
TRP CB  HB2  sing N N 328 
TRP CB  HB3  sing N N 329 
TRP CG  CD1  doub Y N 330 
TRP CG  CD2  sing Y N 331 
TRP CD1 NE1  sing Y N 332 
TRP CD1 HD1  sing N N 333 
TRP CD2 CE2  doub Y N 334 
TRP CD2 CE3  sing Y N 335 
TRP NE1 CE2  sing Y N 336 
TRP NE1 HE1  sing N N 337 
TRP CE2 CZ2  sing Y N 338 
TRP CE3 CZ3  doub Y N 339 
TRP CE3 HE3  sing N N 340 
TRP CZ2 CH2  doub Y N 341 
TRP CZ2 HZ2  sing N N 342 
TRP CZ3 CH2  sing Y N 343 
TRP CZ3 HZ3  sing N N 344 
TRP CH2 HH2  sing N N 345 
TRP OXT HXT  sing N N 346 
TYR N   CA   sing N N 347 
TYR N   H    sing N N 348 
TYR N   H2   sing N N 349 
TYR CA  C    sing N N 350 
TYR CA  CB   sing N N 351 
TYR CA  HA   sing N N 352 
TYR C   O    doub N N 353 
TYR C   OXT  sing N N 354 
TYR CB  CG   sing N N 355 
TYR CB  HB2  sing N N 356 
TYR CB  HB3  sing N N 357 
TYR CG  CD1  doub Y N 358 
TYR CG  CD2  sing Y N 359 
TYR CD1 CE1  sing Y N 360 
TYR CD1 HD1  sing N N 361 
TYR CD2 CE2  doub Y N 362 
TYR CD2 HD2  sing N N 363 
TYR CE1 CZ   doub Y N 364 
TYR CE1 HE1  sing N N 365 
TYR CE2 CZ   sing Y N 366 
TYR CE2 HE2  sing N N 367 
TYR CZ  OH   sing N N 368 
TYR OH  HH   sing N N 369 
TYR OXT HXT  sing N N 370 
VAL N   CA   sing N N 371 
VAL N   H    sing N N 372 
VAL N   H2   sing N N 373 
VAL CA  C    sing N N 374 
VAL CA  CB   sing N N 375 
VAL CA  HA   sing N N 376 
VAL C   O    doub N N 377 
VAL C   OXT  sing N N 378 
VAL CB  CG1  sing N N 379 
VAL CB  CG2  sing N N 380 
VAL CB  HB   sing N N 381 
VAL CG1 HG11 sing N N 382 
VAL CG1 HG12 sing N N 383 
VAL CG1 HG13 sing N N 384 
VAL CG2 HG21 sing N N 385 
VAL CG2 HG22 sing N N 386 
VAL CG2 HG23 sing N N 387 
VAL OXT HXT  sing N N 388 
# 
_atom_sites.entry_id                    3RCP 
_atom_sites.fract_transf_matrix[1][1]   -0.00939597 
_atom_sites.fract_transf_matrix[1][2]   -0.00745514 
_atom_sites.fract_transf_matrix[1][3]   -0.02991719 
_atom_sites.fract_transf_matrix[2][1]   -0.01823573 
_atom_sites.fract_transf_matrix[2][2]   -0.02387498 
_atom_sites.fract_transf_matrix[2][3]   0.01167669 
_atom_sites.fract_transf_matrix[3][1]   -0.00355963 
_atom_sites.fract_transf_matrix[3][2]   0.00291086 
_atom_sites.fract_transf_matrix[3][3]   0.00039259 
_atom_sites.fract_transf_vector[1]      0.059475 
_atom_sites.fract_transf_vector[2]      0.348682 
_atom_sites.fract_transf_vector[3]      0.069933 
# 
loop_
_atom_type.symbol 
C  
N  
O  
S  
SE 
# 
loop_
_atom_site.group_PDB 
_atom_site.id 
_atom_site.type_symbol 
_atom_site.label_atom_id 
_atom_site.label_alt_id 
_atom_site.label_comp_id 
_atom_site.label_asym_id 
_atom_site.label_entity_id 
_atom_site.label_seq_id 
_atom_site.pdbx_PDB_ins_code 
_atom_site.Cartn_x 
_atom_site.Cartn_y 
_atom_site.Cartn_z 
_atom_site.occupancy 
_atom_site.B_iso_or_equiv 
_atom_site.pdbx_formal_charge 
_atom_site.auth_seq_id 
_atom_site.auth_comp_id 
_atom_site.auth_asym_id 
_atom_site.auth_atom_id 
_atom_site.pdbx_PDB_model_num 
HETATM 1   N  N   . MSE A 1 1   ? -12.682 3.891   -3.576  1.00 31.80 ? 1   MSE A N   1 
HETATM 2   C  CA  . MSE A 1 1   ? -12.507 2.779   -2.680  1.00 27.41 ? 1   MSE A CA  1 
HETATM 3   C  C   . MSE A 1 1   ? -12.068 3.260   -1.314  1.00 28.36 ? 1   MSE A C   1 
HETATM 4   O  O   . MSE A 1 1   ? -11.347 4.230   -1.213  1.00 26.80 ? 1   MSE A O   1 
HETATM 5   C  CB  . MSE A 1 1   ? -11.452 1.841   -3.229  1.00 31.31 ? 1   MSE A CB  1 
HETATM 6   C  CG  . MSE A 1 1   ? -11.900 0.412   -3.310  1.00 43.75 ? 1   MSE A CG  1 
HETATM 7   SE SE  . MSE A 1 1   ? -10.365 -0.757  -3.368  1.00 45.73 ? 1   MSE A SE  1 
HETATM 8   C  CE  . MSE A 1 1   ? -10.548 -1.524  -1.633  1.00 31.69 ? 1   MSE A CE  1 
ATOM   9   N  N   . GLU A 1 2   ? -12.485 2.553   -0.276  1.00 14.95 ? 2   GLU A N   1 
ATOM   10  C  CA  . GLU A 1 2   ? -12.102 2.922   1.068   1.00 18.13 ? 2   GLU A CA  1 
ATOM   11  C  C   . GLU A 1 2   ? -12.013 1.718   1.985   1.00 25.81 ? 2   GLU A C   1 
ATOM   12  O  O   . GLU A 1 2   ? -12.699 0.734   1.795   1.00 28.63 ? 2   GLU A O   1 
ATOM   13  C  CB  . GLU A 1 2   ? -13.088 3.931   1.622   1.00 21.35 ? 2   GLU A CB  1 
ATOM   14  C  CG  . GLU A 1 2   ? -14.413 3.341   1.936   1.00 26.81 ? 2   GLU A CG  1 
ATOM   15  C  CD  . GLU A 1 2   ? -15.470 4.382   2.174   1.00 36.06 ? 2   GLU A CD  1 
ATOM   16  O  OE1 . GLU A 1 2   ? -15.245 5.545   1.839   1.00 39.52 ? 2   GLU A OE1 1 
ATOM   17  O  OE2 . GLU A 1 2   ? -16.528 4.029   2.696   1.00 45.92 ? 2   GLU A OE2 1 
ATOM   18  N  N   . GLY A 1 3   ? -11.154 1.810   2.980   1.00 20.41 ? 3   GLY A N   1 
ATOM   19  C  CA  . GLY A 1 3   ? -11.028 0.759   3.955   1.00 23.65 ? 3   GLY A CA  1 
ATOM   20  C  C   . GLY A 1 3   ? -9.787  0.847   4.807   1.00 20.52 ? 3   GLY A C   1 
ATOM   21  O  O   . GLY A 1 3   ? -8.966  1.714   4.634   1.00 20.03 ? 3   GLY A O   1 
ATOM   22  N  N   . VAL A 1 4   ? -9.675  -0.082  5.737   1.00 18.59 ? 4   VAL A N   1 
ATOM   23  C  CA  . VAL A 1 4   ? -8.545  -0.144  6.628   1.00 17.97 ? 4   VAL A CA  1 
ATOM   24  C  C   . VAL A 1 4   ? -7.393  -0.805  5.904   1.00 19.08 ? 4   VAL A C   1 
ATOM   25  O  O   . VAL A 1 4   ? -7.591  -1.754  5.180   1.00 20.71 ? 4   VAL A O   1 
ATOM   26  C  CB  . VAL A 1 4   ? -8.861  -0.987  7.877   1.00 19.61 ? 4   VAL A CB  1 
ATOM   27  C  CG1 . VAL A 1 4   ? -7.652  -1.151  8.740   1.00 24.64 ? 4   VAL A CG1 1 
ATOM   28  C  CG2 . VAL A 1 4   ? -10.020 -0.403  8.651   1.00 24.29 ? 4   VAL A CG2 1 
ATOM   29  N  N   . LEU A 1 5   ? -6.198  -0.285  6.121   1.00 16.23 ? 5   LEU A N   1 
ATOM   30  C  CA  . LEU A 1 5   ? -4.965  -0.950  5.767   1.00 16.52 ? 5   LEU A CA  1 
ATOM   31  C  C   . LEU A 1 5   ? -4.046  -0.724  6.952   1.00 19.35 ? 5   LEU A C   1 
ATOM   32  O  O   . LEU A 1 5   ? -4.121  0.304   7.597   1.00 23.69 ? 5   LEU A O   1 
ATOM   33  C  CB  . LEU A 1 5   ? -4.332  -0.336  4.522   1.00 14.36 ? 5   LEU A CB  1 
ATOM   34  C  CG  . LEU A 1 5   ? -4.956  -0.584  3.160   1.00 18.30 ? 5   LEU A CG  1 
ATOM   35  C  CD1 . LEU A 1 5   ? -4.257  0.232   2.113   1.00 22.85 ? 5   LEU A CD1 1 
ATOM   36  C  CD2 . LEU A 1 5   ? -4.878  -2.034  2.813   1.00 17.99 ? 5   LEU A CD2 1 
ATOM   37  N  N   . TYR A 1 6   ? -3.186  -1.677  7.254   1.00 22.44 ? 6   TYR A N   1 
ATOM   38  C  CA  . TYR A 1 6   ? -2.210  -1.430  8.282   1.00 23.96 ? 6   TYR A CA  1 
ATOM   39  C  C   . TYR A 1 6   ? -1.005  -0.775  7.654   1.00 25.95 ? 6   TYR A C   1 
ATOM   40  O  O   . TYR A 1 6   ? -0.604  -1.137  6.567   1.00 23.01 ? 6   TYR A O   1 
ATOM   41  C  CB  . TYR A 1 6   ? -1.811  -2.717  8.974   1.00 24.32 ? 6   TYR A CB  1 
ATOM   42  C  CG  . TYR A 1 6   ? -2.940  -3.428  9.642   1.00 29.82 ? 6   TYR A CG  1 
ATOM   43  C  CD1 . TYR A 1 6   ? -3.371  -3.054  10.899  1.00 34.86 ? 6   TYR A CD1 1 
ATOM   44  C  CD2 . TYR A 1 6   ? -3.581  -4.467  9.020   1.00 25.73 ? 6   TYR A CD2 1 
ATOM   45  C  CE1 . TYR A 1 6   ? -4.385  -3.693  11.502  1.00 38.73 ? 6   TYR A CE1 1 
ATOM   46  C  CE2 . TYR A 1 6   ? -4.597  -5.114  9.618   1.00 32.37 ? 6   TYR A CE2 1 
ATOM   47  C  CZ  . TYR A 1 6   ? -4.997  -4.725  10.859  1.00 37.20 ? 6   TYR A CZ  1 
ATOM   48  O  OH  . TYR A 1 6   ? -6.021  -5.375  11.446  1.00 39.28 ? 6   TYR A OH  1 
ATOM   49  N  N   . LYS A 1 7   ? -0.443  0.197   8.353   1.00 21.94 ? 7   LYS A N   1 
ATOM   50  C  CA  . LYS A 1 7   ? 0.772   0.860   7.931   1.00 25.18 ? 7   LYS A CA  1 
ATOM   51  C  C   . LYS A 1 7   ? 1.902   0.477   8.859   1.00 24.54 ? 7   LYS A C   1 
ATOM   52  O  O   . LYS A 1 7   ? 1.757   0.548   10.063  1.00 26.48 ? 7   LYS A O   1 
ATOM   53  C  CB  . LYS A 1 7   ? 0.588   2.369   7.954   1.00 31.26 ? 7   LYS A CB  1 
ATOM   54  C  CG  . LYS A 1 7   ? 1.702   3.140   7.292   1.00 39.26 ? 7   LYS A CG  1 
ATOM   55  C  CD  . LYS A 1 7   ? 1.565   4.615   7.560   1.00 51.17 ? 7   LYS A CD  1 
ATOM   56  C  CE  . LYS A 1 7   ? 1.916   5.433   6.347   1.00 53.11 ? 7   LYS A CE  1 
ATOM   57  N  NZ  . LYS A 1 7   ? 0.724   6.075   5.735   1.00 55.30 ? 7   LYS A NZ  1 
ATOM   58  N  N   . TRP A 1 8   ? 3.023   0.059   8.291   1.00 23.01 ? 8   TRP A N   1 
ATOM   59  C  CA  . TRP A 1 8   ? 4.189   -0.285  9.091   1.00 21.39 ? 8   TRP A CA  1 
ATOM   60  C  C   . TRP A 1 8   ? 4.778   0.991   9.671   1.00 23.56 ? 8   TRP A C   1 
ATOM   61  O  O   . TRP A 1 8   ? 5.099   1.914   8.949   1.00 25.03 ? 8   TRP A O   1 
ATOM   62  C  CB  . TRP A 1 8   ? 5.232   -1.049  8.272   1.00 23.10 ? 8   TRP A CB  1 
ATOM   63  C  CG  . TRP A 1 8   ? 6.447   -1.399  9.036   1.00 24.36 ? 8   TRP A CG  1 
ATOM   64  C  CD1 . TRP A 1 8   ? 7.650   -0.789  8.968   1.00 32.44 ? 8   TRP A CD1 1 
ATOM   65  C  CD2 . TRP A 1 8   ? 6.584   -2.441  9.999   1.00 26.79 ? 8   TRP A CD2 1 
ATOM   66  N  NE1 . TRP A 1 8   ? 8.534   -1.382  9.818   1.00 25.41 ? 8   TRP A NE1 1 
ATOM   67  C  CE2 . TRP A 1 8   ? 7.900   -2.400  10.469  1.00 25.12 ? 8   TRP A CE2 1 
ATOM   68  C  CE3 . TRP A 1 8   ? 5.722   -3.404  10.510  1.00 26.12 ? 8   TRP A CE3 1 
ATOM   69  C  CZ2 . TRP A 1 8   ? 8.366   -3.278  11.432  1.00 23.53 ? 8   TRP A CZ2 1 
ATOM   70  C  CZ3 . TRP A 1 8   ? 6.191   -4.276  11.450  1.00 26.05 ? 8   TRP A CZ3 1 
ATOM   71  C  CH2 . TRP A 1 8   ? 7.494   -4.209  11.905  1.00 28.68 ? 8   TRP A CH2 1 
ATOM   72  N  N   . THR A 1 9   ? 4.869   1.041   10.988  1.00 20.70 ? 9   THR A N   1 
ATOM   73  C  CA  . THR A 1 9   ? 5.425   2.191   11.665  1.00 19.57 ? 9   THR A CA  1 
ATOM   74  C  C   . THR A 1 9   ? 6.900   1.947   11.909  1.00 26.02 ? 9   THR A C   1 
ATOM   75  O  O   . THR A 1 9   ? 7.740   2.617   11.364  1.00 34.09 ? 9   THR A O   1 
ATOM   76  C  CB  . THR A 1 9   ? 4.686   2.513   12.989  1.00 29.31 ? 9   THR A CB  1 
ATOM   77  O  OG1 . THR A 1 9   ? 4.640   1.361   13.827  1.00 21.43 ? 9   THR A OG1 1 
ATOM   78  C  CG2 . THR A 1 9   ? 3.279   2.959   12.712  1.00 31.08 ? 9   THR A CG2 1 
ATOM   79  N  N   . ASN A 1 10  ? 7.202   0.960   12.728  1.00 29.50 ? 10  ASN A N   1 
ATOM   80  C  CA  . ASN A 1 10  ? 8.566   0.599   13.037  1.00 22.98 ? 10  ASN A CA  1 
ATOM   81  C  C   . ASN A 1 10  ? 8.586   -0.715  13.804  1.00 23.95 ? 10  ASN A C   1 
ATOM   82  O  O   . ASN A 1 10  ? 7.562   -1.296  14.052  1.00 23.84 ? 10  ASN A O   1 
ATOM   83  C  CB  . ASN A 1 10  ? 9.240   1.701   13.835  1.00 22.85 ? 10  ASN A CB  1 
ATOM   84  C  CG  . ASN A 1 10  ? 8.520   2.000   15.135  1.00 23.68 ? 10  ASN A CG  1 
ATOM   85  O  OD1 . ASN A 1 10  ? 8.327   1.128   15.957  1.00 21.67 ? 10  ASN A OD1 1 
ATOM   86  N  ND2 . ASN A 1 10  ? 8.121   3.242   15.315  1.00 27.86 ? 10  ASN A ND2 1 
ATOM   87  N  N   . TYR A 1 11  ? 9.766   -1.179  14.173  1.00 27.34 ? 11  TYR A N   1 
ATOM   88  C  CA  . TYR A 1 11  ? 9.910   -2.497  14.769  1.00 26.10 ? 11  TYR A CA  1 
ATOM   89  C  C   . TYR A 1 11  ? 9.186   -2.658  16.105  1.00 20.64 ? 11  TYR A C   1 
ATOM   90  O  O   . TYR A 1 11  ? 8.817   -3.758  16.469  1.00 25.18 ? 11  TYR A O   1 
ATOM   91  C  CB  . TYR A 1 11  ? 11.391  -2.864  14.868  1.00 31.70 ? 11  TYR A CB  1 
ATOM   92  C  CG  . TYR A 1 11  ? 11.727  -4.074  15.711  1.00 45.62 ? 11  TYR A CG  1 
ATOM   93  C  CD1 . TYR A 1 11  ? 12.015  -3.938  17.058  1.00 53.47 ? 11  TYR A CD1 1 
ATOM   94  C  CD2 . TYR A 1 11  ? 11.802  -5.341  15.163  1.00 51.60 ? 11  TYR A CD2 1 
ATOM   95  C  CE1 . TYR A 1 11  ? 12.339  -5.014  17.836  1.00 55.26 ? 11  TYR A CE1 1 
ATOM   96  C  CE2 . TYR A 1 11  ? 12.136  -6.436  15.940  1.00 52.78 ? 11  TYR A CE2 1 
ATOM   97  C  CZ  . TYR A 1 11  ? 12.397  -6.260  17.277  1.00 58.04 ? 11  TYR A CZ  1 
ATOM   98  O  OH  . TYR A 1 11  ? 12.721  -7.319  18.083  1.00 60.23 ? 11  TYR A OH  1 
ATOM   99  N  N   . LEU A 1 12  ? 8.982   -1.553  16.814  1.00 22.68 ? 12  LEU A N   1 
ATOM   100 C  CA  . LEU A 1 12  ? 8.337   -1.563  18.131  1.00 24.32 ? 12  LEU A CA  1 
ATOM   101 C  C   . LEU A 1 12  ? 6.820   -1.401  18.074  1.00 25.32 ? 12  LEU A C   1 
ATOM   102 O  O   . LEU A 1 12  ? 6.091   -2.169  18.670  1.00 27.05 ? 12  LEU A O   1 
ATOM   103 C  CB  . LEU A 1 12  ? 8.936   -0.477  19.020  1.00 26.87 ? 12  LEU A CB  1 
ATOM   104 C  CG  . LEU A 1 12  ? 10.319  -0.710  19.617  1.00 28.67 ? 12  LEU A CG  1 
ATOM   105 C  CD1 . LEU A 1 12  ? 10.797  0.532   20.308  1.00 34.08 ? 12  LEU A CD1 1 
ATOM   106 C  CD2 . LEU A 1 12  ? 10.296  -1.852  20.573  1.00 24.83 ? 12  LEU A CD2 1 
ATOM   107 N  N   . THR A 1 13  ? 6.356   -0.391  17.355  1.00 26.84 ? 13  THR A N   1 
ATOM   108 C  CA  . THR A 1 13  ? 4.924   -0.150  17.222  1.00 26.93 ? 13  THR A CA  1 
ATOM   109 C  C   . THR A 1 13  ? 4.288   -0.918  16.066  1.00 24.13 ? 13  THR A C   1 
ATOM   110 O  O   . THR A 1 13  ? 3.092   -1.089  16.027  1.00 22.10 ? 13  THR A O   1 
ATOM   111 C  CB  . THR A 1 13  ? 4.592   1.348   17.116  1.00 19.09 ? 13  THR A CB  1 
ATOM   112 O  OG1 . THR A 1 13  ? 5.404   1.960   16.128  1.00 22.75 ? 13  THR A OG1 1 
ATOM   113 C  CG2 . THR A 1 13  ? 4.839   2.032   18.437  1.00 27.39 ? 13  THR A CG2 1 
ATOM   114 N  N   . GLY A 1 14  ? 5.110   -1.370  15.139  1.00 18.60 ? 14  GLY A N   1 
ATOM   115 C  CA  . GLY A 1 14  ? 4.661   -2.251  14.090  1.00 28.02 ? 14  GLY A CA  1 
ATOM   116 C  C   . GLY A 1 14  ? 3.478   -1.815  13.254  1.00 25.73 ? 14  GLY A C   1 
ATOM   117 O  O   . GLY A 1 14  ? 3.352   -0.676  12.867  1.00 24.62 ? 14  GLY A O   1 
ATOM   118 N  N   . TRP A 1 15  ? 2.619   -2.770  12.949  1.00 24.72 ? 15  TRP A N   1 
ATOM   119 C  CA  . TRP A 1 15  ? 1.498   -2.515  12.075  1.00 21.36 ? 15  TRP A CA  1 
ATOM   120 C  C   . TRP A 1 15  ? 0.431   -1.714  12.793  1.00 22.95 ? 15  TRP A C   1 
ATOM   121 O  O   . TRP A 1 15  ? -0.111  -2.162  13.774  1.00 26.98 ? 15  TRP A O   1 
ATOM   122 C  CB  . TRP A 1 15  ? 0.896   -3.823  11.571  1.00 20.77 ? 15  TRP A CB  1 
ATOM   123 C  CG  . TRP A 1 15  ? 1.782   -4.632  10.686  1.00 18.73 ? 15  TRP A CG  1 
ATOM   124 C  CD1 . TRP A 1 15  ? 2.321   -5.837  10.965  1.00 22.92 ? 15  TRP A CD1 1 
ATOM   125 C  CD2 . TRP A 1 15  ? 2.196   -4.306  9.361   1.00 21.39 ? 15  TRP A CD2 1 
ATOM   126 N  NE1 . TRP A 1 15  ? 3.064   -6.283  9.906   1.00 24.61 ? 15  TRP A NE1 1 
ATOM   127 C  CE2 . TRP A 1 15  ? 2.997   -5.360  8.904   1.00 23.53 ? 15  TRP A CE2 1 
ATOM   128 C  CE3 . TRP A 1 15  ? 1.973   -3.222  8.517   1.00 22.85 ? 15  TRP A CE3 1 
ATOM   129 C  CZ2 . TRP A 1 15  ? 3.580   -5.356  7.650   1.00 23.13 ? 15  TRP A CZ2 1 
ATOM   130 C  CZ3 . TRP A 1 15  ? 2.547   -3.228  7.274   1.00 21.71 ? 15  TRP A CZ3 1 
ATOM   131 C  CH2 . TRP A 1 15  ? 3.338   -4.284  6.850   1.00 19.85 ? 15  TRP A CH2 1 
ATOM   132 N  N   . GLN A 1 16  ? 0.132   -0.534  12.281  1.00 22.21 ? 16  GLN A N   1 
ATOM   133 C  CA  . GLN A 1 16  ? -0.921  0.292   12.847  1.00 25.33 ? 16  GLN A CA  1 
ATOM   134 C  C   . GLN A 1 16  ? -2.021  0.554   11.822  1.00 24.56 ? 16  GLN A C   1 
ATOM   135 O  O   . GLN A 1 16  ? -1.750  0.955   10.713  1.00 26.22 ? 16  GLN A O   1 
ATOM   136 C  CB  . GLN A 1 16  ? -0.343  1.606   13.365  1.00 28.14 ? 16  GLN A CB  1 
ATOM   137 C  CG  . GLN A 1 16  ? 0.506   1.472   14.608  1.00 23.22 ? 16  GLN A CG  1 
ATOM   138 C  CD  . GLN A 1 16  ? -0.237  0.830   15.753  1.00 30.89 ? 16  GLN A CD  1 
ATOM   139 O  OE1 . GLN A 1 16  ? -1.387  1.143   16.009  1.00 26.11 ? 16  GLN A OE1 1 
ATOM   140 N  NE2 . GLN A 1 16  ? 0.412   -0.089  16.428  1.00 23.40 ? 16  GLN A NE2 1 
ATOM   141 N  N   . PRO A 1 17  ? -3.262  0.318   12.214  1.00 27.30 ? 17  PRO A N   1 
ATOM   142 C  CA  . PRO A 1 17  ? -4.394  0.478   11.316  1.00 27.92 ? 17  PRO A CA  1 
ATOM   143 C  C   . PRO A 1 17  ? -4.688  1.938   10.998  1.00 24.63 ? 17  PRO A C   1 
ATOM   144 O  O   . PRO A 1 17  ? -4.671  2.806   11.848  1.00 19.16 ? 17  PRO A O   1 
ATOM   145 C  CB  . PRO A 1 17  ? -5.542  -0.176  12.080  1.00 25.61 ? 17  PRO A CB  1 
ATOM   146 C  CG  . PRO A 1 17  ? -5.155  -0.133  13.464  1.00 34.93 ? 17  PRO A CG  1 
ATOM   147 C  CD  . PRO A 1 17  ? -3.677  -0.206  13.521  1.00 34.62 ? 17  PRO A CD  1 
ATOM   148 N  N   . ARG A 1 18  ? -4.935  2.189   9.727   1.00 18.89 ? 18  ARG A N   1 
ATOM   149 C  CA  . ARG A 1 18  ? -5.345  3.488   9.273   1.00 21.45 ? 18  ARG A CA  1 
ATOM   150 C  C   . ARG A 1 18  ? -6.493  3.316   8.299   1.00 19.07 ? 18  ARG A C   1 
ATOM   151 O  O   . ARG A 1 18  ? -6.683  2.257   7.741   1.00 22.21 ? 18  ARG A O   1 
ATOM   152 C  CB  . ARG A 1 18  ? -4.194  4.221   8.593   1.00 35.97 ? 18  ARG A CB  1 
ATOM   153 C  CG  . ARG A 1 18  ? -3.008  4.501   9.481   1.00 35.28 ? 18  ARG A CG  1 
ATOM   154 C  CD  . ARG A 1 18  ? -3.329  5.580   10.476  1.00 38.12 ? 18  ARG A CD  1 
ATOM   155 N  NE  . ARG A 1 18  ? -2.142  5.971   11.220  1.00 49.00 ? 18  ARG A NE  1 
ATOM   156 C  CZ  . ARG A 1 18  ? -1.785  5.445   12.382  1.00 47.82 ? 18  ARG A CZ  1 
ATOM   157 N  NH1 . ARG A 1 18  ? -2.532  4.524   12.942  1.00 36.20 ? 18  ARG A NH1 1 
ATOM   158 N  NH2 . ARG A 1 18  ? -0.686  5.855   12.982  1.00 52.14 ? 18  ARG A NH2 1 
ATOM   159 N  N   . TRP A 1 19  ? -7.246  4.380   8.112   1.00 19.63 ? 19  TRP A N   1 
ATOM   160 C  CA  . TRP A 1 19  ? -8.343  4.391   7.180   1.00 20.48 ? 19  TRP A CA  1 
ATOM   161 C  C   . TRP A 1 19  ? -7.852  5.036   5.898   1.00 20.44 ? 19  TRP A C   1 
ATOM   162 O  O   . TRP A 1 19  ? -7.404  6.163   5.910   1.00 21.40 ? 19  TRP A O   1 
ATOM   163 C  CB  . TRP A 1 19  ? -9.490  5.200   7.753   1.00 22.89 ? 19  TRP A CB  1 
ATOM   164 C  CG  . TRP A 1 19  ? -10.665 5.260   6.896   1.00 25.79 ? 19  TRP A CG  1 
ATOM   165 C  CD1 . TRP A 1 19  ? -11.054 6.296   6.120   1.00 30.60 ? 19  TRP A CD1 1 
ATOM   166 C  CD2 . TRP A 1 19  ? -11.630 4.240   6.714   1.00 23.81 ? 19  TRP A CD2 1 
ATOM   167 N  NE1 . TRP A 1 19  ? -12.202 5.993   5.467   1.00 25.70 ? 19  TRP A NE1 1 
ATOM   168 C  CE2 . TRP A 1 19  ? -12.582 4.728   5.815   1.00 24.17 ? 19  TRP A CE2 1 
ATOM   169 C  CE3 . TRP A 1 19  ? -11.788 2.957   7.229   1.00 28.30 ? 19  TRP A CE3 1 
ATOM   170 C  CZ2 . TRP A 1 19  ? -13.671 3.983   5.416   1.00 21.19 ? 19  TRP A CZ2 1 
ATOM   171 C  CZ3 . TRP A 1 19  ? -12.881 2.216   6.820   1.00 27.74 ? 19  TRP A CZ3 1 
ATOM   172 C  CH2 . TRP A 1 19  ? -13.801 2.732   5.930   1.00 27.88 ? 19  TRP A CH2 1 
ATOM   173 N  N   . PHE A 1 20  ? -7.938  4.312   4.794   1.00 17.96 ? 20  PHE A N   1 
ATOM   174 C  CA  . PHE A 1 20  ? -7.440  4.820   3.531   1.00 14.93 ? 20  PHE A CA  1 
ATOM   175 C  C   . PHE A 1 20  ? -8.587  5.118   2.587   1.00 19.45 ? 20  PHE A C   1 
ATOM   176 O  O   . PHE A 1 20  ? -9.579  4.431   2.596   1.00 18.65 ? 20  PHE A O   1 
ATOM   177 C  CB  . PHE A 1 20  ? -6.483  3.824   2.890   1.00 11.72 ? 20  PHE A CB  1 
ATOM   178 C  CG  . PHE A 1 20  ? -5.131  3.768   3.539   1.00 25.47 ? 20  PHE A CG  1 
ATOM   179 C  CD1 . PHE A 1 20  ? -4.049  4.404   2.971   1.00 27.74 ? 20  PHE A CD1 1 
ATOM   180 C  CD2 . PHE A 1 20  ? -4.943  3.068   4.704   1.00 24.22 ? 20  PHE A CD2 1 
ATOM   181 C  CE1 . PHE A 1 20  ? -2.810  4.340   3.564   1.00 35.22 ? 20  PHE A CE1 1 
ATOM   182 C  CE2 . PHE A 1 20  ? -3.707  3.006   5.296   1.00 33.73 ? 20  PHE A CE2 1 
ATOM   183 C  CZ  . PHE A 1 20  ? -2.642  3.641   4.731   1.00 26.49 ? 20  PHE A CZ  1 
ATOM   184 N  N   . VAL A 1 21  ? -8.426  6.143   1.770   1.00 15.16 ? 21  VAL A N   1 
ATOM   185 C  CA  . VAL A 1 21  ? -9.442  6.503   0.803   1.00 12.74 ? 21  VAL A CA  1 
ATOM   186 C  C   . VAL A 1 21  ? -8.828  6.876   -0.545  1.00 17.39 ? 21  VAL A C   1 
ATOM   187 O  O   . VAL A 1 21  ? -7.967  7.720   -0.617  1.00 22.30 ? 21  VAL A O   1 
ATOM   188 C  CB  . VAL A 1 21  ? -10.318 7.655   1.308   1.00 16.42 ? 21  VAL A CB  1 
ATOM   189 C  CG1 . VAL A 1 21  ? -11.357 7.993   0.282   1.00 24.42 ? 21  VAL A CG1 1 
ATOM   190 C  CG2 . VAL A 1 21  ? -10.967 7.282   2.630   1.00 27.98 ? 21  VAL A CG2 1 
ATOM   191 N  N   . LEU A 1 22  ? -9.268  6.215   -1.600  1.00 16.81 ? 22  LEU A N   1 
ATOM   192 C  CA  . LEU A 1 22  ? -8.742  6.482   -2.924  1.00 16.80 ? 22  LEU A CA  1 
ATOM   193 C  C   . LEU A 1 22  ? -9.735  7.256   -3.774  1.00 23.08 ? 22  LEU A C   1 
ATOM   194 O  O   . LEU A 1 22  ? -10.846 6.814   -3.999  1.00 22.35 ? 22  LEU A O   1 
ATOM   195 C  CB  . LEU A 1 22  ? -8.336  5.185   -3.624  1.00 20.89 ? 22  LEU A CB  1 
ATOM   196 C  CG  . LEU A 1 22  ? -7.897  5.307   -5.079  1.00 18.80 ? 22  LEU A CG  1 
ATOM   197 C  CD1 . LEU A 1 22  ? -6.521  5.900   -5.189  1.00 15.99 ? 22  LEU A CD1 1 
ATOM   198 C  CD2 . LEU A 1 22  ? -7.947  3.965   -5.770  1.00 21.72 ? 22  LEU A CD2 1 
ATOM   199 N  N   . ASP A 1 23  ? -9.300  8.410   -4.245  1.00 22.97 ? 23  ASP A N   1 
ATOM   200 C  CA  . ASP A 1 23  ? -10.121 9.269   -5.077  1.00 27.43 ? 23  ASP A CA  1 
ATOM   201 C  C   . ASP A 1 23  ? -9.293  10.125  -6.017  1.00 26.84 ? 23  ASP A C   1 
ATOM   202 O  O   . ASP A 1 23  ? -8.324  10.739  -5.614  1.00 24.26 ? 23  ASP A O   1 
ATOM   203 C  CB  . ASP A 1 23  ? -11.000 10.171  -4.219  1.00 33.04 ? 23  ASP A CB  1 
ATOM   204 C  CG  . ASP A 1 23  ? -12.216 9.461   -3.693  1.00 42.94 ? 23  ASP A CG  1 
ATOM   205 O  OD1 . ASP A 1 23  ? -13.057 9.038   -4.502  1.00 44.15 ? 23  ASP A OD1 1 
ATOM   206 O  OD2 . ASP A 1 23  ? -12.335 9.328   -2.469  1.00 41.74 ? 23  ASP A OD2 1 
ATOM   207 N  N   . ASN A 1 24  ? -9.694  10.141  -7.278  1.00 24.01 ? 24  ASN A N   1 
ATOM   208 C  CA  . ASN A 1 24  ? -9.051  10.964  -8.283  1.00 23.79 ? 24  ASN A CA  1 
ATOM   209 C  C   . ASN A 1 24  ? -7.530  10.855  -8.249  1.00 20.75 ? 24  ASN A C   1 
ATOM   210 O  O   . ASN A 1 24  ? -6.822  11.835  -8.353  1.00 23.72 ? 24  ASN A O   1 
ATOM   211 C  CB  . ASN A 1 24  ? -9.505  12.420  -8.156  1.00 27.69 ? 24  ASN A CB  1 
ATOM   212 C  CG  . ASN A 1 24  ? -11.011 12.580  -8.287  1.00 31.76 ? 24  ASN A CG  1 
ATOM   213 O  OD1 . ASN A 1 24  ? -11.525 12.767  -9.368  1.00 33.84 ? 24  ASN A OD1 1 
ATOM   214 N  ND2 . ASN A 1 24  ? -11.709 12.496  -7.183  1.00 27.22 ? 24  ASN A ND2 1 
ATOM   215 N  N   . GLY A 1 25  ? -7.039  9.636   -8.112  1.00 21.58 ? 25  GLY A N   1 
ATOM   216 C  CA  . GLY A 1 25  ? -5.618  9.383   -8.155  1.00 20.23 ? 25  GLY A CA  1 
ATOM   217 C  C   . GLY A 1 25  ? -4.859  9.709   -6.893  1.00 22.00 ? 25  GLY A C   1 
ATOM   218 O  O   . GLY A 1 25  ? -3.650  9.619   -6.868  1.00 27.21 ? 25  GLY A O   1 
ATOM   219 N  N   . ILE A 1 26  ? -5.574  10.082  -5.848  1.00 17.13 ? 26  ILE A N   1 
ATOM   220 C  CA  . ILE A 1 26  ? -4.957  10.407  -4.579  1.00 15.56 ? 26  ILE A CA  1 
ATOM   221 C  C   . ILE A 1 26  ? -5.365  9.398   -3.512  1.00 19.60 ? 26  ILE A C   1 
ATOM   222 O  O   . ILE A 1 26  ? -6.536  9.217   -3.240  1.00 21.14 ? 26  ILE A O   1 
ATOM   223 C  CB  . ILE A 1 26  ? -5.339  11.829  -4.101  1.00 19.85 ? 26  ILE A CB  1 
ATOM   224 C  CG1 . ILE A 1 26  ? -5.074  12.861  -5.192  1.00 28.65 ? 26  ILE A CG1 1 
ATOM   225 C  CG2 . ILE A 1 26  ? -4.596  12.188  -2.846  1.00 24.03 ? 26  ILE A CG2 1 
ATOM   226 C  CD1 . ILE A 1 26  ? -3.625  13.125  -5.453  1.00 32.40 ? 26  ILE A CD1 1 
ATOM   227 N  N   . LEU A 1 27  ? -4.375  8.743   -2.921  1.00 18.89 ? 27  LEU A N   1 
ATOM   228 C  CA  . LEU A 1 27  ? -4.600  7.849   -1.804  1.00 12.19 ? 27  LEU A CA  1 
ATOM   229 C  C   . LEU A 1 27  ? -4.413  8.622   -0.503  1.00 17.84 ? 27  LEU A C   1 
ATOM   230 O  O   . LEU A 1 27  ? -3.323  8.991   -0.174  1.00 24.79 ? 27  LEU A O   1 
ATOM   231 C  CB  . LEU A 1 27  ? -3.623  6.675   -1.854  1.00 18.31 ? 27  LEU A CB  1 
ATOM   232 C  CG  . LEU A 1 27  ? -3.858  5.479   -0.930  1.00 23.98 ? 27  LEU A CG  1 
ATOM   233 C  CD1 . LEU A 1 27  ? -5.242  4.909   -1.010  1.00 19.47 ? 27  LEU A CD1 1 
ATOM   234 C  CD2 . LEU A 1 27  ? -2.824  4.413   -1.108  1.00 22.50 ? 27  LEU A CD2 1 
ATOM   235 N  N   . SER A 1 28  ? -5.501  8.862   0.207   1.00 19.97 ? 28  SER A N   1 
ATOM   236 C  CA  . SER A 1 28  ? -5.480  9.592   1.464   1.00 29.69 ? 28  SER A CA  1 
ATOM   237 C  C   . SER A 1 28  ? -5.626  8.649   2.657   1.00 28.61 ? 28  SER A C   1 
ATOM   238 O  O   . SER A 1 28  ? -6.263  7.620   2.572   1.00 23.01 ? 28  SER A O   1 
ATOM   239 C  CB  . SER A 1 28  ? -6.608  10.620  1.500   1.00 27.90 ? 28  SER A CB  1 
ATOM   240 O  OG  . SER A 1 28  ? -6.479  11.574  0.477   1.00 33.58 ? 28  SER A OG  1 
ATOM   241 N  N   . TYR A 1 29  ? -5.034  9.024   3.776   1.00 26.50 ? 29  TYR A N   1 
ATOM   242 C  CA  . TYR A 1 29  ? -5.039  8.171   4.940   1.00 24.86 ? 29  TYR A CA  1 
ATOM   243 C  C   . TYR A 1 29  ? -5.446  8.950   6.195   1.00 37.32 ? 29  TYR A C   1 
ATOM   244 O  O   . TYR A 1 29  ? -5.007  10.063  6.404   1.00 33.16 ? 29  TYR A O   1 
ATOM   245 C  CB  . TYR A 1 29  ? -3.684  7.473   5.048   1.00 38.68 ? 29  TYR A CB  1 
ATOM   246 C  CG  . TYR A 1 29  ? -2.839  7.844   6.226   1.00 55.72 ? 29  TYR A CG  1 
ATOM   247 C  CD1 . TYR A 1 29  ? -2.994  9.054   6.849   1.00 61.04 ? 29  TYR A CD1 1 
ATOM   248 C  CD2 . TYR A 1 29  ? -1.885  6.972   6.719   1.00 58.36 ? 29  TYR A CD2 1 
ATOM   249 C  CE1 . TYR A 1 29  ? -2.239  9.393   7.926   1.00 70.04 ? 29  TYR A CE1 1 
ATOM   250 C  CE2 . TYR A 1 29  ? -1.121  7.294   7.803   1.00 63.00 ? 29  TYR A CE2 1 
ATOM   251 C  CZ  . TYR A 1 29  ? -1.302  8.515   8.412   1.00 72.82 ? 29  TYR A CZ  1 
ATOM   252 O  OH  . TYR A 1 29  ? -0.556  8.882   9.506   1.00 76.72 ? 29  TYR A OH  1 
ATOM   253 N  N   . TYR A 1 30  ? -6.339  8.374   6.988   1.00 32.53 ? 30  TYR A N   1 
ATOM   254 C  CA  . TYR A 1 30  ? -6.847  9.028   8.180   1.00 28.17 ? 30  TYR A CA  1 
ATOM   255 C  C   . TYR A 1 30  ? -6.676  8.140   9.411   1.00 31.67 ? 30  TYR A C   1 
ATOM   256 O  O   . TYR A 1 30  ? -6.514  6.933   9.305   1.00 23.35 ? 30  TYR A O   1 
ATOM   257 C  CB  . TYR A 1 30  ? -8.317  9.419   8.031   1.00 29.22 ? 30  TYR A CB  1 
ATOM   258 C  CG  . TYR A 1 30  ? -8.752  9.985   6.691   1.00 39.07 ? 30  TYR A CG  1 
ATOM   259 C  CD1 . TYR A 1 30  ? -8.252  9.496   5.494   1.00 33.68 ? 30  TYR A CD1 1 
ATOM   260 C  CD2 . TYR A 1 30  ? -9.703  10.991  6.631   1.00 38.82 ? 30  TYR A CD2 1 
ATOM   261 C  CE1 . TYR A 1 30  ? -8.671  10.022  4.281   1.00 35.97 ? 30  TYR A CE1 1 
ATOM   262 C  CE2 . TYR A 1 30  ? -10.129 11.515  5.431   1.00 40.33 ? 30  TYR A CE2 1 
ATOM   263 C  CZ  . TYR A 1 30  ? -9.616  11.032  4.258   1.00 43.04 ? 30  TYR A CZ  1 
ATOM   264 O  OH  . TYR A 1 30  ? -10.056 11.569  3.069   1.00 42.80 ? 30  TYR A OH  1 
ATOM   265 N  N   . ASP A 1 31  ? -6.690  8.758   10.586  1.00 27.68 ? 31  ASP A N   1 
ATOM   266 C  CA  . ASP A 1 31  ? -6.551  8.014   11.823  1.00 32.17 ? 31  ASP A CA  1 
ATOM   267 C  C   . ASP A 1 31  ? -7.664  6.987   11.901  1.00 33.77 ? 31  ASP A C   1 
ATOM   268 O  O   . ASP A 1 31  ? -7.433  5.844   12.241  1.00 36.61 ? 31  ASP A O   1 
ATOM   269 C  CB  . ASP A 1 31  ? -6.648  8.943   13.026  1.00 36.47 ? 31  ASP A CB  1 
ATOM   270 C  CG  . ASP A 1 31  ? -5.335  9.582   13.379  1.00 50.85 ? 31  ASP A CG  1 
ATOM   271 O  OD1 . ASP A 1 31  ? -5.357  10.606  14.085  1.00 52.53 ? 31  ASP A OD1 1 
ATOM   272 O  OD2 . ASP A 1 31  ? -4.281  9.073   12.968  1.00 56.85 ? 31  ASP A OD2 1 
ATOM   273 N  N   . SER A 1 32  ? -8.870  7.432   11.584  1.00 29.47 ? 32  SER A N   1 
ATOM   274 C  CA  . SER A 1 32  ? -10.079 6.655   11.709  1.00 35.70 ? 32  SER A CA  1 
ATOM   275 C  C   . SER A 1 32  ? -10.980 7.111   10.625  1.00 31.57 ? 32  SER A C   1 
ATOM   276 O  O   . SER A 1 32  ? -10.836 8.190   10.130  1.00 41.81 ? 32  SER A O   1 
ATOM   277 C  CB  . SER A 1 32  ? -10.752 6.943   13.041  1.00 38.78 ? 32  SER A CB  1 
ATOM   278 O  OG  . SER A 1 32  ? -10.132 6.220   14.061  1.00 47.69 ? 32  SER A OG  1 
ATOM   279 N  N   . GLN A 1 33  ? -11.941 6.299   10.264  1.00 34.39 ? 33  GLN A N   1 
ATOM   280 C  CA  . GLN A 1 33  ? -12.887 6.730   9.272   1.00 43.41 ? 33  GLN A CA  1 
ATOM   281 C  C   . GLN A 1 33  ? -13.502 8.075   9.613   1.00 51.70 ? 33  GLN A C   1 
ATOM   282 O  O   . GLN A 1 33  ? -14.412 8.520   8.955   1.00 48.50 ? 33  GLN A O   1 
ATOM   283 C  CB  . GLN A 1 33  ? -13.975 5.707   9.130   1.00 45.99 ? 33  GLN A CB  1 
ATOM   284 C  CG  . GLN A 1 33  ? -15.044 6.077   8.170   1.00 51.28 ? 33  GLN A CG  1 
ATOM   285 C  CD  . GLN A 1 33  ? -16.093 5.006   8.124   1.00 55.24 ? 33  GLN A CD  1 
ATOM   286 O  OE1 . GLN A 1 33  ? -16.043 4.060   8.904   1.00 58.61 ? 33  GLN A OE1 1 
ATOM   287 N  NE2 . GLN A 1 33  ? -17.036 5.130   7.202   1.00 53.06 ? 33  GLN A NE2 1 
ATOM   288 N  N   . ASP A 1 34  ? -13.041 8.695   10.684  1.00 58.89 ? 34  ASP A N   1 
ATOM   289 C  CA  . ASP A 1 34  ? -13.614 9.961   11.110  1.00 55.86 ? 34  ASP A CA  1 
ATOM   290 C  C   . ASP A 1 34  ? -12.577 11.006  11.535  1.00 56.36 ? 34  ASP A C   1 
ATOM   291 O  O   . ASP A 1 34  ? -12.723 11.652  12.565  1.00 65.18 ? 34  ASP A O   1 
ATOM   292 C  CB  . ASP A 1 34  ? -14.650 9.748   12.212  1.00 59.45 ? 34  ASP A CB  1 
ATOM   293 C  CG  . ASP A 1 34  ? -15.480 8.490   12.013  1.00 60.41 ? 34  ASP A CG  1 
ATOM   294 O  OD1 . ASP A 1 34  ? -15.334 7.812   10.968  1.00 59.98 ? 34  ASP A OD1 1 
ATOM   295 O  OD2 . ASP A 1 34  ? -16.267 8.154   12.917  1.00 53.15 ? 34  ASP A OD2 1 
ATOM   296 N  N   . LYS A 1 38  ? -14.041 15.782  8.339   1.00 42.08 ? 38  LYS A N   1 
ATOM   297 C  CA  . LYS A 1 38  ? -13.063 16.506  9.125   1.00 48.54 ? 38  LYS A CA  1 
ATOM   298 C  C   . LYS A 1 38  ? -11.803 16.721  8.308   1.00 47.21 ? 38  LYS A C   1 
ATOM   299 O  O   . LYS A 1 38  ? -11.051 17.655  8.539   1.00 40.40 ? 38  LYS A O   1 
ATOM   300 C  CB  . LYS A 1 38  ? -12.744 15.759  10.415  1.00 51.34 ? 38  LYS A CB  1 
ATOM   301 C  CG  . LYS A 1 38  ? -11.324 15.960  10.919  1.00 56.38 ? 38  LYS A CG  1 
ATOM   302 C  CD  . LYS A 1 38  ? -10.269 15.890  9.797   1.00 54.89 ? 38  LYS A CD  1 
ATOM   303 C  CE  . LYS A 1 38  ? -9.291  17.039  9.885   1.00 51.84 ? 38  LYS A CE  1 
ATOM   304 N  NZ  . LYS A 1 38  ? -7.961  16.714  9.315   1.00 51.47 ? 38  LYS A NZ  1 
ATOM   305 N  N   . GLY A 1 39  ? -11.567 15.844  7.348   1.00 53.74 ? 39  GLY A N   1 
ATOM   306 C  CA  . GLY A 1 39  ? -10.402 15.990  6.504   1.00 51.36 ? 39  GLY A CA  1 
ATOM   307 C  C   . GLY A 1 39  ? -9.251  15.040  6.757   1.00 51.10 ? 39  GLY A C   1 
ATOM   308 O  O   . GLY A 1 39  ? -9.015  14.574  7.856   1.00 54.76 ? 39  GLY A O   1 
ATOM   309 N  N   . SER A 1 40  ? -8.519  14.775  5.691   1.00 47.45 ? 40  SER A N   1 
ATOM   310 C  CA  . SER A 1 40  ? -7.364  13.870  5.705   1.00 45.20 ? 40  SER A CA  1 
ATOM   311 C  C   . SER A 1 40  ? -6.209  14.308  6.592   1.00 46.54 ? 40  SER A C   1 
ATOM   312 O  O   . SER A 1 40  ? -6.056  15.472  6.876   1.00 37.13 ? 40  SER A O   1 
ATOM   313 C  CB  . SER A 1 40  ? -6.819  13.657  4.296   1.00 52.67 ? 40  SER A CB  1 
ATOM   314 O  OG  . SER A 1 40  ? -6.882  14.836  3.525   1.00 53.85 ? 40  SER A OG  1 
ATOM   315 N  N   . LYS A 1 41  ? -5.391  13.356  7.011   1.00 52.50 ? 41  LYS A N   1 
ATOM   316 C  CA  . LYS A 1 41  ? -4.181  13.697  7.744   1.00 59.12 ? 41  LYS A CA  1 
ATOM   317 C  C   . LYS A 1 41  ? -2.992  13.272  6.928   1.00 53.10 ? 41  LYS A C   1 
ATOM   318 O  O   . LYS A 1 41  ? -1.896  13.178  7.441   1.00 55.80 ? 41  LYS A O   1 
ATOM   319 C  CB  . LYS A 1 41  ? -4.099  13.107  9.156   1.00 60.77 ? 41  LYS A CB  1 
ATOM   320 C  CG  . LYS A 1 41  ? -3.497  14.108  10.179  1.00 79.92 ? 41  LYS A CG  1 
ATOM   321 C  CD  . LYS A 1 41  ? -1.970  14.387  9.963   1.00 45.08 ? 41  LYS A CD  1 
ATOM   322 C  CE  . LYS A 1 41  ? -1.646  15.701  9.225   1.00 30.78 ? 41  LYS A CE  1 
ATOM   323 N  NZ  . LYS A 1 41  ? -2.704  16.750  9.339   1.00 43.98 ? 41  LYS A NZ  1 
ATOM   324 N  N   . GLY A 1 42  ? -3.216  13.023  5.648   1.00 48.97 ? 42  GLY A N   1 
ATOM   325 C  CA  . GLY A 1 42  ? -2.125  12.629  4.773   1.00 42.71 ? 42  GLY A CA  1 
ATOM   326 C  C   . GLY A 1 42  ? -2.594  12.085  3.442   1.00 35.39 ? 42  GLY A C   1 
ATOM   327 O  O   . GLY A 1 42  ? -3.734  11.676  3.317   1.00 29.42 ? 42  GLY A O   1 
ATOM   328 N  N   . SER A 1 43  ? -1.706  12.093  2.453   1.00 26.59 ? 43  SER A N   1 
ATOM   329 C  CA  . SER A 1 43  ? -2.033  11.562  1.124   1.00 27.70 ? 43  SER A CA  1 
ATOM   330 C  C   . SER A 1 43  ? -0.868  11.263  0.209   1.00 25.06 ? 43  SER A C   1 
ATOM   331 O  O   . SER A 1 43  ? 0.179   11.794  0.375   1.00 34.81 ? 43  SER A O   1 
ATOM   332 C  CB  . SER A 1 43  ? -3.045  12.472  0.421   1.00 23.46 ? 43  SER A CB  1 
ATOM   333 O  OG  . SER A 1 43  ? -2.506  13.684  0.010   1.00 23.84 ? 43  SER A OG  1 
ATOM   334 N  N   . ILE A 1 44  ? -1.055  10.394  -0.767  1.00 27.98 ? 44  ILE A N   1 
ATOM   335 C  CA  . ILE A 1 44  ? -0.025  10.191  -1.768  1.00 31.02 ? 44  ILE A CA  1 
ATOM   336 C  C   . ILE A 1 44  ? -0.525  10.120  -3.215  1.00 31.22 ? 44  ILE A C   1 
ATOM   337 O  O   . ILE A 1 44  ? -1.585  9.595   -3.489  1.00 24.18 ? 44  ILE A O   1 
ATOM   338 C  CB  . ILE A 1 44  ? 0.898   8.987   -1.488  1.00 37.51 ? 44  ILE A CB  1 
ATOM   339 C  CG1 . ILE A 1 44  ? 0.965   8.076   -2.666  1.00 34.16 ? 44  ILE A CG1 1 
ATOM   340 C  CG2 . ILE A 1 44  ? 0.469   8.170   -0.304  1.00 40.89 ? 44  ILE A CG2 1 
ATOM   341 C  CD1 . ILE A 1 44  ? 1.508   6.837   -2.299  1.00 45.48 ? 44  ILE A CD1 1 
ATOM   342 N  N   . LYS A 1 45  ? 0.287   10.644  -4.116  1.00 28.06 ? 45  LYS A N   1 
ATOM   343 C  CA  . LYS A 1 45  ? -0.004  10.683  -5.537  1.00 29.37 ? 45  LYS A CA  1 
ATOM   344 C  C   . LYS A 1 45  ? 0.281   9.354   -6.203  1.00 21.66 ? 45  LYS A C   1 
ATOM   345 O  O   . LYS A 1 45  ? 1.416   9.007   -6.420  1.00 25.37 ? 45  LYS A O   1 
ATOM   346 C  CB  . LYS A 1 45  ? 0.864   11.757  -6.182  1.00 35.53 ? 45  LYS A CB  1 
ATOM   347 C  CG  . LYS A 1 45  ? 0.337   12.309  -7.455  1.00 32.29 ? 45  LYS A CG  1 
ATOM   348 C  CD  . LYS A 1 45  ? 0.969   13.653  -7.747  1.00 50.50 ? 45  LYS A CD  1 
ATOM   349 C  CE  . LYS A 1 45  ? 0.139   14.815  -7.188  1.00 60.71 ? 45  LYS A CE  1 
ATOM   350 N  NZ  . LYS A 1 45  ? 0.540   15.219  -5.823  1.00 63.02 ? 45  LYS A NZ  1 
HETATM 351 N  N   . MSE A 1 46  ? -0.762  8.612   -6.533  1.00 23.50 ? 46  MSE A N   1 
HETATM 352 C  CA  . MSE A 1 46  ? -0.572  7.307   -7.149  1.00 23.26 ? 46  MSE A CA  1 
HETATM 353 C  C   . MSE A 1 46  ? 0.105   7.358   -8.506  1.00 23.22 ? 46  MSE A C   1 
HETATM 354 O  O   . MSE A 1 46  ? 0.736   6.405   -8.906  1.00 23.83 ? 46  MSE A O   1 
HETATM 355 C  CB  . MSE A 1 46  ? -1.896  6.565   -7.269  1.00 21.17 ? 46  MSE A CB  1 
HETATM 356 C  CG  . MSE A 1 46  ? -2.451  6.080   -5.963  1.00 25.32 ? 46  MSE A CG  1 
HETATM 357 SE SE  . MSE A 1 46  ? -1.159  5.312   -4.757  1.00 34.18 ? 46  MSE A SE  1 
HETATM 358 C  CE  . MSE A 1 46  ? -0.400  3.983   -5.934  1.00 22.86 ? 46  MSE A CE  1 
ATOM   359 N  N   . ALA A 1 47  ? -0.041  8.477   -9.200  1.00 23.89 ? 47  ALA A N   1 
ATOM   360 C  CA  . ALA A 1 47  ? 0.522   8.630   -10.531 1.00 30.26 ? 47  ALA A CA  1 
ATOM   361 C  C   . ALA A 1 47  ? 2.027   8.438   -10.623 1.00 29.39 ? 47  ALA A C   1 
ATOM   362 O  O   . ALA A 1 47  ? 2.532   8.052   -11.660 1.00 35.85 ? 47  ALA A O   1 
ATOM   363 C  CB  . ALA A 1 47  ? 0.129   9.964   -11.111 1.00 30.27 ? 47  ALA A CB  1 
ATOM   364 N  N   . VAL A 1 48  ? 2.737   8.713   -9.542  1.00 20.69 ? 48  VAL A N   1 
ATOM   365 C  CA  . VAL A 1 48  ? 4.187   8.612   -9.528  1.00 25.82 ? 48  VAL A CA  1 
ATOM   366 C  C   . VAL A 1 48  ? 4.670   7.461   -8.664  1.00 30.69 ? 48  VAL A C   1 
ATOM   367 O  O   . VAL A 1 48  ? 5.853   7.266   -8.474  1.00 28.71 ? 48  VAL A O   1 
ATOM   368 C  CB  . VAL A 1 48  ? 4.799   9.911   -8.989  1.00 28.22 ? 48  VAL A CB  1 
ATOM   369 C  CG1 . VAL A 1 48  ? 4.285   11.084  -9.769  1.00 33.10 ? 48  VAL A CG1 1 
ATOM   370 C  CG2 . VAL A 1 48  ? 4.474   10.085  -7.527  1.00 31.17 ? 48  VAL A CG2 1 
ATOM   371 N  N   . CYS A 1 49  ? 3.715   6.707   -8.151  1.00 31.31 ? 49  CYS A N   1 
ATOM   372 C  CA  . CYS A 1 49  ? 3.965   5.621   -7.235  1.00 29.55 ? 49  CYS A CA  1 
ATOM   373 C  C   . CYS A 1 49  ? 4.104   4.256   -7.889  1.00 26.49 ? 49  CYS A C   1 
ATOM   374 O  O   . CYS A 1 49  ? 3.380   3.915   -8.807  1.00 26.90 ? 49  CYS A O   1 
ATOM   375 C  CB  . CYS A 1 49  ? 2.826   5.587   -6.227  1.00 35.02 ? 49  CYS A CB  1 
ATOM   376 S  SG  . CYS A 1 49  ? 3.123   4.643   -4.781  1.00 39.15 ? 49  CYS A SG  1 
ATOM   377 N  N   . GLU A 1 50  ? 5.049   3.481   -7.391  1.00 21.43 ? 50  GLU A N   1 
ATOM   378 C  CA  . GLU A 1 50  ? 5.256   2.123   -7.841  1.00 25.26 ? 50  GLU A CA  1 
ATOM   379 C  C   . GLU A 1 50  ? 4.747   1.235   -6.713  1.00 20.52 ? 50  GLU A C   1 
ATOM   380 O  O   . GLU A 1 50  ? 4.761   1.628   -5.560  1.00 24.69 ? 50  GLU A O   1 
ATOM   381 C  CB  . GLU A 1 50  ? 6.734   1.858   -8.103  1.00 25.47 ? 50  GLU A CB  1 
ATOM   382 C  CG  . GLU A 1 50  ? 7.401   2.945   -8.908  1.00 34.24 ? 50  GLU A CG  1 
ATOM   383 C  CD  . GLU A 1 50  ? 8.763   2.547   -9.402  1.00 40.36 ? 50  GLU A CD  1 
ATOM   384 O  OE1 . GLU A 1 50  ? 9.419   1.750   -8.719  1.00 42.50 ? 50  GLU A OE1 1 
ATOM   385 O  OE2 . GLU A 1 50  ? 9.170   3.034   -10.466 1.00 39.48 ? 50  GLU A OE2 1 
ATOM   386 N  N   . ILE A 1 51  ? 4.289   0.049   -7.045  1.00 17.60 ? 51  ILE A N   1 
ATOM   387 C  CA  . ILE A 1 51  ? 3.793   -0.863  -6.034  1.00 15.75 ? 51  ILE A CA  1 
ATOM   388 C  C   . ILE A 1 51  ? 4.552   -2.180  -6.082  1.00 25.40 ? 51  ILE A C   1 
ATOM   389 O  O   . ILE A 1 51  ? 4.616   -2.827  -7.108  1.00 22.94 ? 51  ILE A O   1 
ATOM   390 C  CB  . ILE A 1 51  ? 2.298   -1.155  -6.195  1.00 17.70 ? 51  ILE A CB  1 
ATOM   391 C  CG1 . ILE A 1 51  ? 1.514   0.134   -6.365  1.00 21.93 ? 51  ILE A CG1 1 
ATOM   392 C  CG2 . ILE A 1 51  ? 1.795   -1.923  -5.004  1.00 20.06 ? 51  ILE A CG2 1 
ATOM   393 C  CD1 . ILE A 1 51  ? 0.106   -0.081  -6.764  1.00 32.19 ? 51  ILE A CD1 1 
ATOM   394 N  N   . LYS A 1 52  ? 5.120   -2.569  -4.955  1.00 22.27 ? 52  LYS A N   1 
ATOM   395 C  CA  . LYS A 1 52  ? 5.873   -3.802  -4.893  1.00 26.72 ? 52  LYS A CA  1 
ATOM   396 C  C   . LYS A 1 52  ? 5.184   -4.854  -4.044  1.00 18.60 ? 52  LYS A C   1 
ATOM   397 O  O   . LYS A 1 52  ? 4.698   -4.575  -2.974  1.00 17.11 ? 52  LYS A O   1 
ATOM   398 C  CB  . LYS A 1 52  ? 7.279   -3.545  -4.377  1.00 33.03 ? 52  LYS A CB  1 
ATOM   399 C  CG  . LYS A 1 52  ? 8.134   -4.765  -4.335  1.00 34.25 ? 52  LYS A CG  1 
ATOM   400 C  CD  . LYS A 1 52  ? 9.558   -4.425  -4.005  1.00 26.49 ? 52  LYS A CD  1 
ATOM   401 C  CE  . LYS A 1 52  ? 10.346  -5.682  -3.746  1.00 35.24 ? 52  LYS A CE  1 
ATOM   402 N  NZ  . LYS A 1 52  ? 11.709  -5.408  -3.250  1.00 45.19 ? 52  LYS A NZ  1 
ATOM   403 N  N   . VAL A 1 53  ? 5.161   -6.070  -4.559  1.00 17.20 ? 53  VAL A N   1 
ATOM   404 C  CA  . VAL A 1 53  ? 4.542   -7.187  -3.876  1.00 16.72 ? 53  VAL A CA  1 
ATOM   405 C  C   . VAL A 1 53  ? 5.393   -8.446  -3.975  1.00 28.48 ? 53  VAL A C   1 
ATOM   406 O  O   . VAL A 1 53  ? 5.859   -8.782  -5.046  1.00 32.28 ? 53  VAL A O   1 
ATOM   407 C  CB  . VAL A 1 53  ? 3.196   -7.515  -4.497  1.00 26.41 ? 53  VAL A CB  1 
ATOM   408 C  CG1 . VAL A 1 53  ? 2.694   -8.807  -3.980  1.00 32.97 ? 53  VAL A CG1 1 
ATOM   409 C  CG2 . VAL A 1 53  ? 2.209   -6.405  -4.263  1.00 26.42 ? 53  VAL A CG2 1 
ATOM   410 N  N   . HIS A 1 54  ? 5.572   -9.134  -2.860  1.00 21.52 ? 54  HIS A N   1 
ATOM   411 C  CA  . HIS A 1 54  ? 6.347   -10.361 -2.817  1.00 24.18 ? 54  HIS A CA  1 
ATOM   412 C  C   . HIS A 1 54  ? 5.452   -11.572 -3.002  1.00 22.58 ? 54  HIS A C   1 
ATOM   413 O  O   . HIS A 1 54  ? 4.397   -11.661 -2.412  1.00 28.59 ? 54  HIS A O   1 
ATOM   414 C  CB  . HIS A 1 54  ? 7.129   -10.466 -1.510  1.00 28.97 ? 54  HIS A CB  1 
ATOM   415 C  CG  . HIS A 1 54  ? 8.154   -9.395  -1.338  1.00 30.64 ? 54  HIS A CG  1 
ATOM   416 N  ND1 . HIS A 1 54  ? 7.881   -8.207  -0.706  1.00 37.74 ? 54  HIS A ND1 1 
ATOM   417 C  CD2 . HIS A 1 54  ? 9.442   -9.324  -1.733  1.00 36.31 ? 54  HIS A CD2 1 
ATOM   418 C  CE1 . HIS A 1 54  ? 8.960   -7.451  -0.708  1.00 41.27 ? 54  HIS A CE1 1 
ATOM   419 N  NE2 . HIS A 1 54  ? 9.923   -8.108  -1.324  1.00 45.12 ? 54  HIS A NE2 1 
ATOM   420 N  N   . SER A 1 55  ? 5.884   -12.499 -3.843  1.00 18.95 ? 55  SER A N   1 
ATOM   421 C  CA  . SER A 1 55  ? 5.118   -13.696 -4.117  1.00 23.86 ? 55  SER A CA  1 
ATOM   422 C  C   . SER A 1 55  ? 4.817   -14.488 -2.860  1.00 24.29 ? 55  SER A C   1 
ATOM   423 O  O   . SER A 1 55  ? 3.824   -15.185 -2.798  1.00 37.35 ? 55  SER A O   1 
ATOM   424 C  CB  . SER A 1 55  ? 5.846   -14.590 -5.122  1.00 24.47 ? 55  SER A CB  1 
ATOM   425 O  OG  . SER A 1 55  ? 5.655   -14.121 -6.432  1.00 38.12 ? 55  SER A OG  1 
ATOM   426 N  N   . ALA A 1 56  ? 5.687   -14.370 -1.869  1.00 31.49 ? 56  ALA A N   1 
ATOM   427 C  CA  . ALA A 1 56  ? 5.557   -15.089 -0.612  1.00 42.30 ? 56  ALA A CA  1 
ATOM   428 C  C   . ALA A 1 56  ? 4.435   -14.612 0.306   1.00 50.07 ? 56  ALA A C   1 
ATOM   429 O  O   . ALA A 1 56  ? 3.905   -15.402 1.071   1.00 50.12 ? 56  ALA A O   1 
ATOM   430 C  CB  . ALA A 1 56  ? 6.856   -15.047 0.138   1.00 48.37 ? 56  ALA A CB  1 
ATOM   431 N  N   . ASP A 1 57  ? 4.004   -13.421 -0.002  1.00 45.06 ? 57  ASP A N   1 
ATOM   432 C  CA  . ASP A 1 57  ? 3.088   -13.011 1.055   1.00 41.95 ? 57  ASP A CA  1 
ATOM   433 C  C   . ASP A 1 57  ? 1.777   -12.486 0.490   1.00 34.65 ? 57  ASP A C   1 
ATOM   434 O  O   . ASP A 1 57  ? 1.764   -11.798 -0.505  1.00 33.84 ? 57  ASP A O   1 
ATOM   435 C  CB  . ASP A 1 57  ? 3.755   -11.981 1.972   1.00 51.02 ? 57  ASP A CB  1 
ATOM   436 C  CG  . ASP A 1 57  ? 2.882   -11.583 3.156   1.00 63.17 ? 57  ASP A CG  1 
ATOM   437 O  OD1 . ASP A 1 57  ? 1.762   -12.113 3.292   1.00 70.48 ? 57  ASP A OD1 1 
ATOM   438 O  OD2 . ASP A 1 57  ? 3.301   -10.731 3.956   1.00 67.78 ? 57  ASP A OD2 1 
ATOM   439 N  N   . ASN A 1 58  ? 0.653   -12.641 0.897   1.00 26.00 ? 58  ASN A N   1 
ATOM   440 C  CA  . ASN A 1 58  ? -0.620  -12.352 0.250   1.00 23.73 ? 58  ASN A CA  1 
ATOM   441 C  C   . ASN A 1 58  ? -1.353  -11.084 0.695   1.00 21.28 ? 58  ASN A C   1 
ATOM   442 O  O   . ASN A 1 58  ? -2.318  -10.690 0.073   1.00 27.59 ? 58  ASN A O   1 
ATOM   443 C  CB  . ASN A 1 58  ? -1.556  -13.532 0.452   1.00 37.51 ? 58  ASN A CB  1 
ATOM   444 C  CG  . ASN A 1 58  ? -1.322  -14.632 -0.540  1.00 49.08 ? 58  ASN A CG  1 
ATOM   445 O  OD1 . ASN A 1 58  ? -0.952  -14.389 -1.681  1.00 50.66 ? 58  ASN A OD1 1 
ATOM   446 N  ND2 . ASN A 1 58  ? -1.545  -15.853 -0.113  1.00 51.93 ? 58  ASN A ND2 1 
ATOM   447 N  N   . THR A 1 59  ? -0.883  -10.494 1.785   1.00 25.56 ? 59  THR A N   1 
ATOM   448 C  CA  . THR A 1 59  ? -1.497  -9.305  2.357   1.00 25.29 ? 59  THR A CA  1 
ATOM   449 C  C   . THR A 1 59  ? -0.624  -8.045  2.318   1.00 21.93 ? 59  THR A C   1 
ATOM   450 O  O   . THR A 1 59  ? -1.136  -6.944  2.295   1.00 17.94 ? 59  THR A O   1 
ATOM   451 C  CB  . THR A 1 59  ? -1.951  -9.567  3.803   1.00 29.00 ? 59  THR A CB  1 
ATOM   452 O  OG1 . THR A 1 59  ? -0.817  -9.863  4.611   1.00 30.67 ? 59  THR A OG1 1 
ATOM   453 C  CG2 . THR A 1 59  ? -2.907  -10.732 3.860   1.00 24.05 ? 59  THR A CG2 1 
ATOM   454 N  N   . ARG A 1 60  ? 0.687   -8.220  2.308   1.00 20.09 ? 60  ARG A N   1 
ATOM   455 C  CA  . ARG A 1 60  ? 1.590   -7.088  2.293   1.00 23.85 ? 60  ARG A CA  1 
ATOM   456 C  C   . ARG A 1 60  ? 1.868   -6.508  0.911   1.00 19.69 ? 60  ARG A C   1 
ATOM   457 O  O   . ARG A 1 60  ? 1.888   -7.211  -0.071  1.00 21.31 ? 60  ARG A O   1 
ATOM   458 C  CB  . ARG A 1 60  ? 2.911   -7.456  2.958   1.00 30.97 ? 60  ARG A CB  1 
ATOM   459 C  CG  . ARG A 1 60  ? 2.784   -7.865  4.398   1.00 28.13 ? 60  ARG A CG  1 
ATOM   460 C  CD  . ARG A 1 60  ? 4.107   -8.297  4.971   1.00 35.56 ? 60  ARG A CD  1 
ATOM   461 N  NE  . ARG A 1 60  ? 5.216   -7.486  4.487   1.00 50.96 ? 60  ARG A NE  1 
ATOM   462 C  CZ  . ARG A 1 60  ? 6.471   -7.628  4.889   1.00 53.92 ? 60  ARG A CZ  1 
ATOM   463 N  NH1 . ARG A 1 60  ? 7.416   -6.846  4.397   1.00 55.70 ? 60  ARG A NH1 1 
ATOM   464 N  NH2 . ARG A 1 60  ? 6.779   -8.555  5.781   1.00 48.90 ? 60  ARG A NH2 1 
HETATM 465 N  N   . MSE A 1 61  ? 2.094   -5.205  0.873   1.00 19.02 ? 61  MSE A N   1 
HETATM 466 C  CA  . MSE A 1 61  ? 2.441   -4.498  -0.344  1.00 17.61 ? 61  MSE A CA  1 
HETATM 467 C  C   . MSE A 1 61  ? 3.252   -3.277  0.057   1.00 23.34 ? 61  MSE A C   1 
HETATM 468 O  O   . MSE A 1 61  ? 3.154   -2.824  1.182   1.00 26.45 ? 61  MSE A O   1 
HETATM 469 C  CB  . MSE A 1 61  ? 1.217   -4.131  -1.182  1.00 15.61 ? 61  MSE A CB  1 
HETATM 470 C  CG  . MSE A 1 61  ? 0.272   -3.106  -0.593  1.00 25.37 ? 61  MSE A CG  1 
HETATM 471 SE SE  . MSE A 1 61  ? -1.285  -2.753  -1.709  1.00 43.87 ? 61  MSE A SE  1 
HETATM 472 C  CE  . MSE A 1 61  ? -2.690  -3.050  -0.415  1.00 50.73 ? 61  MSE A CE  1 
ATOM   473 N  N   . GLU A 1 62  ? 4.086   -2.791  -0.848  1.00 20.15 ? 62  GLU A N   1 
ATOM   474 C  CA  . GLU A 1 62  ? 4.937   -1.644  -0.577  1.00 24.50 ? 62  GLU A CA  1 
ATOM   475 C  C   . GLU A 1 62  ? 4.706   -0.542  -1.606  1.00 26.01 ? 62  GLU A C   1 
ATOM   476 O  O   . GLU A 1 62  ? 4.708   -0.795  -2.797  1.00 24.73 ? 62  GLU A O   1 
ATOM   477 C  CB  . GLU A 1 62  ? 6.416   -2.059  -0.541  1.00 23.49 ? 62  GLU A CB  1 
ATOM   478 C  CG  . GLU A 1 62  ? 7.397   -0.906  -0.447  1.00 36.77 ? 62  GLU A CG  1 
ATOM   479 C  CD  . GLU A 1 62  ? 8.868   -1.340  -0.439  1.00 42.90 ? 62  GLU A CD  1 
ATOM   480 O  OE1 . GLU A 1 62  ? 9.147   -2.543  -0.507  1.00 42.91 ? 62  GLU A OE1 1 
ATOM   481 O  OE2 . GLU A 1 62  ? 9.745   -0.468  -0.354  1.00 40.84 ? 62  GLU A OE2 1 
ATOM   482 N  N   . LEU A 1 63  ? 4.486   0.673   -1.123  1.00 20.44 ? 63  LEU A N   1 
ATOM   483 C  CA  . LEU A 1 63  ? 4.285   1.819   -1.979  1.00 19.28 ? 63  LEU A CA  1 
ATOM   484 C  C   . LEU A 1 63  ? 5.611   2.550   -2.027  1.00 25.90 ? 63  LEU A C   1 
ATOM   485 O  O   . LEU A 1 63  ? 6.155   2.929   -1.008  1.00 29.96 ? 63  LEU A O   1 
ATOM   486 C  CB  . LEU A 1 63  ? 3.197   2.736   -1.434  1.00 23.29 ? 63  LEU A CB  1 
ATOM   487 C  CG  . LEU A 1 63  ? 1.763   2.215   -1.394  1.00 32.04 ? 63  LEU A CG  1 
ATOM   488 C  CD1 . LEU A 1 63  ? 0.807   3.279   -0.931  1.00 32.33 ? 63  LEU A CD1 1 
ATOM   489 C  CD2 . LEU A 1 63  ? 1.356   1.706   -2.719  1.00 27.92 ? 63  LEU A CD2 1 
ATOM   490 N  N   . ILE A 1 64  ? 6.128   2.728   -3.226  1.00 24.28 ? 64  ILE A N   1 
ATOM   491 C  CA  . ILE A 1 64  ? 7.402   3.377   -3.419  1.00 20.69 ? 64  ILE A CA  1 
ATOM   492 C  C   . ILE A 1 64  ? 7.332   4.540   -4.368  1.00 20.05 ? 64  ILE A C   1 
ATOM   493 O  O   . ILE A 1 64  ? 6.945   4.389   -5.500  1.00 23.52 ? 64  ILE A O   1 
ATOM   494 C  CB  . ILE A 1 64  ? 8.403   2.425   -4.057  1.00 29.16 ? 64  ILE A CB  1 
ATOM   495 C  CG1 . ILE A 1 64  ? 8.640   1.209   -3.177  1.00 30.76 ? 64  ILE A CG1 1 
ATOM   496 C  CG2 . ILE A 1 64  ? 9.688   3.149   -4.349  1.00 34.86 ? 64  ILE A CG2 1 
ATOM   497 C  CD1 . ILE A 1 64  ? 9.240   0.089   -3.921  1.00 28.22 ? 64  ILE A CD1 1 
ATOM   498 N  N   . ILE A 1 65  ? 7.732   5.701   -3.902  1.00 24.10 ? 65  ILE A N   1 
ATOM   499 C  CA  . ILE A 1 65  ? 7.790   6.854   -4.761  1.00 30.15 ? 65  ILE A CA  1 
ATOM   500 C  C   . ILE A 1 65  ? 9.270   7.058   -5.032  1.00 34.74 ? 65  ILE A C   1 
ATOM   501 O  O   . ILE A 1 65  ? 9.983   7.576   -4.199  1.00 35.16 ? 65  ILE A O   1 
ATOM   502 C  CB  . ILE A 1 65  ? 7.157   8.081   -4.118  1.00 33.55 ? 65  ILE A CB  1 
ATOM   503 C  CG1 . ILE A 1 65  ? 5.659   7.877   -3.973  1.00 32.81 ? 65  ILE A CG1 1 
ATOM   504 C  CG2 . ILE A 1 65  ? 7.398   9.296   -4.960  1.00 33.43 ? 65  ILE A CG2 1 
ATOM   505 C  CD1 . ILE A 1 65  ? 4.926   9.115   -3.605  1.00 31.97 ? 65  ILE A CD1 1 
ATOM   506 N  N   . PRO A 1 66  ? 9.723   6.602   -6.193  1.00 37.83 ? 66  PRO A N   1 
ATOM   507 C  CA  . PRO A 1 66  ? 11.135  6.692   -6.551  1.00 38.84 ? 66  PRO A CA  1 
ATOM   508 C  C   . PRO A 1 66  ? 11.711  8.091   -6.358  1.00 35.86 ? 66  PRO A C   1 
ATOM   509 O  O   . PRO A 1 66  ? 11.212  9.072   -6.890  1.00 31.84 ? 66  PRO A O   1 
ATOM   510 C  CB  . PRO A 1 66  ? 11.149  6.305   -8.030  1.00 37.28 ? 66  PRO A CB  1 
ATOM   511 C  CG  . PRO A 1 66  ? 9.843   5.694   -8.298  1.00 37.11 ? 66  PRO A CG  1 
ATOM   512 C  CD  . PRO A 1 66  ? 8.894   6.360   -7.379  1.00 39.02 ? 66  PRO A CD  1 
ATOM   513 N  N   . GLY A 1 67  ? 12.773  8.150   -5.574  1.00 42.36 ? 67  GLY A N   1 
ATOM   514 C  CA  . GLY A 1 67  ? 13.458  9.390   -5.290  1.00 43.88 ? 67  GLY A CA  1 
ATOM   515 C  C   . GLY A 1 67  ? 12.917  10.138  -4.100  1.00 46.72 ? 67  GLY A C   1 
ATOM   516 O  O   . GLY A 1 67  ? 13.544  11.073  -3.619  1.00 48.96 ? 67  GLY A O   1 
ATOM   517 N  N   . GLU A 1 68  ? 11.740  9.737   -3.642  1.00 41.90 ? 68  GLU A N   1 
ATOM   518 C  CA  . GLU A 1 68  ? 11.096  10.387  -2.523  1.00 37.50 ? 68  GLU A CA  1 
ATOM   519 C  C   . GLU A 1 68  ? 11.023  9.501   -1.297  1.00 37.73 ? 68  GLU A C   1 
ATOM   520 O  O   . GLU A 1 68  ? 11.674  9.775   -0.308  1.00 35.66 ? 68  GLU A O   1 
ATOM   521 C  CB  . GLU A 1 68  ? 9.697   10.850  -2.910  1.00 40.03 ? 68  GLU A CB  1 
ATOM   522 C  CG  . GLU A 1 68  ? 9.109   11.865  -1.977  1.00 43.34 ? 68  GLU A CG  1 
ATOM   523 C  CD  . GLU A 1 68  ? 7.829   12.451  -2.491  1.00 44.69 ? 68  GLU A CD  1 
ATOM   524 O  OE1 . GLU A 1 68  ? 7.153   13.155  -1.730  1.00 49.78 ? 68  GLU A OE1 1 
ATOM   525 O  OE2 . GLU A 1 68  ? 7.492   12.206  -3.652  1.00 46.15 ? 68  GLU A OE2 1 
ATOM   526 N  N   . GLN A 1 69  ? 10.226  8.443   -1.353  1.00 33.77 ? 69  GLN A N   1 
ATOM   527 C  CA  . GLN A 1 69  ? 10.084  7.572   -0.196  1.00 40.21 ? 69  GLN A CA  1 
ATOM   528 C  C   . GLN A 1 69  ? 9.582   6.146   -0.457  1.00 36.70 ? 69  GLN A C   1 
ATOM   529 O  O   . GLN A 1 69  ? 9.192   5.801   -1.563  1.00 27.78 ? 69  GLN A O   1 
ATOM   530 C  CB  . GLN A 1 69  ? 9.164   8.242   0.815   1.00 47.07 ? 69  GLN A CB  1 
ATOM   531 C  CG  . GLN A 1 69  ? 7.729   8.197   0.426   1.00 53.95 ? 69  GLN A CG  1 
ATOM   532 C  CD  . GLN A 1 69  ? 6.937   9.303   1.053   1.00 61.88 ? 69  GLN A CD  1 
ATOM   533 O  OE1 . GLN A 1 69  ? 6.485   9.191   2.182   1.00 63.50 ? 69  GLN A OE1 1 
ATOM   534 N  NE2 . GLN A 1 69  ? 6.764   10.378  0.327   1.00 64.07 ? 69  GLN A NE2 1 
ATOM   535 N  N   . HIS A 1 70  ? 9.570   5.342   0.589   1.00 36.01 ? 70  HIS A N   1 
ATOM   536 C  CA  . HIS A 1 70  ? 9.018   4.009   0.493   1.00 41.18 ? 70  HIS A CA  1 
ATOM   537 C  C   . HIS A 1 70  ? 8.223   3.734   1.742   1.00 39.63 ? 70  HIS A C   1 
ATOM   538 O  O   . HIS A 1 70  ? 8.509   4.257   2.800   1.00 46.51 ? 70  HIS A O   1 
ATOM   539 C  CB  . HIS A 1 70  ? 10.047  2.923   0.181   1.00 52.08 ? 70  HIS A CB  1 
ATOM   540 C  CG  . HIS A 1 70  ? 11.144  2.804   1.179   1.00 64.86 ? 70  HIS A CG  1 
ATOM   541 N  ND1 . HIS A 1 70  ? 12.332  2.168   0.893   1.00 71.96 ? 70  HIS A ND1 1 
ATOM   542 C  CD2 . HIS A 1 70  ? 11.242  3.232   2.456   1.00 74.11 ? 70  HIS A CD2 1 
ATOM   543 C  CE1 . HIS A 1 70  ? 13.116  2.210   1.955   1.00 74.98 ? 70  HIS A CE1 1 
ATOM   544 N  NE2 . HIS A 1 70  ? 12.479  2.851   2.918   1.00 77.82 ? 70  HIS A NE2 1 
ATOM   545 N  N   . PHE A 1 71  ? 6.856   3.104   1.537   1.00 27.51 ? 71  PHE A N   1 
ATOM   546 C  CA  . PHE A 1 71  ? 6.282   2.481   2.713   1.00 31.60 ? 71  PHE A CA  1 
ATOM   547 C  C   . PHE A 1 71  ? 5.675   1.099   2.476   1.00 31.89 ? 71  PHE A C   1 
ATOM   548 O  O   . PHE A 1 71  ? 5.173   0.789   1.417   1.00 28.36 ? 71  PHE A O   1 
ATOM   549 C  CB  . PHE A 1 71  ? 5.490   3.440   3.590   1.00 42.49 ? 71  PHE A CB  1 
ATOM   550 C  CG  . PHE A 1 71  ? 4.349   4.108   2.924   1.00 41.41 ? 71  PHE A CG  1 
ATOM   551 C  CD1 . PHE A 1 71  ? 3.119   3.507   2.911   1.00 45.96 ? 71  PHE A CD1 1 
ATOM   552 C  CD2 . PHE A 1 71  ? 4.519   5.279   2.233   1.00 43.74 ? 71  PHE A CD2 1 
ATOM   553 C  CE1 . PHE A 1 71  ? 2.081   4.084   2.273   1.00 45.84 ? 71  PHE A CE1 1 
ATOM   554 C  CE2 . PHE A 1 71  ? 3.464   5.864   1.581   1.00 49.59 ? 71  PHE A CE2 1 
ATOM   555 C  CZ  . PHE A 1 71  ? 2.246   5.263   1.604   1.00 46.46 ? 71  PHE A CZ  1 
ATOM   556 N  N   . TYR A 1 72  ? 5.403   0.611   3.686   1.00 25.44 ? 72  TYR A N   1 
ATOM   557 C  CA  . TYR A 1 72  ? 4.936   -0.748  3.745   1.00 27.36 ? 72  TYR A CA  1 
ATOM   558 C  C   . TYR A 1 72  ? 3.555   -0.828  4.369   1.00 27.72 ? 72  TYR A C   1 
ATOM   559 O  O   . TYR A 1 72  ? 3.315   -0.338  5.431   1.00 27.89 ? 72  TYR A O   1 
ATOM   560 C  CB  . TYR A 1 72  ? 5.908   -1.648  4.511   1.00 28.32 ? 72  TYR A CB  1 
ATOM   561 C  CG  . TYR A 1 72  ? 7.339   -1.672  4.000   1.00 32.05 ? 72  TYR A CG  1 
ATOM   562 C  CD1 . TYR A 1 72  ? 7.784   -2.645  3.108   1.00 34.14 ? 72  TYR A CD1 1 
ATOM   563 C  CD2 . TYR A 1 72  ? 8.251   -0.744  4.431   1.00 35.32 ? 72  TYR A CD2 1 
ATOM   564 C  CE1 . TYR A 1 72  ? 9.085   -2.656  2.668   1.00 34.91 ? 72  TYR A CE1 1 
ATOM   565 C  CE2 . TYR A 1 72  ? 9.530   -0.750  3.995   1.00 41.80 ? 72  TYR A CE2 1 
ATOM   566 C  CZ  . TYR A 1 72  ? 9.949   -1.691  3.119   1.00 44.91 ? 72  TYR A CZ  1 
ATOM   567 O  OH  . TYR A 1 72  ? 11.252  -1.645  2.725   1.00 50.82 ? 72  TYR A OH  1 
HETATM 568 N  N   . MSE A 1 73  ? 2.652   -1.448  3.624   1.00 19.20 ? 73  MSE A N   1 
HETATM 569 C  CA  . MSE A 1 73  ? 1.264   -1.639  3.999   1.00 19.15 ? 73  MSE A CA  1 
HETATM 570 C  C   . MSE A 1 73  ? 0.883   -3.099  4.077   1.00 26.15 ? 73  MSE A C   1 
HETATM 571 O  O   . MSE A 1 73  ? 1.571   -3.959  3.569   1.00 25.11 ? 73  MSE A O   1 
HETATM 572 C  CB  . MSE A 1 73  ? 0.371   -1.008  2.960   1.00 20.51 ? 73  MSE A CB  1 
HETATM 573 C  CG  . MSE A 1 73  ? 0.970   0.188   2.346   1.00 33.51 ? 73  MSE A CG  1 
HETATM 574 SE SE  . MSE A 1 73  ? 0.888   1.557   3.655   1.00 81.82 ? 73  MSE A SE  1 
HETATM 575 C  CE  . MSE A 1 73  ? -0.355  2.639   2.682   1.00 61.18 ? 73  MSE A CE  1 
ATOM   576 N  N   . LYS A 1 74  ? -0.250  -3.360  4.702   1.00 23.76 ? 74  LYS A N   1 
ATOM   577 C  CA  . LYS A 1 74  ? -0.755  -4.708  4.831   1.00 24.85 ? 74  LYS A CA  1 
ATOM   578 C  C   . LYS A 1 74  ? -2.260  -4.662  4.889   1.00 28.64 ? 74  LYS A C   1 
ATOM   579 O  O   . LYS A 1 74  ? -2.812  -3.961  5.709   1.00 24.77 ? 74  LYS A O   1 
ATOM   580 C  CB  . LYS A 1 74  ? -0.209  -5.343  6.094   1.00 33.36 ? 74  LYS A CB  1 
ATOM   581 C  CG  . LYS A 1 74  ? -0.660  -6.745  6.335   1.00 37.74 ? 74  LYS A CG  1 
ATOM   582 C  CD  . LYS A 1 74  ? 0.211   -7.409  7.358   1.00 37.95 ? 74  LYS A CD  1 
ATOM   583 C  CE  . LYS A 1 74  ? -0.585  -8.334  8.234   1.00 46.83 ? 74  LYS A CE  1 
ATOM   584 N  NZ  . LYS A 1 74  ? -0.168  -9.738  8.063   1.00 47.63 ? 74  LYS A NZ  1 
ATOM   585 N  N   . ALA A 1 75  ? -2.922  -5.401  4.009   1.00 18.64 ? 75  ALA A N   1 
ATOM   586 C  CA  . ALA A 1 75  ? -4.371  -5.419  3.995   1.00 22.01 ? 75  ALA A CA  1 
ATOM   587 C  C   . ALA A 1 75  ? -4.883  -6.337  5.078   1.00 24.65 ? 75  ALA A C   1 
ATOM   588 O  O   . ALA A 1 75  ? -4.148  -7.114  5.634   1.00 28.67 ? 75  ALA A O   1 
ATOM   589 C  CB  . ALA A 1 75  ? -4.888  -5.852  2.658   1.00 21.61 ? 75  ALA A CB  1 
ATOM   590 N  N   . VAL A 1 76  ? -6.166  -6.228  5.367   1.00 25.18 ? 76  VAL A N   1 
ATOM   591 C  CA  . VAL A 1 76  ? -6.793  -7.044  6.383   1.00 23.70 ? 76  VAL A CA  1 
ATOM   592 C  C   . VAL A 1 76  ? -6.736  -8.504  5.985   1.00 28.18 ? 76  VAL A C   1 
ATOM   593 O  O   . VAL A 1 76  ? -6.438  -9.352  6.801   1.00 28.25 ? 76  VAL A O   1 
ATOM   594 C  CB  . VAL A 1 76  ? -8.237  -6.616  6.604   1.00 25.20 ? 76  VAL A CB  1 
ATOM   595 C  CG1 . VAL A 1 76  ? -8.879  -7.492  7.633   1.00 27.76 ? 76  VAL A CG1 1 
ATOM   596 C  CG2 . VAL A 1 76  ? -8.290  -5.160  6.997   1.00 19.44 ? 76  VAL A CG2 1 
ATOM   597 N  N   . ASN A 1 77  ? -7.016  -8.772  4.718   1.00 24.16 ? 77  ASN A N   1 
ATOM   598 C  CA  . ASN A 1 77  ? -6.942  -10.114 4.168   1.00 21.76 ? 77  ASN A CA  1 
ATOM   599 C  C   . ASN A 1 77  ? -6.463  -10.126 2.713   1.00 26.35 ? 77  ASN A C   1 
ATOM   600 O  O   . ASN A 1 77  ? -6.255  -9.091  2.108   1.00 25.80 ? 77  ASN A O   1 
ATOM   601 C  CB  . ASN A 1 77  ? -8.265  -10.845 4.312   1.00 23.30 ? 77  ASN A CB  1 
ATOM   602 C  CG  . ASN A 1 77  ? -9.408  -10.102 3.689   1.00 27.25 ? 77  ASN A CG  1 
ATOM   603 O  OD1 . ASN A 1 77  ? -9.396  -9.811  2.513   1.00 29.94 ? 77  ASN A OD1 1 
ATOM   604 N  ND2 . ASN A 1 77  ? -10.411 -9.798  4.484   1.00 24.68 ? 77  ASN A ND2 1 
ATOM   605 N  N   . ALA A 1 78  ? -6.287  -11.324 2.173   1.00 22.28 ? 78  ALA A N   1 
ATOM   606 C  CA  . ALA A 1 78  ? -5.802  -11.515 0.814   1.00 26.00 ? 78  ALA A CA  1 
ATOM   607 C  C   . ALA A 1 78  ? -6.730  -10.951 -0.250  1.00 25.20 ? 78  ALA A C   1 
ATOM   608 O  O   . ALA A 1 78  ? -6.283  -10.390 -1.228  1.00 24.28 ? 78  ALA A O   1 
ATOM   609 C  CB  . ALA A 1 78  ? -5.548  -12.971 0.563   1.00 26.92 ? 78  ALA A CB  1 
ATOM   610 N  N   . ALA A 1 79  ? -8.028  -11.111 -0.044  1.00 25.10 ? 79  ALA A N   1 
ATOM   611 C  CA  . ALA A 1 79  ? -9.027  -10.603 -0.967  1.00 19.95 ? 79  ALA A CA  1 
ATOM   612 C  C   . ALA A 1 79  ? -8.991  -9.078  -1.020  1.00 24.12 ? 79  ALA A C   1 
ATOM   613 O  O   . ALA A 1 79  ? -9.100  -8.481  -2.073  1.00 19.29 ? 79  ALA A O   1 
ATOM   614 C  CB  . ALA A 1 79  ? -10.392 -11.073 -0.553  1.00 25.43 ? 79  ALA A CB  1 
ATOM   615 N  N   . GLU A 1 80  ? -8.852  -8.462  0.143   1.00 22.03 ? 80  GLU A N   1 
ATOM   616 C  CA  . GLU A 1 80  ? -8.784  -7.019  0.247   1.00 23.60 ? 80  GLU A CA  1 
ATOM   617 C  C   . GLU A 1 80  ? -7.610  -6.462  -0.551  1.00 20.96 ? 80  GLU A C   1 
ATOM   618 O  O   . GLU A 1 80  ? -7.752  -5.508  -1.296  1.00 23.43 ? 80  GLU A O   1 
ATOM   619 C  CB  . GLU A 1 80  ? -8.620  -6.624  1.707   1.00 24.26 ? 80  GLU A CB  1 
ATOM   620 C  CG  . GLU A 1 80  ? -9.817  -5.975  2.313   1.00 34.66 ? 80  GLU A CG  1 
ATOM   621 C  CD  . GLU A 1 80  ? -9.455  -4.751  3.122   1.00 47.00 ? 80  GLU A CD  1 
ATOM   622 O  OE1 . GLU A 1 80  ? -10.386 -4.074  3.593   1.00 49.03 ? 80  GLU A OE1 1 
ATOM   623 O  OE2 . GLU A 1 80  ? -8.249  -4.464  3.287   1.00 39.76 ? 80  GLU A OE2 1 
ATOM   624 N  N   . ARG A 1 81  ? -6.449  -7.076  -0.370  1.00 20.20 ? 81  ARG A N   1 
ATOM   625 C  CA  . ARG A 1 81  ? -5.246  -6.650  -1.060  1.00 18.51 ? 81  ARG A CA  1 
ATOM   626 C  C   . ARG A 1 81  ? -5.453  -6.635  -2.565  1.00 18.88 ? 81  ARG A C   1 
ATOM   627 O  O   . ARG A 1 81  ? -5.111  -5.678  -3.224  1.00 17.05 ? 81  ARG A O   1 
ATOM   628 C  CB  . ARG A 1 81  ? -4.067  -7.543  -0.702  1.00 14.08 ? 81  ARG A CB  1 
ATOM   629 C  CG  . ARG A 1 81  ? -2.734  -6.931  -1.046  1.00 21.59 ? 81  ARG A CG  1 
ATOM   630 C  CD  . ARG A 1 81  ? -2.004  -7.759  -2.076  1.00 29.74 ? 81  ARG A CD  1 
ATOM   631 N  NE  . ARG A 1 81  ? -0.780  -8.278  -1.520  1.00 37.93 ? 81  ARG A NE  1 
ATOM   632 C  CZ  . ARG A 1 81  ? -0.134  -9.345  -1.957  1.00 24.12 ? 81  ARG A CZ  1 
ATOM   633 N  NH1 . ARG A 1 81  ? -0.576  -10.031 -2.989  1.00 31.37 ? 81  ARG A NH1 1 
ATOM   634 N  NH2 . ARG A 1 81  ? 0.960   -9.706  -1.351  1.00 22.35 ? 81  ARG A NH2 1 
ATOM   635 N  N   . GLN A 1 82  ? -6.006  -7.709  -3.103  1.00 21.13 ? 82  GLN A N   1 
ATOM   636 C  CA  . GLN A 1 82  ? -6.255  -7.772  -4.528  1.00 26.54 ? 82  GLN A CA  1 
ATOM   637 C  C   . GLN A 1 82  ? -7.149  -6.612  -4.935  1.00 19.36 ? 82  GLN A C   1 
ATOM   638 O  O   . GLN A 1 82  ? -6.906  -5.958  -5.915  1.00 21.37 ? 82  GLN A O   1 
ATOM   639 C  CB  . GLN A 1 82  ? -6.905  -9.090  -4.897  1.00 21.47 ? 82  GLN A CB  1 
ATOM   640 C  CG  . GLN A 1 82  ? -6.874  -9.400  -6.373  1.00 24.79 ? 82  GLN A CG  1 
ATOM   641 C  CD  . GLN A 1 82  ? -5.480  -9.376  -6.964  1.00 28.48 ? 82  GLN A CD  1 
ATOM   642 O  OE1 . GLN A 1 82  ? -4.497  -9.567  -6.270  1.00 28.09 ? 82  GLN A OE1 1 
ATOM   643 N  NE2 . GLN A 1 82  ? -5.401  -9.149  -8.259  1.00 27.64 ? 82  GLN A NE2 1 
ATOM   644 N  N   . ARG A 1 83  ? -8.190  -6.370  -4.159  1.00 20.31 ? 83  ARG A N   1 
ATOM   645 C  CA  . ARG A 1 83  ? -9.103  -5.282  -4.448  1.00 22.53 ? 83  ARG A CA  1 
ATOM   646 C  C   . ARG A 1 83  ? -8.349  -3.959  -4.511  1.00 26.34 ? 83  ARG A C   1 
ATOM   647 O  O   . ARG A 1 83  ? -8.550  -3.175  -5.411  1.00 21.83 ? 83  ARG A O   1 
ATOM   648 C  CB  . ARG A 1 83  ? -10.216 -5.236  -3.409  1.00 23.47 ? 83  ARG A CB  1 
ATOM   649 C  CG  . ARG A 1 83  ? -11.602 -5.125  -4.003  1.00 36.59 ? 83  ARG A CG  1 
ATOM   650 C  CD  . ARG A 1 83  ? -12.701 -5.349  -2.969  1.00 38.23 ? 83  ARG A CD  1 
ATOM   651 N  NE  . ARG A 1 83  ? -12.784 -6.742  -2.571  1.00 41.99 ? 83  ARG A NE  1 
ATOM   652 C  CZ  . ARG A 1 83  ? -12.893 -7.148  -1.321  1.00 42.72 ? 83  ARG A CZ  1 
ATOM   653 N  NH1 . ARG A 1 83  ? -12.949 -6.273  -0.346  1.00 40.32 ? 83  ARG A NH1 1 
ATOM   654 N  NH2 . ARG A 1 83  ? -12.953 -8.435  -1.046  1.00 52.54 ? 83  ARG A NH2 1 
ATOM   655 N  N   . TRP A 1 84  ? -7.472  -3.730  -3.547  1.00 22.42 ? 84  TRP A N   1 
ATOM   656 C  CA  . TRP A 1 84  ? -6.682  -2.510  -3.523  1.00 18.53 ? 84  TRP A CA  1 
ATOM   657 C  C   . TRP A 1 84  ? -5.725  -2.433  -4.730  1.00 16.27 ? 84  TRP A C   1 
ATOM   658 O  O   . TRP A 1 84  ? -5.572  -1.398  -5.338  1.00 18.96 ? 84  TRP A O   1 
ATOM   659 C  CB  . TRP A 1 84  ? -5.922  -2.391  -2.207  1.00 18.92 ? 84  TRP A CB  1 
ATOM   660 C  CG  . TRP A 1 84  ? -6.733  -1.843  -1.077  1.00 20.34 ? 84  TRP A CG  1 
ATOM   661 C  CD1 . TRP A 1 84  ? -7.257  -2.538  -0.038  1.00 20.43 ? 84  TRP A CD1 1 
ATOM   662 C  CD2 . TRP A 1 84  ? -7.111  -0.482  -0.875  1.00 20.45 ? 84  TRP A CD2 1 
ATOM   663 N  NE1 . TRP A 1 84  ? -7.937  -1.702  0.800   1.00 20.83 ? 84  TRP A NE1 1 
ATOM   664 C  CE2 . TRP A 1 84  ? -7.861  -0.430  0.307   1.00 25.57 ? 84  TRP A CE2 1 
ATOM   665 C  CE3 . TRP A 1 84  ? -6.887  0.697   -1.575  1.00 23.34 ? 84  TRP A CE3 1 
ATOM   666 C  CZ2 . TRP A 1 84  ? -8.379  0.754   0.798   1.00 23.92 ? 84  TRP A CZ2 1 
ATOM   667 C  CZ3 . TRP A 1 84  ? -7.414  1.863   -1.083  1.00 22.80 ? 84  TRP A CZ3 1 
ATOM   668 C  CH2 . TRP A 1 84  ? -8.140  1.883   0.087   1.00 23.22 ? 84  TRP A CH2 1 
ATOM   669 N  N   . LEU A 1 85  ? -5.107  -3.553  -5.069  1.00 14.40 ? 85  LEU A N   1 
ATOM   670 C  CA  . LEU A 1 85  ? -4.196  -3.623  -6.198  1.00 19.08 ? 85  LEU A CA  1 
ATOM   671 C  C   . LEU A 1 85  ? -4.882  -3.247  -7.499  1.00 19.19 ? 85  LEU A C   1 
ATOM   672 O  O   . LEU A 1 85  ? -4.345  -2.509  -8.287  1.00 19.53 ? 85  LEU A O   1 
ATOM   673 C  CB  . LEU A 1 85  ? -3.598  -5.017  -6.328  1.00 24.59 ? 85  LEU A CB  1 
ATOM   674 C  CG  . LEU A 1 85  ? -2.485  -5.363  -5.347  1.00 23.93 ? 85  LEU A CG  1 
ATOM   675 C  CD1 . LEU A 1 85  ? -1.834  -6.663  -5.676  1.00 22.33 ? 85  LEU A CD1 1 
ATOM   676 C  CD2 . LEU A 1 85  ? -1.480  -4.256  -5.272  1.00 28.37 ? 85  LEU A CD2 1 
ATOM   677 N  N   . VAL A 1 86  ? -6.078  -3.769  -7.714  1.00 23.63 ? 86  VAL A N   1 
ATOM   678 C  CA  . VAL A 1 86  ? -6.803  -3.458  -8.930  1.00 19.85 ? 86  VAL A CA  1 
ATOM   679 C  C   . VAL A 1 86  ? -7.101  -1.968  -8.977  1.00 21.32 ? 86  VAL A C   1 
ATOM   680 O  O   . VAL A 1 86  ? -6.862  -1.317  -9.967  1.00 22.47 ? 86  VAL A O   1 
ATOM   681 C  CB  . VAL A 1 86  ? -8.094  -4.255  -9.035  1.00 21.55 ? 86  VAL A CB  1 
ATOM   682 C  CG1 . VAL A 1 86  ? -8.910  -3.761  -10.189 1.00 22.56 ? 86  VAL A CG1 1 
ATOM   683 C  CG2 . VAL A 1 86  ? -7.790  -5.712  -9.190  1.00 17.70 ? 86  VAL A CG2 1 
ATOM   684 N  N   . ALA A 1 87  ? -7.610  -1.436  -7.879  1.00 18.72 ? 87  ALA A N   1 
ATOM   685 C  CA  . ALA A 1 87  ? -7.929  -0.023  -7.825  1.00 22.97 ? 87  ALA A CA  1 
ATOM   686 C  C   . ALA A 1 87  ? -6.714  0.875   -7.967  1.00 19.00 ? 87  ALA A C   1 
ATOM   687 O  O   . ALA A 1 87  ? -6.781  1.891   -8.606  1.00 24.54 ? 87  ALA A O   1 
ATOM   688 C  CB  . ALA A 1 87  ? -8.672  0.313   -6.533  1.00 18.73 ? 87  ALA A CB  1 
ATOM   689 N  N   . LEU A 1 88  ? -5.603  0.488   -7.358  1.00 21.09 ? 88  LEU A N   1 
ATOM   690 C  CA  . LEU A 1 88  ? -4.400  1.326   -7.316  1.00 14.46 ? 88  LEU A CA  1 
ATOM   691 C  C   . LEU A 1 88  ? -3.461  1.179   -8.505  1.00 22.73 ? 88  LEU A C   1 
ATOM   692 O  O   . LEU A 1 88  ? -2.691  2.089   -8.809  1.00 25.82 ? 88  LEU A O   1 
ATOM   693 C  CB  . LEU A 1 88  ? -3.573  1.019   -6.055  1.00 17.36 ? 88  LEU A CB  1 
ATOM   694 C  CG  . LEU A 1 88  ? -4.033  1.421   -4.667  1.00 21.36 ? 88  LEU A CG  1 
ATOM   695 C  CD1 . LEU A 1 88  ? -3.115  0.767   -3.643  1.00 21.90 ? 88  LEU A CD1 1 
ATOM   696 C  CD2 . LEU A 1 88  ? -4.060  2.934   -4.489  1.00 24.61 ? 88  LEU A CD2 1 
ATOM   697 N  N   . GLY A 1 89  ? -3.513  0.012   -9.129  1.00 20.81 ? 89  GLY A N   1 
ATOM   698 C  CA  . GLY A 1 89  ? -2.535  -0.369  -10.112 1.00 24.31 ? 89  GLY A CA  1 
ATOM   699 C  C   . GLY A 1 89  ? -2.962  -0.985  -11.426 1.00 20.35 ? 89  GLY A C   1 
ATOM   700 O  O   . GLY A 1 89  ? -2.129  -1.404  -12.157 1.00 20.06 ? 89  GLY A O   1 
ATOM   701 N  N   . SER A 1 90  ? -4.248  -1.041  -11.718 1.00 20.50 ? 90  SER A N   1 
ATOM   702 C  CA  . SER A 1 90  ? -4.688  -1.592  -12.990 1.00 23.99 ? 90  SER A CA  1 
ATOM   703 C  C   . SER A 1 90  ? -4.094  -0.880  -14.221 1.00 24.93 ? 90  SER A C   1 
ATOM   704 O  O   . SER A 1 90  ? -4.045  -1.447  -15.292 1.00 27.72 ? 90  SER A O   1 
ATOM   705 C  CB  . SER A 1 90  ? -6.211  -1.588  -13.092 1.00 19.94 ? 90  SER A CB  1 
ATOM   706 O  OG  . SER A 1 90  ? -6.813  -2.499  -12.239 1.00 25.48 ? 90  SER A OG  1 
ATOM   707 N  N   . SER A 1 91  ? -3.670  0.363   -14.067 1.00 22.83 ? 91  SER A N   1 
ATOM   708 C  CA  . SER A 1 91  ? -3.194  1.180   -15.187 1.00 28.95 ? 91  SER A CA  1 
ATOM   709 C  C   . SER A 1 91  ? -1.685  1.162   -15.308 1.00 28.68 ? 91  SER A C   1 
ATOM   710 O  O   . SER A 1 91  ? -1.112  1.827   -16.139 1.00 28.67 ? 91  SER A O   1 
ATOM   711 C  CB  . SER A 1 91  ? -3.625  2.619   -14.995 1.00 39.56 ? 91  SER A CB  1 
ATOM   712 O  OG  . SER A 1 91  ? -5.024  2.762   -15.088 1.00 47.52 ? 91  SER A OG  1 
ATOM   713 N  N   . LYS A 1 92  ? -1.043  0.411   -14.441 1.00 18.81 ? 92  LYS A N   1 
ATOM   714 C  CA  . LYS A 1 92  ? 0.396   0.397   -14.380 1.00 24.89 ? 92  LYS A CA  1 
ATOM   715 C  C   . LYS A 1 92  ? 0.894   -0.859  -15.067 1.00 20.13 ? 92  LYS A C   1 
ATOM   716 O  O   . LYS A 1 92  ? 0.169   -1.815  -15.181 1.00 22.43 ? 92  LYS A O   1 
ATOM   717 C  CB  . LYS A 1 92  ? 0.857   0.432   -12.921 1.00 24.54 ? 92  LYS A CB  1 
ATOM   718 C  CG  . LYS A 1 92  ? 0.477   1.699   -12.174 1.00 18.35 ? 92  LYS A CG  1 
ATOM   719 C  CD  . LYS A 1 92  ? 0.841   1.620   -10.723 1.00 19.75 ? 92  LYS A CD  1 
ATOM   720 C  CE  . LYS A 1 92  ? 0.394   2.855   -9.955  1.00 15.37 ? 92  LYS A CE  1 
ATOM   721 N  NZ  . LYS A 1 92  ? 0.962   4.102   -10.472 1.00 22.58 ? 92  LYS A NZ  1 
ATOM   722 N  N   . ALA A 1 93  ? 2.154   -0.845  -15.464 1.00 24.51 ? 93  ALA A N   1 
ATOM   723 C  CA  . ALA A 1 93  ? 2.781   -2.009  -16.059 1.00 23.69 ? 93  ALA A CA  1 
ATOM   724 C  C   . ALA A 1 93  ? 3.473   -2.750  -14.942 1.00 29.53 ? 93  ALA A C   1 
ATOM   725 O  O   . ALA A 1 93  ? 3.779   -2.181  -13.927 1.00 26.32 ? 93  ALA A O   1 
ATOM   726 C  CB  . ALA A 1 93  ? 3.784   -1.602  -17.078 1.00 28.11 ? 93  ALA A CB  1 
ATOM   727 N  N   . SER A 1 94  ? 3.735   -4.026  -15.148 1.00 22.88 ? 94  SER A N   1 
ATOM   728 C  CA  . SER A 1 94  ? 4.413   -4.807  -14.147 1.00 20.78 ? 94  SER A CA  1 
ATOM   729 C  C   . SER A 1 94  ? 5.799   -5.230  -14.605 1.00 30.79 ? 94  SER A C   1 
ATOM   730 O  O   . SER A 1 94  ? 6.048   -5.404  -15.787 1.00 31.30 ? 94  SER A O   1 
ATOM   731 C  CB  . SER A 1 94  ? 3.599   -6.038  -13.777 1.00 23.12 ? 94  SER A CB  1 
ATOM   732 O  OG  . SER A 1 94  ? 3.556   -6.959  -14.831 1.00 23.83 ? 94  SER A OG  1 
ATOM   733 N  N   . LEU A 1 95  ? 6.686   -5.389  -13.639 1.00 22.68 ? 95  LEU A N   1 
ATOM   734 C  CA  . LEU A 1 95  ? 8.040   -5.823  -13.866 1.00 25.03 ? 95  LEU A CA  1 
ATOM   735 C  C   . LEU A 1 95  ? 8.313   -6.831  -12.779 1.00 27.06 ? 95  LEU A C   1 
ATOM   736 O  O   . LEU A 1 95  ? 8.318   -6.496  -11.616 1.00 27.39 ? 95  LEU A O   1 
ATOM   737 C  CB  . LEU A 1 95  ? 9.017   -4.662  -13.734 1.00 29.42 ? 95  LEU A CB  1 
ATOM   738 C  CG  . LEU A 1 95  ? 8.965   -3.559  -14.785 1.00 35.98 ? 95  LEU A CG  1 
ATOM   739 C  CD1 . LEU A 1 95  ? 9.844   -2.414  -14.378 1.00 37.48 ? 95  LEU A CD1 1 
ATOM   740 C  CD2 . LEU A 1 95  ? 9.333   -4.053  -16.150 1.00 35.70 ? 95  LEU A CD2 1 
ATOM   741 N  N   . THR A 1 96  ? 8.540   -8.068  -13.172 1.00 23.31 ? 96  THR A N   1 
ATOM   742 C  CA  . THR A 1 96  ? 8.792   -9.134  -12.229 1.00 25.01 ? 96  THR A CA  1 
ATOM   743 C  C   . THR A 1 96  ? 10.249  -9.589  -12.237 1.00 26.42 ? 96  THR A C   1 
ATOM   744 O  O   . THR A 1 96  ? 10.846  -9.772  -13.284 1.00 25.23 ? 96  THR A O   1 
ATOM   745 C  CB  . THR A 1 96  ? 7.883   -10.331 -12.531 1.00 22.39 ? 96  THR A CB  1 
ATOM   746 O  OG1 . THR A 1 96  ? 6.513   -9.934  -12.430 1.00 26.06 ? 96  THR A OG1 1 
ATOM   747 C  CG2 . THR A 1 96  ? 8.154   -11.462 -11.586 1.00 24.19 ? 96  THR A CG2 1 
ATOM   748 N  N   . ASP A 1 97  ? 10.806  -9.768  -11.049 1.00 26.42 ? 97  ASP A N   1 
ATOM   749 C  CA  . ASP A 1 97  ? 12.168  -10.241 -10.893 1.00 33.50 ? 97  ASP A CA  1 
ATOM   750 C  C   . ASP A 1 97  ? 12.157  -11.409 -9.933  1.00 32.52 ? 97  ASP A C   1 
ATOM   751 O  O   . ASP A 1 97  ? 11.377  -11.441 -8.996  1.00 30.38 ? 97  ASP A O   1 
ATOM   752 C  CB  . ASP A 1 97  ? 13.084  -9.171  -10.312 1.00 35.04 ? 97  ASP A CB  1 
ATOM   753 C  CG  . ASP A 1 97  ? 13.036  -7.874  -11.076 1.00 48.25 ? 97  ASP A CG  1 
ATOM   754 O  OD1 . ASP A 1 97  ? 12.738  -7.881  -12.272 1.00 51.74 ? 97  ASP A OD1 1 
ATOM   755 O  OD2 . ASP A 1 97  ? 13.306  -6.831  -10.470 1.00 55.98 ? 97  ASP A OD2 1 
ATOM   756 N  N   . THR A 1 98  ? 13.034  -12.364 -10.177 1.00 20.99 ? 98  THR A N   1 
ATOM   757 C  CA  . THR A 1 98  ? 13.161  -13.505 -9.307  1.00 26.26 ? 98  THR A CA  1 
ATOM   758 C  C   . THR A 1 98  ? 14.612  -13.581 -8.868  1.00 27.05 ? 98  THR A C   1 
ATOM   759 O  O   . THR A 1 98  ? 15.503  -13.422 -9.673  1.00 22.97 ? 98  THR A O   1 
ATOM   760 C  CB  . THR A 1 98  ? 12.754  -14.805 -9.988  1.00 25.33 ? 98  THR A CB  1 
ATOM   761 O  OG1 . THR A 1 98  ? 11.366  -14.762 -10.340 1.00 28.70 ? 98  THR A OG1 1 
ATOM   762 C  CG2 . THR A 1 98  ? 12.995  -15.951 -9.074  1.00 27.30 ? 98  THR A CG2 1 
ATOM   763 N  N   . ARG A 1 99  ? 14.827  -13.816 -7.582  1.00 22.91 ? 99  ARG A N   1 
ATOM   764 C  CA  . ARG A 1 99  ? 16.154  -13.888 -6.989  1.00 28.55 ? 99  ARG A CA  1 
ATOM   765 C  C   . ARG A 1 99  ? 16.414  -15.258 -6.378  1.00 29.28 ? 99  ARG A C   1 
ATOM   766 O  O   . ARG A 1 99  ? 15.602  -15.747 -5.612  1.00 26.00 ? 99  ARG A O   1 
ATOM   767 C  CB  . ARG A 1 99  ? 16.240  -12.833 -5.889  1.00 29.40 ? 99  ARG A CB  1 
ATOM   768 C  CG  . ARG A 1 99  ? 17.605  -12.320 -5.511  1.00 41.65 ? 99  ARG A CG  1 
ATOM   769 C  CD  . ARG A 1 99  ? 17.470  -11.346 -4.334  1.00 47.12 ? 99  ARG A CD  1 
ATOM   770 N  NE  . ARG A 1 99  ? 18.270  -10.130 -4.464  1.00 54.80 ? 99  ARG A NE  1 
ATOM   771 C  CZ  . ARG A 1 99  ? 17.796  -8.943  -4.824  1.00 59.48 ? 99  ARG A CZ  1 
ATOM   772 N  NH1 . ARG A 1 99  ? 18.607  -7.911  -4.904  1.00 62.14 ? 99  ARG A NH1 1 
ATOM   773 N  NH2 . ARG A 1 99  ? 16.523  -8.782  -5.112  1.00 61.66 ? 99  ARG A NH2 1 
ATOM   774 N  N   . LEU A 1 100 ? 17.548  -15.862 -6.710  1.00 23.07 ? 100 LEU A N   1 
ATOM   775 C  CA  . LEU A 1 100 ? 17.962  -17.141 -6.149  1.00 22.77 ? 100 LEU A CA  1 
ATOM   776 C  C   . LEU A 1 100 ? 18.891  -16.833 -4.981  1.00 23.99 ? 100 LEU A C   1 
ATOM   777 O  O   . LEU A 1 100 ? 19.856  -16.115 -5.137  1.00 24.84 ? 100 LEU A O   1 
ATOM   778 C  CB  . LEU A 1 100 ? 18.678  -18.000 -7.190  1.00 19.90 ? 100 LEU A CB  1 
ATOM   779 C  CG  . LEU A 1 100 ? 17.865  -18.987 -8.012  1.00 25.96 ? 100 LEU A CG  1 
ATOM   780 C  CD1 . LEU A 1 100 ? 16.411  -18.630 -8.117  1.00 25.63 ? 100 LEU A CD1 1 
ATOM   781 C  CD2 . LEU A 1 100 ? 18.450  -19.258 -9.366  1.00 21.18 ? 100 LEU A CD2 1 
ATOM   782 N  N   . VAL A 1 101 ? 18.587  -17.365 -3.808  1.00 20.67 ? 101 VAL A N   1 
ATOM   783 C  CA  . VAL A 1 101 ? 19.381  -17.090 -2.617  1.00 23.33 ? 101 VAL A CA  1 
ATOM   784 C  C   . VAL A 1 101 ? 19.845  -18.339 -1.867  1.00 25.65 ? 101 VAL A C   1 
ATOM   785 O  O   . VAL A 1 101 ? 19.248  -19.382 -1.953  1.00 24.06 ? 101 VAL A O   1 
ATOM   786 C  CB  . VAL A 1 101 ? 18.585  -16.212 -1.636  1.00 26.31 ? 101 VAL A CB  1 
ATOM   787 C  CG1 . VAL A 1 101 ? 18.005  -15.023 -2.343  1.00 26.60 ? 101 VAL A CG1 1 
ATOM   788 C  CG2 . VAL A 1 101 ? 17.476  -17.009 -1.020  1.00 25.97 ? 101 VAL A CG2 1 
ATOM   789 N  N   . PRO A 1 102 ? 20.921  -18.215 -1.118  1.00 27.82 ? 102 PRO A N   1 
ATOM   790 C  CA  . PRO A 1 102 ? 21.420  -19.356 -0.367  1.00 32.70 ? 102 PRO A CA  1 
ATOM   791 C  C   . PRO A 1 102 ? 20.368  -19.831 0.610   1.00 34.12 ? 102 PRO A C   1 
ATOM   792 O  O   . PRO A 1 102 ? 19.690  -19.009 1.207   1.00 37.20 ? 102 PRO A O   1 
ATOM   793 C  CB  . PRO A 1 102 ? 22.608  -18.769 0.389   1.00 39.60 ? 102 PRO A CB  1 
ATOM   794 C  CG  . PRO A 1 102 ? 23.100  -17.704 -0.496  1.00 34.94 ? 102 PRO A CG  1 
ATOM   795 C  CD  . PRO A 1 102 ? 21.884  -17.105 -1.116  1.00 30.96 ? 102 PRO A CD  1 
ATOM   796 N  N   . ARG A 1 103 ? 20.237  -21.139 0.754   1.00 36.01 ? 103 ARG A N   1 
ATOM   797 C  CA  . ARG A 1 103 ? 19.302  -21.729 1.691   1.00 42.51 ? 103 ARG A CA  1 
ATOM   798 C  C   . ARG A 1 103 ? 19.982  -21.787 3.058   1.00 50.62 ? 103 ARG A C   1 
ATOM   799 O  O   . ARG A 1 103 ? 19.526  -21.192 4.032   1.00 54.38 ? 103 ARG A O   1 
ATOM   800 C  CB  . ARG A 1 103 ? 18.940  -23.147 1.251   1.00 44.39 ? 103 ARG A CB  1 
ATOM   801 C  CG  . ARG A 1 103 ? 17.830  -23.245 0.225   1.00 47.55 ? 103 ARG A CG  1 
ATOM   802 C  CD  . ARG A 1 103 ? 17.494  -24.693 -0.118  1.00 43.89 ? 103 ARG A CD  1 
ATOM   803 N  NE  . ARG A 1 103 ? 16.662  -24.790 -1.309  1.00 41.24 ? 103 ARG A NE  1 
ATOM   804 C  CZ  . ARG A 1 103 ? 15.368  -24.501 -1.353  1.00 45.44 ? 103 ARG A CZ  1 
ATOM   805 N  NH1 . ARG A 1 103 ? 14.732  -24.101 -0.271  1.00 45.28 ? 103 ARG A NH1 1 
ATOM   806 N  NH2 . ARG A 1 103 ? 14.709  -24.608 -2.491  1.00 49.99 ? 103 ARG A NH2 1 
HETATM 807 C  C1  . GOL B 2 .   ? 8.526   -5.542  8.838   1.00 46.29 ? 104 GOL A C1  1 
HETATM 808 O  O1  . GOL B 2 .   ? 7.228   -6.043  8.947   1.00 47.86 ? 104 GOL A O1  1 
HETATM 809 C  C2  . GOL B 2 .   ? 8.678   -5.182  7.388   1.00 44.90 ? 104 GOL A C2  1 
HETATM 810 O  O2  . GOL B 2 .   ? 7.394   -4.972  6.919   1.00 48.99 ? 104 GOL A O2  1 
HETATM 811 C  C3  . GOL B 2 .   ? 9.465   -3.909  7.193   1.00 43.15 ? 104 GOL A C3  1 
HETATM 812 O  O3  . GOL B 2 .   ? 10.047  -4.008  5.927   1.00 49.73 ? 104 GOL A O3  1 
HETATM 813 O  O   . HOH C 3 .   ? 5.873   -5.587  1.073   1.00 50.59 ? 105 HOH A O   1 
HETATM 814 O  O   . HOH C 3 .   ? -3.322  -9.530  -4.110  1.00 22.79 ? 106 HOH A O   1 
HETATM 815 O  O   . HOH C 3 .   ? -2.477  -3.450  15.865  1.00 43.28 ? 107 HOH A O   1 
HETATM 816 O  O   . HOH C 3 .   ? 5.756   -17.708 -8.054  1.00 41.93 ? 108 HOH A O   1 
HETATM 817 O  O   . HOH C 3 .   ? 5.407   -8.807  -14.846 1.00 27.41 ? 109 HOH A O   1 
HETATM 818 O  O   . HOH C 3 .   ? -12.845 -8.732  3.911   1.00 30.49 ? 110 HOH A O   1 
HETATM 819 O  O   . HOH C 3 .   ? -7.203  2.288   -13.059 1.00 48.21 ? 111 HOH A O   1 
HETATM 820 O  O   . HOH C 3 .   ? -10.324 -9.564  -4.621  1.00 32.53 ? 112 HOH A O   1 
HETATM 821 O  O   . HOH C 3 .   ? -2.131  -1.336  -17.366 1.00 38.99 ? 113 HOH A O   1 
HETATM 822 O  O   . HOH C 3 .   ? -3.492  4.547   -9.758  1.00 54.97 ? 114 HOH A O   1 
HETATM 823 O  O   . HOH C 3 .   ? -3.376  2.404   -12.025 1.00 33.37 ? 115 HOH A O   1 
HETATM 824 O  O   . HOH C 3 .   ? 2.354   11.873  -3.016  1.00 38.17 ? 116 HOH A O   1 
HETATM 825 O  O   . HOH C 3 .   ? -12.306 2.962   -6.423  1.00 49.23 ? 117 HOH A O   1 
HETATM 826 O  O   . HOH C 3 .   ? 12.868  5.173   -1.408  1.00 53.32 ? 118 HOH A O   1 
HETATM 827 O  O   . HOH C 3 .   ? -1.964  3.668   15.859  1.00 39.09 ? 119 HOH A O   1 
HETATM 828 O  O   . HOH C 3 .   ? 19.290  -16.658 2.020   1.00 46.09 ? 120 HOH A O   1 
HETATM 829 O  O   . HOH C 3 .   ? -10.843 11.289  -1.357  1.00 45.19 ? 121 HOH A O   1 
HETATM 830 O  O   . HOH C 3 .   ? 11.559  -13.667 -13.020 1.00 32.15 ? 122 HOH A O   1 
HETATM 831 O  O   . HOH C 3 .   ? -16.456 1.314   3.898   1.00 34.94 ? 123 HOH A O   1 
HETATM 832 O  O   . HOH C 3 .   ? 6.865   -3.404  21.351  1.00 45.15 ? 124 HOH A O   1 
HETATM 833 O  O   . HOH C 3 .   ? 11.461  -5.424  0.424   1.00 52.97 ? 125 HOH A O   1 
HETATM 834 O  O   . HOH C 3 .   ? -8.031  10.791  -1.518  1.00 22.93 ? 126 HOH A O   1 
HETATM 835 O  O   . HOH C 3 .   ? -12.046 -6.136  4.317   1.00 46.84 ? 127 HOH A O   1 
HETATM 836 O  O   . HOH C 3 .   ? -10.719 6.180   -7.981  1.00 32.94 ? 128 HOH A O   1 
HETATM 837 O  O   . HOH C 3 .   ? 0.119   5.100   -12.943 1.00 30.82 ? 129 HOH A O   1 
HETATM 838 O  O   . HOH C 3 .   ? 9.133   -11.136 7.856   1.00 55.71 ? 130 HOH A O   1 
HETATM 839 O  O   . HOH C 3 .   ? 3.585   -9.459  9.104   1.00 49.45 ? 131 HOH A O   1 
HETATM 840 O  O   . HOH C 3 .   ? -11.802 -2.276  5.585   1.00 34.20 ? 132 HOH A O   1 
HETATM 841 O  O   . HOH C 3 .   ? -1.273  -6.674  12.950  1.00 49.08 ? 133 HOH A O   1 
HETATM 842 O  O   . HOH C 3 .   ? 2.583   -5.381  14.469  1.00 28.18 ? 134 HOH A O   1 
HETATM 843 O  O   . HOH C 3 .   ? -8.205  7.071   -8.336  1.00 29.34 ? 135 HOH A O   1 
HETATM 844 O  O   . HOH C 3 .   ? -11.912 8.181   -8.975  1.00 36.19 ? 136 HOH A O   1 
HETATM 845 O  O   . HOH C 3 .   ? -2.149  10.208  -9.267  1.00 27.15 ? 137 HOH A O   1 
HETATM 846 O  O   . HOH C 3 .   ? 11.066  -7.952  -15.942 1.00 32.60 ? 138 HOH A O   1 
HETATM 847 O  O   . HOH C 3 .   ? 1.300   -4.134  16.600  1.00 58.05 ? 139 HOH A O   1 
HETATM 848 O  O   . HOH C 3 .   ? 5.188   -5.202  16.581  1.00 43.06 ? 140 HOH A O   1 
HETATM 849 O  O   . HOH C 3 .   ? -11.066 -3.017  -6.919  1.00 29.21 ? 141 HOH A O   1 
HETATM 850 O  O   . HOH C 3 .   ? 8.360   -8.415  -16.462 1.00 42.63 ? 142 HOH A O   1 
HETATM 851 O  O   . HOH C 3 .   ? 8.992   -5.552  -19.282 1.00 42.81 ? 143 HOH A O   1 
HETATM 852 O  O   . HOH C 3 .   ? 7.451   -18.665 0.831   1.00 54.52 ? 144 HOH A O   1 
HETATM 853 O  O   . HOH C 3 .   ? 11.983  -10.773 0.140   1.00 48.60 ? 145 HOH A O   1 
HETATM 854 O  O   . HOH C 3 .   ? 5.937   2.204   6.199   1.00 26.91 ? 146 HOH A O   1 
HETATM 855 O  O   . HOH C 3 .   ? -4.301  -13.390 -6.092  1.00 41.86 ? 147 HOH A O   1 
HETATM 856 O  O   . HOH C 3 .   ? 12.081  -0.377  -0.582  1.00 46.50 ? 148 HOH A O   1 
HETATM 857 O  O   . HOH C 3 .   ? -6.118  5.767   -9.381  1.00 53.11 ? 149 HOH A O   1 
HETATM 858 O  O   . HOH C 3 .   ? 11.316  -9.737  20.137  1.00 48.25 ? 150 HOH A O   1 
HETATM 859 O  O   . HOH C 3 .   ? 6.627   -3.866  -18.168 1.00 44.69 ? 151 HOH A O   1 
HETATM 860 O  O   . HOH C 3 .   ? 4.485   -8.255  -0.511  1.00 25.63 ? 152 HOH A O   1 
HETATM 861 O  O   . HOH C 3 .   ? 11.214  -0.062  9.964   1.00 30.77 ? 153 HOH A O   1 
HETATM 862 O  O   . HOH C 3 .   ? -1.711  -13.082 2.821   1.00 56.81 ? 154 HOH A O   1 
HETATM 863 O  O   . HOH C 3 .   ? -8.365  3.192   13.202  1.00 35.69 ? 155 HOH A O   1 
HETATM 864 O  O   . HOH C 3 .   ? -3.238  -9.007  7.668   1.00 53.65 ? 156 HOH A O   1 
HETATM 865 O  O   . HOH C 3 .   ? 2.452   -4.981  -17.743 1.00 36.09 ? 157 HOH A O   1 
HETATM 866 O  O   . HOH C 3 .   ? 1.764   -12.000 -3.616  1.00 36.98 ? 158 HOH A O   1 
HETATM 867 O  O   . HOH C 3 .   ? -11.297 -0.744  -9.207  1.00 34.57 ? 159 HOH A O   1 
HETATM 868 O  O   . HOH C 3 .   ? -14.728 6.487   -0.682  1.00 42.87 ? 160 HOH A O   1 
HETATM 869 O  O   . HOH C 3 .   ? 4.743   4.901   8.491   1.00 54.52 ? 161 HOH A O   1 
HETATM 870 O  O   . HOH C 3 .   ? 2.198   -11.901 -6.337  1.00 41.43 ? 162 HOH A O   1 
HETATM 871 O  O   . HOH C 3 .   ? -11.935 -5.377  -7.904  1.00 32.77 ? 163 HOH A O   1 
HETATM 872 O  O   . HOH C 3 .   ? -10.546 -8.348  -6.963  1.00 53.78 ? 164 HOH A O   1 
HETATM 873 O  O   . HOH C 3 .   ? 0.312   3.753   -15.548 1.00 40.02 ? 165 HOH A O   1 
HETATM 874 O  O   . HOH C 3 .   ? -17.598 5.511   4.587   1.00 49.55 ? 166 HOH A O   1 
HETATM 875 O  O   . HOH C 3 .   ? 1.948   6.544   10.832  1.00 49.13 ? 167 HOH A O   1 
HETATM 876 O  O   . HOH C 3 .   ? -14.608 2.506   9.630   1.00 45.26 ? 168 HOH A O   1 
HETATM 877 O  O   . HOH C 3 .   ? -3.718  -11.103 -2.335  1.00 33.42 ? 169 HOH A O   1 
# 
loop_
_atom_site_anisotrop.id 
_atom_site_anisotrop.type_symbol 
_atom_site_anisotrop.pdbx_label_atom_id 
_atom_site_anisotrop.pdbx_label_alt_id 
_atom_site_anisotrop.pdbx_label_comp_id 
_atom_site_anisotrop.pdbx_label_asym_id 
_atom_site_anisotrop.pdbx_label_seq_id 
_atom_site_anisotrop.pdbx_PDB_ins_code 
_atom_site_anisotrop.U[1][1] 
_atom_site_anisotrop.U[2][2] 
_atom_site_anisotrop.U[3][3] 
_atom_site_anisotrop.U[1][2] 
_atom_site_anisotrop.U[1][3] 
_atom_site_anisotrop.U[2][3] 
_atom_site_anisotrop.pdbx_auth_seq_id 
_atom_site_anisotrop.pdbx_auth_comp_id 
_atom_site_anisotrop.pdbx_auth_asym_id 
_atom_site_anisotrop.pdbx_auth_atom_id 
1   N  N   . MSE A 1   ? 0.4378 0.4030 0.3674 0.0591  0.0595  -0.0566 1   MSE A N   
2   C  CA  . MSE A 1   ? 0.3780 0.3507 0.3128 0.0562  0.0615  -0.0559 1   MSE A CA  
3   C  C   . MSE A 1   ? 0.3991 0.3581 0.3202 0.0577  0.0598  -0.0573 1   MSE A C   
4   O  O   . MSE A 1   ? 0.3884 0.3313 0.2984 0.0565  0.0555  -0.0583 1   MSE A O   
5   C  CB  . MSE A 1   ? 0.4218 0.4004 0.3677 0.0470  0.0598  -0.0546 1   MSE A CB  
6   C  CG  . MSE A 1   ? 0.5691 0.5645 0.5285 0.0450  0.0633  -0.0532 1   MSE A CG  
7   SE SE  . MSE A 1   ? 0.5907 0.5886 0.5583 0.0348  0.0608  -0.0519 1   MSE A SE  
8   C  CE  . MSE A 1   ? 0.4133 0.4128 0.3780 0.0356  0.0633  -0.0518 1   MSE A CE  
9   N  N   . GLU A 2   ? 0.2268 0.1925 0.1488 0.0597  0.0631  -0.0572 2   GLU A N   
10  C  CA  . GLU A 2   ? 0.2752 0.2291 0.1846 0.0613  0.0617  -0.0585 2   GLU A CA  
11  C  C   . GLU A 2   ? 0.3670 0.3309 0.2829 0.0585  0.0642  -0.0574 2   GLU A C   
12  O  O   . GLU A 2   ? 0.3934 0.3735 0.3210 0.0584  0.0680  -0.0557 2   GLU A O   
13  C  CB  . GLU A 2   ? 0.3231 0.2696 0.2187 0.0720  0.0631  -0.0602 2   GLU A CB  
14  C  CG  . GLU A 2   ? 0.3847 0.3477 0.2862 0.0786  0.0689  -0.0592 2   GLU A CG  
15  C  CD  . GLU A 2   ? 0.5076 0.4659 0.3968 0.0903  0.0706  -0.0606 2   GLU A CD  
16  O  OE1 . GLU A 2   ? 0.5606 0.5026 0.4381 0.0930  0.0672  -0.0625 2   GLU A OE1 
17  O  OE2 . GLU A 2   ? 0.6277 0.5985 0.5186 0.0968  0.0752  -0.0595 2   GLU A OE2 
18  N  N   . GLY A 3   ? 0.3047 0.2584 0.2124 0.0558  0.0619  -0.0580 3   GLY A N   
19  C  CA  . GLY A 3   ? 0.3416 0.3031 0.2539 0.0535  0.0639  -0.0569 3   GLY A CA  
20  C  C   . GLY A 3   ? 0.3084 0.2582 0.2132 0.0485  0.0603  -0.0575 3   GLY A C   
21  O  O   . GLY A 3   ? 0.3098 0.2453 0.2060 0.0459  0.0556  -0.0582 3   GLY A O   
22  N  N   . VAL A 4   ? 0.2804 0.2370 0.1888 0.0467  0.0623  -0.0565 4   VAL A N   
23  C  CA  . VAL A 4   ? 0.2774 0.2252 0.1799 0.0418  0.0592  -0.0565 4   VAL A CA  
24  C  C   . VAL A 4   ? 0.2871 0.2384 0.1995 0.0325  0.0567  -0.0546 4   VAL A C   
25  O  O   . VAL A 4   ? 0.2989 0.2633 0.2247 0.0302  0.0590  -0.0531 4   VAL A O   
26  C  CB  . VAL A 4   ? 0.2954 0.2507 0.1990 0.0434  0.0626  -0.0558 4   VAL A CB  
27  C  CG1 . VAL A 4   ? 0.3633 0.3108 0.2619 0.0378  0.0596  -0.0557 4   VAL A CG1 
28  C  CG2 . VAL A 4   ? 0.3585 0.3124 0.2521 0.0534  0.0654  -0.0572 4   VAL A CG2 
29  N  N   . LEU A 5   ? 0.2574 0.1968 0.1624 0.0276  0.0521  -0.0546 5   LEU A N   
30  C  CA  . LEU A 5   ? 0.2571 0.2005 0.1701 0.0192  0.0498  -0.0523 5   LEU A CA  
31  C  C   . LEU A 5   ? 0.2996 0.2330 0.2026 0.0161  0.0467  -0.0523 5   LEU A C   
32  O  O   . LEU A 5   ? 0.3640 0.2835 0.2527 0.0190  0.0444  -0.0541 5   LEU A O   
33  C  CB  . LEU A 5   ? 0.2305 0.1702 0.1449 0.0152  0.0460  -0.0514 5   LEU A CB  
34  C  CG  . LEU A 5   ? 0.2735 0.2231 0.1986 0.0166  0.0480  -0.0511 5   LEU A CG  
35  C  CD1 . LEU A 5   ? 0.3336 0.2773 0.2572 0.0131  0.0437  -0.0501 5   LEU A CD1 
36  C  CD2 . LEU A 5   ? 0.2596 0.2246 0.1992 0.0139  0.0509  -0.0495 5   LEU A CD2 
37  N  N   . TYR A 6   ? 0.3343 0.2743 0.2441 0.0104  0.0466  -0.0502 6   TYR A N   
38  C  CA  . TYR A 6   ? 0.3595 0.2905 0.2602 0.0067  0.0432  -0.0497 6   TYR A CA  
39  C  C   . TYR A 6   ? 0.3880 0.3121 0.2859 0.0000  0.0375  -0.0478 6   TYR A C   
40  O  O   . TYR A 6   ? 0.3447 0.2770 0.2526 -0.0034 0.0372  -0.0459 6   TYR A O   
41  C  CB  . TYR A 6   ? 0.3582 0.2994 0.2665 0.0039  0.0455  -0.0480 6   TYR A CB  
42  C  CG  . TYR A 6   ? 0.4241 0.3731 0.3356 0.0095  0.0507  -0.0490 6   TYR A CG  
43  C  CD1 . TYR A 6   ? 0.4937 0.4362 0.3945 0.0139  0.0516  -0.0506 6   TYR A CD1 
44  C  CD2 . TYR A 6   ? 0.3633 0.3262 0.2881 0.0103  0.0546  -0.0480 6   TYR A CD2 
45  C  CE1 . TYR A 6   ? 0.5388 0.4900 0.4429 0.0188  0.0562  -0.0508 6   TYR A CE1 
46  C  CE2 . TYR A 6   ? 0.4438 0.4145 0.3716 0.0145  0.0589  -0.0481 6   TYR A CE2 
47  C  CZ  . TYR A 6   ? 0.5099 0.4757 0.4280 0.0187  0.0599  -0.0493 6   TYR A CZ  
48  O  OH  . TYR A 6   ? 0.5319 0.5072 0.4534 0.0228  0.0643  -0.0488 6   TYR A OH  
49  N  N   . LYS A 7   ? 0.3468 0.2560 0.2307 -0.0018 0.0328  -0.0483 7   LYS A N   
50  C  CA  . LYS A 7   ? 0.3916 0.2936 0.2715 -0.0092 0.0266  -0.0457 7   LYS A CA  
51  C  C   . LYS A 7   ? 0.3842 0.2861 0.2620 -0.0152 0.0242  -0.0435 7   LYS A C   
52  O  O   . LYS A 7   ? 0.4141 0.3092 0.2829 -0.0132 0.0244  -0.0452 7   LYS A O   
53  C  CB  . LYS A 7   ? 0.4802 0.3634 0.3442 -0.0076 0.0219  -0.0475 7   LYS A CB  
54  C  CG  . LYS A 7   ? 0.5849 0.4613 0.4456 -0.0156 0.0152  -0.0443 7   LYS A CG  
55  C  CD  . LYS A 7   ? 0.7492 0.6038 0.5915 -0.0144 0.0096  -0.0461 7   LYS A CD  
56  C  CE  . LYS A 7   ? 0.7750 0.6255 0.6172 -0.0184 0.0052  -0.0438 7   LYS A CE  
57  N  NZ  . LYS A 7   ? 0.8059 0.6507 0.6447 -0.0106 0.0071  -0.0470 7   LYS A NZ  
58  N  N   . TRP A 8   ? 0.3595 0.2697 0.2452 -0.0223 0.0221  -0.0395 8   TRP A N   
59  C  CA  . TRP A 8   ? 0.3392 0.2504 0.2232 -0.0284 0.0193  -0.0367 8   TRP A CA  
60  C  C   . TRP A 8   ? 0.3780 0.2715 0.2458 -0.0326 0.0124  -0.0363 8   TRP A C   
61  O  O   . TRP A 8   ? 0.4004 0.2867 0.2639 -0.0358 0.0078  -0.0349 8   TRP A O   
62  C  CB  . TRP A 8   ? 0.3517 0.2776 0.2485 -0.0342 0.0188  -0.0321 8   TRP A CB  
63  C  CG  . TRP A 8   ? 0.3672 0.2958 0.2627 -0.0403 0.0163  -0.0287 8   TRP A CG  
64  C  CD1 . TRP A 8   ? 0.4720 0.3977 0.3630 -0.0479 0.0102  -0.0245 8   TRP A CD1 
65  C  CD2 . TRP A 8   ? 0.3946 0.3299 0.2934 -0.0395 0.0195  -0.0287 8   TRP A CD2 
66  N  NE1 . TRP A 8   ? 0.3811 0.3118 0.2725 -0.0518 0.0095  -0.0219 8   TRP A NE1 
67  C  CE2 . TRP A 8   ? 0.3741 0.3102 0.2701 -0.0465 0.0152  -0.0246 8   TRP A CE2 
68  C  CE3 . TRP A 8   ? 0.3826 0.3235 0.2864 -0.0337 0.0254  -0.0314 8   TRP A CE3 
69  C  CZ2 . TRP A 8   ? 0.3514 0.2934 0.2494 -0.0474 0.0168  -0.0235 8   TRP A CZ2 
70  C  CZ3 . TRP A 8   ? 0.3792 0.3255 0.2850 -0.0350 0.0268  -0.0301 8   TRP A CZ3 
71  C  CH2 . TRP A 8   ? 0.4134 0.3600 0.3162 -0.0416 0.0227  -0.0265 8   TRP A CH2 
72  N  N   . THR A 9   ? 0.3475 0.2331 0.2058 -0.0322 0.0117  -0.0376 9   THR A N   
73  C  CA  . THR A 9   ? 0.3449 0.2124 0.1864 -0.0362 0.0047  -0.0375 9   THR A CA  
74  C  C   . THR A 9   ? 0.4244 0.2966 0.2676 -0.0457 0.0004  -0.0324 9   THR A C   
75  O  O   . THR A 9   ? 0.5287 0.3973 0.3692 -0.0528 -0.0055 -0.0288 9   THR A O   
76  C  CB  . THR A 9   ? 0.4771 0.3317 0.3047 -0.0299 0.0056  -0.0420 9   THR A CB  
77  O  OG1 . THR A 9   ? 0.3713 0.2374 0.2058 -0.0281 0.0106  -0.0421 9   THR A OG1 
78  C  CG2 . THR A 9   ? 0.5027 0.3518 0.3265 -0.0202 0.0091  -0.0464 9   THR A CG2 
79  N  N   . ASN A 10  ? 0.4638 0.3452 0.3119 -0.0461 0.0034  -0.0316 10  ASN A N   
80  C  CA  . ASN A 10  ? 0.3780 0.2663 0.2288 -0.0543 0.0001  -0.0267 10  ASN A CA  
81  C  C   . ASN A 10  ? 0.3833 0.2842 0.2423 -0.0521 0.0054  -0.0267 10  ASN A C   
82  O  O   . ASN A 10  ? 0.3798 0.2838 0.2424 -0.0449 0.0112  -0.0303 10  ASN A O   
83  C  CB  . ASN A 10  ? 0.3879 0.2587 0.2216 -0.0602 -0.0078 -0.0257 10  ASN A CB  
84  C  CG  . ASN A 10  ? 0.4077 0.2642 0.2278 -0.0546 -0.0071 -0.0308 10  ASN A CG  
85  O  OD1 . ASN A 10  ? 0.3786 0.2423 0.2023 -0.0515 -0.0026 -0.0319 10  ASN A OD1 
86  N  ND2 . ASN A 10  ? 0.4729 0.3090 0.2766 -0.0531 -0.0117 -0.0336 10  ASN A ND2 
87  N  N   . TYR A 11  ? 0.4229 0.3313 0.2847 -0.0585 0.0033  -0.0223 11  TYR A N   
88  C  CA  . TYR A 11  ? 0.3998 0.3214 0.2706 -0.0569 0.0082  -0.0216 11  TYR A CA  
89  C  C   . TYR A 11  ? 0.3356 0.2500 0.1987 -0.0518 0.0109  -0.0256 11  TYR A C   
90  O  O   . TYR A 11  ? 0.3871 0.3114 0.2583 -0.0480 0.0164  -0.0263 11  TYR A O   
91  C  CB  . TYR A 11  ? 0.4663 0.3975 0.3407 -0.0647 0.0049  -0.0155 11  TYR A CB  
92  C  CG  . TYR A 11  ? 0.6370 0.5788 0.5172 -0.0638 0.0086  -0.0144 11  TYR A CG  
93  C  CD1 . TYR A 11  ? 0.7420 0.6769 0.6127 -0.0657 0.0068  -0.0148 11  TYR A CD1 
94  C  CD2 . TYR A 11  ? 0.7026 0.6609 0.5971 -0.0613 0.0136  -0.0129 11  TYR A CD2 
95  C  CE1 . TYR A 11  ? 0.7598 0.7042 0.6356 -0.0651 0.0099  -0.0135 11  TYR A CE1 
96  C  CE2 . TYR A 11  ? 0.7131 0.6802 0.6122 -0.0606 0.0166  -0.0117 11  TYR A CE2 
97  C  CZ  . TYR A 11  ? 0.7851 0.7454 0.6750 -0.0625 0.0149  -0.0119 11  TYR A CZ  
98  O  OH  . TYR A 11  ? 0.8085 0.7773 0.7027 -0.0618 0.0178  -0.0105 11  TYR A OH  
99  N  N   . LEU A 12  ? 0.3727 0.2694 0.2199 -0.0517 0.0067  -0.0281 12  LEU A N   
100 C  CA  . LEU A 12  ? 0.3992 0.2879 0.2369 -0.0467 0.0086  -0.0319 12  LEU A CA  
101 C  C   . LEU A 12  ? 0.4139 0.2983 0.2496 -0.0370 0.0134  -0.0370 12  LEU A C   
102 O  O   . LEU A 12  ? 0.4324 0.3233 0.2720 -0.0313 0.0189  -0.0388 12  LEU A O   
103 C  CB  . LEU A 12  ? 0.4434 0.3145 0.2631 -0.0511 0.0016  -0.0320 12  LEU A CB  
104 C  CG  . LEU A 12  ? 0.4652 0.3401 0.2842 -0.0598 -0.0027 -0.0273 12  LEU A CG  
105 C  CD1 . LEU A 12  ? 0.5467 0.4017 0.3466 -0.0645 -0.0107 -0.0276 12  LEU A CD1 
106 C  CD2 . LEU A 12  ? 0.4110 0.2965 0.2358 -0.0573 0.0023  -0.0273 12  LEU A CD2 
107 N  N   . THR A 13  ? 0.4388 0.3126 0.2683 -0.0352 0.0110  -0.0389 13  THR A N   
108 C  CA  . THR A 13  ? 0.4420 0.3122 0.2691 -0.0258 0.0152  -0.0434 13  THR A CA  
109 C  C   . THR A 13  ? 0.3958 0.2814 0.2396 -0.0229 0.0206  -0.0430 13  THR A C   
110 O  O   . THR A 13  ? 0.3686 0.2568 0.2143 -0.0152 0.0254  -0.0457 13  THR A O   
111 C  CB  . THR A 13  ? 0.3551 0.2049 0.1654 -0.0237 0.0101  -0.0462 13  THR A CB  
112 O  OG1 . THR A 13  ? 0.4024 0.2486 0.2132 -0.0310 0.0046  -0.0433 13  THR A OG1 
113 C  CG2 . THR A 13  ? 0.4718 0.3050 0.2637 -0.0236 0.0058  -0.0481 13  THR A CG2 
114 N  N   . GLY A 14  ? 0.3186 0.2144 0.1736 -0.0289 0.0196  -0.0392 14  GLY A N   
115 C  CA  . GLY A 14  ? 0.4277 0.3384 0.2986 -0.0268 0.0245  -0.0386 14  GLY A CA  
116 C  C   . GLY A 14  ? 0.3990 0.3078 0.2709 -0.0206 0.0268  -0.0414 14  GLY A C   
117 O  O   . GLY A 14  ? 0.3919 0.2887 0.2548 -0.0203 0.0232  -0.0426 14  GLY A O   
118 N  N   . TRP A 15  ? 0.3783 0.2994 0.2615 -0.0160 0.0327  -0.0423 15  TRP A N   
119 C  CA  . TRP A 15  ? 0.3342 0.2566 0.2207 -0.0105 0.0353  -0.0443 15  TRP A CA  
120 C  C   . TRP A 15  ? 0.3620 0.2738 0.2362 -0.0032 0.0363  -0.0481 15  TRP A C   
121 O  O   . TRP A 15  ? 0.4129 0.3271 0.2854 0.0008  0.0396  -0.0491 15  TRP A O   
122 C  CB  . TRP A 15  ? 0.3161 0.2550 0.2180 -0.0084 0.0410  -0.0437 15  TRP A CB  
123 C  CG  . TRP A 15  ? 0.2829 0.2322 0.1967 -0.0137 0.0404  -0.0406 15  TRP A CG  
124 C  CD1 . TRP A 15  ? 0.3299 0.2892 0.2517 -0.0162 0.0421  -0.0384 15  TRP A CD1 
125 C  CD2 . TRP A 15  ? 0.3144 0.2656 0.2328 -0.0163 0.0381  -0.0391 15  TRP A CD2 
126 N  NE1 . TRP A 15  ? 0.3458 0.3129 0.2766 -0.0198 0.0411  -0.0359 15  TRP A NE1 
127 C  CE2 . TRP A 15  ? 0.3340 0.2968 0.2631 -0.0200 0.0387  -0.0362 15  TRP A CE2 
128 C  CE3 . TRP A 15  ? 0.3366 0.2807 0.2507 -0.0158 0.0357  -0.0400 15  TRP A CE3 
129 C  CZ2 . TRP A 15  ? 0.3251 0.2933 0.2605 -0.0227 0.0370  -0.0342 15  TRP A CZ2 
130 C  CZ3 . TRP A 15  ? 0.3181 0.2677 0.2392 -0.0192 0.0340  -0.0378 15  TRP A CZ3 
131 C  CH2 . TRP A 15  ? 0.2867 0.2489 0.2185 -0.0224 0.0347  -0.0349 15  TRP A CH2 
132 N  N   . GLN A 16  ? 0.3595 0.2595 0.2249 -0.0011 0.0335  -0.0497 16  GLN A N   
133 C  CA  . GLN A 16  ? 0.4067 0.2962 0.2594 0.0071  0.0345  -0.0533 16  GLN A CA  
134 C  C   . GLN A 16  ? 0.3944 0.2874 0.2515 0.0129  0.0373  -0.0547 16  GLN A C   
135 O  O   . GLN A 16  ? 0.4148 0.3067 0.2751 0.0100  0.0349  -0.0537 16  GLN A O   
136 C  CB  . GLN A 16  ? 0.4556 0.3241 0.2896 0.0055  0.0278  -0.0546 16  GLN A CB  
137 C  CG  . GLN A 16  ? 0.3975 0.2606 0.2240 0.0016  0.0252  -0.0540 16  GLN A CG  
138 C  CD  . GLN A 16  ? 0.4930 0.3619 0.3187 0.0080  0.0302  -0.0556 16  GLN A CD  
139 O  OE1 . GLN A 16  ? 0.4350 0.3017 0.2551 0.0169  0.0333  -0.0583 16  GLN A OE1 
140 N  NE2 . GLN A 16  ? 0.3935 0.2706 0.2250 0.0036  0.0312  -0.0534 16  GLN A NE2 
141 N  N   . PRO A 17  ? 0.4272 0.3257 0.2845 0.0211  0.0424  -0.0565 17  PRO A N   
142 C  CA  . PRO A 17  ? 0.4315 0.3357 0.2938 0.0270  0.0456  -0.0574 17  PRO A CA  
143 C  C   . PRO A 17  ? 0.4002 0.2877 0.2481 0.0313  0.0422  -0.0598 17  PRO A C   
144 O  O   . PRO A 17  ? 0.3415 0.2135 0.1728 0.0348  0.0394  -0.0619 17  PRO A O   
145 C  CB  . PRO A 17  ? 0.3978 0.3126 0.2627 0.0342  0.0515  -0.0580 17  PRO A CB  
146 C  CG  . PRO A 17  ? 0.5216 0.4295 0.3763 0.0346  0.0505  -0.0586 17  PRO A CG  
147 C  CD  . PRO A 17  ? 0.5197 0.4218 0.3741 0.0252  0.0456  -0.0571 17  PRO A CD  
148 N  N   . ARG A 18  ? 0.3244 0.2148 0.1785 0.0311  0.0420  -0.0594 18  ARG A N   
149 C  CA  . ARG A 18  ? 0.3655 0.2417 0.2078 0.0357  0.0393  -0.0615 18  ARG A CA  
150 C  C   . ARG A 18  ? 0.3283 0.2163 0.1801 0.0413  0.0439  -0.0616 18  ARG A C   
151 O  O   . ARG A 18  ? 0.3569 0.2620 0.2249 0.0389  0.0475  -0.0597 18  ARG A O   
152 C  CB  . ARG A 18  ? 0.5546 0.4193 0.3930 0.0277  0.0325  -0.0601 18  ARG A CB  
153 C  CG  . ARG A 18  ? 0.5533 0.4058 0.3815 0.0213  0.0271  -0.0595 18  ARG A CG  
154 C  CD  . ARG A 18  ? 0.6031 0.4354 0.4100 0.0273  0.0241  -0.0627 18  ARG A CD  
155 N  NE  . ARG A 18  ? 0.7491 0.5677 0.5451 0.0202  0.0178  -0.0619 18  ARG A NE  
156 C  CZ  . ARG A 18  ? 0.7344 0.5544 0.5281 0.0190  0.0185  -0.0619 18  ARG A CZ  
157 N  NH1 . ARG A 18  ? 0.5802 0.4141 0.3813 0.0246  0.0251  -0.0627 18  ARG A NH1 
158 N  NH2 . ARG A 18  ? 0.7966 0.6043 0.5804 0.0120  0.0121  -0.0609 18  ARG A NH2 
159 N  N   . TRP A 19  ? 0.3426 0.2202 0.1832 0.0488  0.0433  -0.0638 19  TRP A N   
160 C  CA  . TRP A 19  ? 0.3477 0.2350 0.1954 0.0545  0.0471  -0.0639 19  TRP A CA  
161 C  C   . TRP A 19  ? 0.3488 0.2301 0.1981 0.0500  0.0430  -0.0631 19  TRP A C   
162 O  O   . TRP A 19  ? 0.3717 0.2345 0.2069 0.0496  0.0377  -0.0643 19  TRP A O   
163 C  CB  . TRP A 19  ? 0.3851 0.2654 0.2191 0.0665  0.0491  -0.0665 19  TRP A CB  
164 C  CG  . TRP A 19  ? 0.4163 0.3071 0.2567 0.0731  0.0531  -0.0664 19  TRP A CG  
165 C  CD1 . TRP A 19  ? 0.4826 0.3640 0.3159 0.0775  0.0514  -0.0675 19  TRP A CD1 
166 C  CD2 . TRP A 19  ? 0.3790 0.2917 0.2340 0.0757  0.0594  -0.0646 19  TRP A CD2 
167 N  NE1 . TRP A 19  ? 0.4122 0.3092 0.2551 0.0831  0.0564  -0.0667 19  TRP A NE1 
168 C  CE2 . TRP A 19  ? 0.3818 0.2984 0.2383 0.0818  0.0613  -0.0647 19  TRP A CE2 
169 C  CE3 . TRP A 19  ? 0.4262 0.3558 0.2932 0.0733  0.0634  -0.0625 19  TRP A CE3 
170 C  CZ2 . TRP A 19  ? 0.3330 0.2700 0.2023 0.0852  0.0668  -0.0628 19  TRP A CZ2 
171 C  CZ3 . TRP A 19  ? 0.4084 0.3574 0.2881 0.0763  0.0686  -0.0606 19  TRP A CZ3 
172 C  CH2 . TRP A 19  ? 0.4086 0.3614 0.2893 0.0820  0.0702  -0.0607 19  TRP A CH2 
173 N  N   . PHE A 20  ? 0.3066 0.2033 0.1725 0.0465  0.0454  -0.0612 20  PHE A N   
174 C  CA  . PHE A 20  ? 0.2684 0.1616 0.1372 0.0420  0.0418  -0.0600 20  PHE A CA  
175 C  C   . PHE A 20  ? 0.3223 0.2216 0.1950 0.0485  0.0449  -0.0607 20  PHE A C   
176 O  O   . PHE A 20  ? 0.3047 0.2182 0.1855 0.0533  0.0503  -0.0607 20  PHE A O   
177 C  CB  . PHE A 20  ? 0.2186 0.1241 0.1027 0.0325  0.0413  -0.0571 20  PHE A CB  
178 C  CG  . PHE A 20  ? 0.3965 0.2948 0.2763 0.0248  0.0370  -0.0558 20  PHE A CG  
179 C  CD1 . PHE A 20  ? 0.4291 0.3191 0.3057 0.0178  0.0312  -0.0538 20  PHE A CD1 
180 C  CD2 . PHE A 20  ? 0.3800 0.2811 0.2593 0.0243  0.0386  -0.0559 20  PHE A CD2 
181 C  CE1 . PHE A 20  ? 0.5267 0.4118 0.3999 0.0104  0.0270  -0.0520 20  PHE A CE1 
182 C  CE2 . PHE A 20  ? 0.5036 0.3990 0.3792 0.0172  0.0346  -0.0544 20  PHE A CE2 
183 C  CZ  . PHE A 20  ? 0.4155 0.3030 0.2880 0.0102  0.0288  -0.0524 20  PHE A CZ  
184 N  N   . VAL A 21  ? 0.2736 0.1622 0.1403 0.0484  0.0411  -0.0608 21  VAL A N   
185 C  CA  . VAL A 21  ? 0.2402 0.1337 0.1100 0.0544  0.0436  -0.0613 21  VAL A CA  
186 C  C   . VAL A 21  ? 0.2978 0.1902 0.1728 0.0485  0.0400  -0.0594 21  VAL A C   
187 O  O   . VAL A 21  ? 0.3682 0.2455 0.2338 0.0441  0.0341  -0.0590 21  VAL A O   
188 C  CB  . VAL A 21  ? 0.2974 0.1767 0.1500 0.0648  0.0433  -0.0640 21  VAL A CB  
189 C  CG1 . VAL A 21  ? 0.3952 0.2810 0.2517 0.0710  0.0461  -0.0640 21  VAL A CG1 
190 C  CG2 . VAL A 21  ? 0.4446 0.3267 0.2920 0.0714  0.0472  -0.0654 21  VAL A CG2 
191 N  N   . LEU A 22  ? 0.2800 0.1888 0.1701 0.0480  0.0432  -0.0582 22  LEU A N   
192 C  CA  . LEU A 22  ? 0.2773 0.1875 0.1734 0.0430  0.0404  -0.0563 22  LEU A CA  
193 C  C   . LEU A 22  ? 0.3579 0.2670 0.2520 0.0497  0.0416  -0.0572 22  LEU A C   
194 O  O   . LEU A 22  ? 0.3424 0.2637 0.2432 0.0556  0.0465  -0.0577 22  LEU A O   
195 C  CB  . LEU A 22  ? 0.3170 0.2456 0.2312 0.0369  0.0426  -0.0542 22  LEU A CB  
196 C  CG  . LEU A 22  ? 0.2860 0.2197 0.2084 0.0326  0.0405  -0.0522 22  LEU A CG  
197 C  CD1 . LEU A 22  ? 0.2558 0.1791 0.1727 0.0251  0.0343  -0.0500 22  LEU A CD1 
198 C  CD2 . LEU A 22  ? 0.3110 0.2639 0.2504 0.0300  0.0440  -0.0511 22  LEU A CD2 
199 N  N   . ASP A 23  ? 0.3647 0.2589 0.2490 0.0485  0.0365  -0.0568 23  ASP A N   
200 C  CA  . ASP A 23  ? 0.4235 0.3144 0.3044 0.0546  0.0367  -0.0575 23  ASP A CA  
201 C  C   . ASP A 23  ? 0.4203 0.3014 0.2982 0.0488  0.0308  -0.0554 23  ASP A C   
202 O  O   . ASP A 23  ? 0.3961 0.2622 0.2638 0.0436  0.0250  -0.0546 23  ASP A O   
203 C  CB  . ASP A 23  ? 0.5049 0.3817 0.3688 0.0648  0.0372  -0.0604 23  ASP A CB  
204 C  CG  . ASP A 23  ? 0.6239 0.5149 0.4928 0.0729  0.0441  -0.0616 23  ASP A CG  
205 O  OD1 . ASP A 23  ? 0.6302 0.5369 0.5105 0.0759  0.0483  -0.0608 23  ASP A OD1 
206 O  OD2 . ASP A 23  ? 0.6125 0.4993 0.4738 0.0761  0.0451  -0.0630 23  ASP A OD2 
207 N  N   . ASN A 24  ? 0.3782 0.2689 0.2652 0.0496  0.0322  -0.0543 24  ASN A N   
208 C  CA  . ASN A 24  ? 0.3785 0.2619 0.2636 0.0449  0.0271  -0.0520 24  ASN A CA  
209 C  C   . ASN A 24  ? 0.3405 0.2210 0.2268 0.0339  0.0218  -0.0490 24  ASN A C   
210 O  O   . ASN A 24  ? 0.3865 0.2520 0.2626 0.0297  0.0156  -0.0473 24  ASN A O   
211 C  CB  . ASN A 24  ? 0.4408 0.3034 0.3079 0.0510  0.0237  -0.0535 24  ASN A CB  
212 C  CG  . ASN A 24  ? 0.4911 0.3583 0.3572 0.0626  0.0290  -0.0559 24  ASN A CG  
213 O  OD1 . ASN A 24  ? 0.5131 0.3873 0.3853 0.0649  0.0304  -0.0551 24  ASN A OD1 
214 N  ND2 . ASN A 24  ? 0.4371 0.3013 0.2956 0.0700  0.0321  -0.0586 24  ASN A ND2 
215 N  N   . GLY A 25  ? 0.3418 0.2373 0.2406 0.0293  0.0243  -0.0480 25  GLY A N   
216 C  CA  . GLY A 25  ? 0.3234 0.2199 0.2252 0.0194  0.0201  -0.0446 25  GLY A CA  
217 C  C   . GLY A 25  ? 0.3548 0.2369 0.2444 0.0157  0.0161  -0.0446 25  GLY A C   
218 O  O   . GLY A 25  ? 0.4203 0.3025 0.3111 0.0073  0.0119  -0.0413 25  GLY A O   
219 N  N   . ILE A 26  ? 0.3011 0.1713 0.1786 0.0223  0.0171  -0.0481 26  ILE A N   
220 C  CA  . ILE A 26  ? 0.2905 0.1459 0.1549 0.0197  0.0133  -0.0486 26  ILE A CA  
221 C  C   . ILE A 26  ? 0.3378 0.2013 0.2057 0.0233  0.0185  -0.0510 26  ILE A C   
222 O  O   . ILE A 26  ? 0.3561 0.2232 0.2238 0.0320  0.0236  -0.0539 26  ILE A O   
223 C  CB  . ILE A 26  ? 0.3600 0.1908 0.2035 0.0246  0.0090  -0.0507 26  ILE A CB  
224 C  CG1 . ILE A 26  ? 0.4757 0.2977 0.3153 0.0217  0.0038  -0.0483 26  ILE A CG1 
225 C  CG2 . ILE A 26  ? 0.4232 0.2375 0.2524 0.0210  0.0041  -0.0511 26  ILE A CG2 
226 C  CD1 . ILE A 26  ? 0.5245 0.3427 0.3638 0.0097  -0.0032 -0.0436 26  ILE A CD1 
227 N  N   . LEU A 27  ? 0.3264 0.1936 0.1976 0.0164  0.0172  -0.0493 27  LEU A N   
228 C  CA  . LEU A 27  ? 0.2391 0.1119 0.1120 0.0187  0.0213  -0.0511 27  LEU A CA  
229 C  C   . LEU A 27  ? 0.3236 0.1763 0.1779 0.0200  0.0175  -0.0529 27  LEU A C   
230 O  O   . LEU A 27  ? 0.4169 0.2603 0.2649 0.0126  0.0119  -0.0509 27  LEU A O   
231 C  CB  . LEU A 27  ? 0.3072 0.1948 0.1935 0.0110  0.0220  -0.0483 27  LEU A CB  
232 C  CG  . LEU A 27  ? 0.3737 0.2714 0.2660 0.0128  0.0269  -0.0495 27  LEU A CG  
233 C  CD1 . LEU A 27  ? 0.3109 0.2192 0.2097 0.0209  0.0334  -0.0520 27  LEU A CD1 
234 C  CD2 . LEU A 27  ? 0.3465 0.2575 0.2510 0.0054  0.0269  -0.0466 27  LEU A CD2 
235 N  N   . SER A 28  ? 0.3553 0.2025 0.2011 0.0295  0.0207  -0.0565 28  SER A N   
236 C  CA  . SER A 28  ? 0.4911 0.3190 0.3180 0.0326  0.0177  -0.0589 28  SER A CA  
237 C  C   . SER A 28  ? 0.4741 0.3098 0.3034 0.0346  0.0218  -0.0601 28  SER A C   
238 O  O   . SER A 28  ? 0.3924 0.2465 0.2351 0.0375  0.0281  -0.0602 28  SER A O   
239 C  CB  . SER A 28  ? 0.4774 0.2924 0.2905 0.0435  0.0181  -0.0621 28  SER A CB  
240 O  OG  . SER A 28  ? 0.5538 0.3594 0.3627 0.0419  0.0138  -0.0611 28  SER A OG  
241 N  N   . TYR A 29  ? 0.4566 0.2779 0.2723 0.0327  0.0179  -0.0609 29  TYR A N   
242 C  CA  . TYR A 29  ? 0.4331 0.2609 0.2504 0.0337  0.0212  -0.0618 29  TYR A CA  
243 C  C   . TYR A 29  ? 0.6039 0.4132 0.4007 0.0410  0.0196  -0.0653 29  TYR A C   
244 O  O   . TYR A 29  ? 0.5641 0.3519 0.3440 0.0398  0.0130  -0.0661 29  TYR A O   
245 C  CB  . TYR A 29  ? 0.6034 0.4373 0.4290 0.0224  0.0185  -0.0585 29  TYR A CB  
246 C  CG  . TYR A 29  ? 0.8288 0.6479 0.6406 0.0184  0.0135  -0.0587 29  TYR A CG  
247 C  CD1 . TYR A 29  ? 0.9109 0.7069 0.7015 0.0223  0.0088  -0.0612 29  TYR A CD1 
248 C  CD2 . TYR A 29  ? 0.8568 0.6846 0.6761 0.0109  0.0132  -0.0562 29  TYR A CD2 
249 C  CE1 . TYR A 29  ? 1.0340 0.8158 0.8114 0.0185  0.0039  -0.0615 29  TYR A CE1 
250 C  CE2 . TYR A 29  ? 0.9239 0.7389 0.7308 0.0072  0.0086  -0.0562 29  TYR A CE2 
251 C  CZ  . TYR A 29  ? 1.0631 0.8549 0.8489 0.0107  0.0038  -0.0589 29  TYR A CZ  
252 O  OH  . TYR A 29  ? 1.1219 0.8992 0.8938 0.0069  -0.0013 -0.0591 29  TYR A OH  
253 N  N   . TYR A 30  ? 0.5400 0.3580 0.3380 0.0489  0.0256  -0.0672 30  TYR A N   
254 C  CA  . TYR A 30  ? 0.4961 0.2991 0.2751 0.0576  0.0250  -0.0706 30  TYR A CA  
255 C  C   . TYR A 30  ? 0.5373 0.3479 0.3183 0.0571  0.0278  -0.0707 30  TYR A C   
256 O  O   . TYR A 30  ? 0.4195 0.2496 0.2180 0.0525  0.0317  -0.0684 30  TYR A O   
257 C  CB  . TYR A 30  ? 0.5101 0.3152 0.2848 0.0707  0.0297  -0.0730 30  TYR A CB  
258 C  CG  . TYR A 30  ? 0.6339 0.4389 0.4118 0.0724  0.0293  -0.0725 30  TYR A CG  
259 C  CD1 . TYR A 30  ? 0.5560 0.3730 0.3509 0.0637  0.0291  -0.0695 30  TYR A CD1 
260 C  CD2 . TYR A 30  ? 0.6392 0.4328 0.4031 0.0836  0.0295  -0.0751 30  TYR A CD2 
261 C  CE1 . TYR A 30  ? 0.5838 0.4011 0.3817 0.0655  0.0289  -0.0691 30  TYR A CE1 
262 C  CE2 . TYR A 30  ? 0.6573 0.4510 0.4240 0.0855  0.0293  -0.0746 30  TYR A CE2 
263 C  CZ  . TYR A 30  ? 0.6820 0.4876 0.4659 0.0763  0.0289  -0.0716 30  TYR A CZ  
264 O  OH  . TYR A 30  ? 0.6780 0.4838 0.4644 0.0784  0.0287  -0.0710 30  TYR A OH  
265 N  N   . ASP A 31  ? 0.4984 0.2926 0.2606 0.0619  0.0253  -0.0733 31  ASP A N   
266 C  CA  . ASP A 31  ? 0.5532 0.3533 0.3157 0.0621  0.0277  -0.0735 31  ASP A CA  
267 C  C   . ASP A 31  ? 0.5612 0.3845 0.3376 0.0687  0.0364  -0.0729 31  ASP A C   
268 O  O   . ASP A 31  ? 0.5875 0.4265 0.3770 0.0643  0.0397  -0.0709 31  ASP A O   
269 C  CB  . ASP A 31  ? 0.6231 0.4015 0.3612 0.0690  0.0243  -0.0770 31  ASP A CB  
270 C  CG  . ASP A 31  ? 0.8162 0.5742 0.5417 0.0597  0.0156  -0.0768 31  ASP A CG  
271 O  OD1 . ASP A 31  ? 0.8526 0.5877 0.5556 0.0647  0.0108  -0.0799 31  ASP A OD1 
272 O  OD2 . ASP A 31  ? 0.8862 0.6507 0.6233 0.0479  0.0133  -0.0735 31  ASP A OD2 
273 N  N   . SER A 32  ? 0.5072 0.3322 0.2802 0.0793  0.0398  -0.0744 32  SER A N   
274 C  CA  . SER A 32  ? 0.5758 0.4216 0.3592 0.0869  0.0476  -0.0736 32  SER A CA  
275 C  C   . SER A 32  ? 0.5211 0.3708 0.3075 0.0927  0.0496  -0.0737 32  SER A C   
276 O  O   . SER A 32  ? 0.6603 0.4931 0.4353 0.0941  0.0452  -0.0754 32  SER A O   
277 C  CB  . SER A 32  ? 0.6212 0.4624 0.3897 0.0977  0.0497  -0.0758 32  SER A CB  
278 O  OG  . SER A 32  ? 0.7323 0.5769 0.5027 0.0929  0.0498  -0.0751 32  SER A OG  
279 N  N   . GLN A 33  ? 0.5446 0.4163 0.3457 0.0960  0.0560  -0.0717 33  GLN A N   
280 C  CA  . GLN A 33  ? 0.6563 0.5329 0.4602 0.1022  0.0582  -0.0717 33  GLN A CA  
281 C  C   . GLN A 33  ? 0.7745 0.6333 0.5567 0.1143  0.0566  -0.0749 33  GLN A C   
282 O  O   . GLN A 33  ? 0.7328 0.5953 0.5146 0.1217  0.0589  -0.0751 33  GLN A O   
283 C  CB  . GLN A 33  ? 0.6749 0.5776 0.4948 0.1057  0.0654  -0.0690 33  GLN A CB  
284 C  CG  . GLN A 33  ? 0.7383 0.6487 0.5615 0.1125  0.0681  -0.0686 33  GLN A CG  
285 C  CD  . GLN A 33  ? 0.7744 0.7113 0.6133 0.1148  0.0748  -0.0652 33  GLN A CD  
286 O  OE1 . GLN A 33  ? 0.8112 0.7590 0.6567 0.1121  0.0771  -0.0635 33  GLN A OE1 
287 N  NE2 . GLN A 33  ? 0.7411 0.6887 0.5864 0.1193  0.0775  -0.0640 33  GLN A NE2 
288 N  N   . ASP A 34  ? 0.8779 0.7179 0.6416 0.1168  0.0530  -0.0775 34  ASP A N   
289 C  CA  . ASP A 34  ? 0.8534 0.6746 0.5942 0.1292  0.0512  -0.0810 34  ASP A CA  
290 C  C   . ASP A 34  ? 0.8768 0.6676 0.5969 0.1260  0.0427  -0.0839 34  ASP A C   
291 O  O   . ASP A 34  ? 1.0006 0.7754 0.7004 0.1340  0.0409  -0.0870 34  ASP A O   
292 C  CB  . ASP A 34  ? 0.8977 0.7286 0.6326 0.1416  0.0568  -0.0815 34  ASP A CB  
293 C  CG  . ASP A 34  ? 0.8920 0.7546 0.6488 0.1417  0.0646  -0.0776 34  ASP A CG  
294 O  OD1 . ASP A 34  ? 0.8756 0.7518 0.6516 0.1331  0.0656  -0.0749 34  ASP A OD1 
295 O  OD2 . ASP A 34  ? 0.7969 0.6710 0.5517 0.1502  0.0694  -0.0769 34  ASP A OD2 
296 N  N   . LYS A 38  ? 0.7342 0.4596 0.4051 0.1497  0.0296  -0.0904 38  LYS A N   
297 C  CA  . LYS A 38  ? 0.8324 0.5292 0.4827 0.1457  0.0214  -0.0927 38  LYS A CA  
298 C  C   . LYS A 38  ? 0.8173 0.5041 0.4725 0.1300  0.0140  -0.0905 38  LYS A C   
299 O  O   . LYS A 38  ? 0.7464 0.4058 0.3829 0.1262  0.0054  -0.0920 38  LYS A O   
300 C  CB  . LYS A 38  ? 0.8659 0.5685 0.5164 0.1442  0.0231  -0.0932 38  LYS A CB  
301 C  CG  . LYS A 38  ? 0.9389 0.6224 0.5809 0.1319  0.0149  -0.0934 38  LYS A CG  
302 C  CD  . LYS A 38  ? 0.9157 0.5993 0.5707 0.1161  0.0100  -0.0900 38  LYS A CD  
303 C  CE  . LYS A 38  ? 0.8946 0.5461 0.5290 0.1098  -0.0009 -0.0910 38  LYS A CE  
304 N  NZ  . LYS A 38  ? 0.8849 0.5391 0.5317 0.0923  -0.0058 -0.0869 38  LYS A NZ  
305 N  N   . GLY A 39  ? 0.8842 0.5935 0.5642 0.1205  0.0172  -0.0868 39  GLY A N   
306 C  CA  . GLY A 39  ? 0.8539 0.5574 0.5402 0.1061  0.0108  -0.0841 39  GLY A CA  
307 C  C   . GLY A 39  ? 0.8426 0.5563 0.5425 0.0922  0.0097  -0.0813 39  GLY A C   
308 O  O   . GLY A 39  ? 0.8897 0.6042 0.5866 0.0920  0.0105  -0.0822 39  GLY A O   
309 N  N   . SER A 40  ? 0.7888 0.5105 0.5036 0.0808  0.0076  -0.0778 40  SER A N   
310 C  CA  . SER A 40  ? 0.7517 0.4848 0.4810 0.0673  0.0065  -0.0745 40  SER A CA  
311 C  C   . SER A 40  ? 0.7800 0.4935 0.4947 0.0597  -0.0013 -0.0744 40  SER A C   
312 O  O   . SER A 40  ? 0.6766 0.3642 0.3700 0.0614  -0.0080 -0.0762 40  SER A O   
313 C  CB  . SER A 40  ? 0.8371 0.5813 0.5829 0.0579  0.0053  -0.0705 40  SER A CB  
314 O  OG  . SER A 40  ? 0.8612 0.5886 0.5962 0.0589  0.0002  -0.0706 40  SER A OG  
315 N  N   . LYS A 41  ? 0.8477 0.5734 0.5738 0.0509  -0.0006 -0.0721 41  LYS A N   
316 C  CA  . LYS A 41  ? 0.9406 0.6503 0.6553 0.0418  -0.0082 -0.0711 41  LYS A CA  
317 C  C   . LYS A 41  ? 0.8558 0.5761 0.5855 0.0277  -0.0113 -0.0660 41  LYS A C   
318 O  O   . LYS A 41  ? 0.8924 0.6082 0.6196 0.0183  -0.0161 -0.0637 41  LYS A O   
319 C  CB  . LYS A 41  ? 0.9624 0.6737 0.6729 0.0438  -0.0061 -0.0729 41  LYS A CB  
320 C  CG  . LYS A 41  ? 1.2230 0.9053 0.9082 0.0423  -0.0146 -0.0748 41  LYS A CG  
321 C  CD  . LYS A 41  ? 0.7849 0.4587 0.4691 0.0266  -0.0235 -0.0705 41  LYS A CD  
322 C  CE  . LYS A 41  ? 0.6158 0.2674 0.2862 0.0228  -0.0322 -0.0695 41  LYS A CE  
323 N  NZ  . LYS A 41  ? 0.7966 0.4274 0.4471 0.0356  -0.0330 -0.0743 41  LYS A NZ  
324 N  N   . GLY A 42  ? 0.7936 0.5283 0.5387 0.0265  -0.0085 -0.0637 42  GLY A N   
325 C  CA  . GLY A 42  ? 0.7057 0.4518 0.4653 0.0142  -0.0111 -0.0586 42  GLY A CA  
326 C  C   . GLY A 42  ? 0.5999 0.3662 0.3785 0.0152  -0.0059 -0.0570 42  GLY A C   
327 O  O   . GLY A 42  ? 0.5189 0.2955 0.3035 0.0246  0.0011  -0.0596 42  GLY A O   
328 N  N   . SER A 43  ? 0.4833 0.2557 0.2711 0.0056  -0.0094 -0.0525 43  SER A N   
329 C  CA  . SER A 43  ? 0.4851 0.2766 0.2910 0.0059  -0.0049 -0.0507 43  SER A CA  
330 C  C   . SER A 43  ? 0.4436 0.2466 0.2619 -0.0052 -0.0080 -0.0452 43  SER A C   
331 O  O   . SER A 43  ? 0.5728 0.3658 0.3839 -0.0138 -0.0151 -0.0420 43  SER A O   
332 C  CB  . SER A 43  ? 0.4365 0.2192 0.2357 0.0138  -0.0046 -0.0529 43  SER A CB  
333 O  OG  . SER A 43  ? 0.4518 0.2157 0.2384 0.0090  -0.0127 -0.0510 43  SER A OG  
334 N  N   . ILE A 44  ? 0.4673 0.2916 0.3041 -0.0050 -0.0029 -0.0437 44  ILE A N   
335 C  CA  . ILE A 44  ? 0.4983 0.3338 0.3463 -0.0142 -0.0057 -0.0385 44  ILE A CA  
336 C  C   . ILE A 44  ? 0.4931 0.3406 0.3527 -0.0118 -0.0028 -0.0376 44  ILE A C   
337 O  O   . ILE A 44  ? 0.3983 0.2552 0.2653 -0.0041 0.0035  -0.0406 44  ILE A O   
338 C  CB  . ILE A 44  ? 0.5708 0.4232 0.4311 -0.0202 -0.0039 -0.0356 44  ILE A CB  
339 C  CG1 . ILE A 44  ? 0.5148 0.3892 0.3939 -0.0210 0.0002  -0.0335 44  ILE A CG1 
340 C  CG2 . ILE A 44  ? 0.6127 0.4678 0.4729 -0.0156 0.0008  -0.0391 44  ILE A CG2 
341 C  CD1 . ILE A 44  ? 0.6496 0.5392 0.5393 -0.0235 0.0033  -0.0323 44  ILE A CD1 
342 N  N   . LYS A 45  ? 0.4524 0.3000 0.3137 -0.0190 -0.0080 -0.0329 45  LYS A N   
343 C  CA  . LYS A 45  ? 0.4620 0.3203 0.3335 -0.0180 -0.0065 -0.0314 45  LYS A CA  
344 C  C   . LYS A 45  ? 0.3496 0.2328 0.2406 -0.0195 -0.0015 -0.0296 45  LYS A C   
345 O  O   . LYS A 45  ? 0.3916 0.2837 0.2886 -0.0270 -0.0040 -0.0250 45  LYS A O   
346 C  CB  . LYS A 45  ? 0.5453 0.3944 0.4104 -0.0260 -0.0144 -0.0264 45  LYS A CB  
347 C  CG  . LYS A 45  ? 0.5025 0.3533 0.3710 -0.0234 -0.0144 -0.0257 45  LYS A CG  
348 C  CD  . LYS A 45  ? 0.7431 0.5767 0.5992 -0.0300 -0.0233 -0.0217 45  LYS A CD  
349 C  CE  . LYS A 45  ? 0.8876 0.6951 0.7240 -0.0240 -0.0261 -0.0258 45  LYS A CE  
350 N  NZ  . LYS A 45  ? 0.9285 0.7173 0.7487 -0.0263 -0.0307 -0.0271 45  LYS A NZ  
351 N  N   . MSE A 46  ? 0.3660 0.2605 0.2662 -0.0120 0.0055  -0.0330 46  MSE A N   
352 C  CA  . MSE A 46  ? 0.3501 0.2664 0.2674 -0.0127 0.0100  -0.0319 46  MSE A CA  
353 C  C   . MSE A 46  ? 0.3430 0.2702 0.2693 -0.0173 0.0079  -0.0274 46  MSE A C   
354 O  O   . MSE A 46  ? 0.3416 0.2847 0.2792 -0.0200 0.0095  -0.0251 46  MSE A O   
355 C  CB  . MSE A 46  ? 0.3182 0.2432 0.2428 -0.0042 0.0171  -0.0361 46  MSE A CB  
356 C  CG  . MSE A 46  ? 0.3734 0.2949 0.2938 -0.0001 0.0205  -0.0397 46  MSE A CG  
357 SE SE  . MSE A 46  ? 0.4853 0.4082 0.4052 -0.0070 0.0187  -0.0376 46  MSE A SE  
358 C  CE  . MSE A 46  ? 0.3274 0.2742 0.2667 -0.0111 0.0209  -0.0341 46  MSE A CE  
359 N  N   . ALA A 47  ? 0.3562 0.2747 0.2768 -0.0177 0.0042  -0.0261 47  ALA A N   
360 C  CA  . ALA A 47  ? 0.4309 0.3596 0.3593 -0.0217 0.0022  -0.0216 47  ALA A CA  
361 C  C   . ALA A 47  ? 0.4161 0.3527 0.3480 -0.0308 -0.0020 -0.0156 47  ALA A C   
362 O  O   . ALA A 47  ? 0.4891 0.4412 0.4317 -0.0329 -0.0017 -0.0120 47  ALA A O   
363 C  CB  . ALA A 47  ? 0.4382 0.3538 0.3579 -0.0209 -0.0016 -0.0211 47  ALA A CB  
364 N  N   . VAL A 48  ? 0.3123 0.2388 0.2351 -0.0358 -0.0060 -0.0143 48  VAL A N   
365 C  CA  . VAL A 48  ? 0.3741 0.3078 0.2992 -0.0449 -0.0105 -0.0078 48  VAL A CA  
366 C  C   . VAL A 48  ? 0.4312 0.3738 0.3610 -0.0454 -0.0075 -0.0083 48  VAL A C   
367 O  O   . VAL A 48  ? 0.4033 0.3527 0.3348 -0.0523 -0.0107 -0.0033 48  VAL A O   
368 C  CB  . VAL A 48  ? 0.4159 0.3305 0.3257 -0.0521 -0.0189 -0.0046 48  VAL A CB  
369 C  CG1 . VAL A 48  ? 0.4837 0.3868 0.3871 -0.0512 -0.0222 -0.0043 48  VAL A CG1 
370 C  CG2 . VAL A 48  ? 0.4634 0.3605 0.3605 -0.0502 -0.0194 -0.0090 48  VAL A CG2 
371 N  N   . CYS A 49  ? 0.4381 0.3813 0.3702 -0.0382 -0.0015 -0.0142 49  CYS A N   
372 C  CA  . CYS A 49  ? 0.4125 0.3620 0.3483 -0.0376 0.0017  -0.0156 49  CYS A CA  
373 C  C   . CYS A 49  ? 0.3617 0.3322 0.3126 -0.0353 0.0067  -0.0151 49  CYS A C   
374 O  O   . CYS A 49  ? 0.3618 0.3399 0.3202 -0.0304 0.0103  -0.0170 49  CYS A O   
375 C  CB  . CYS A 49  ? 0.4879 0.4259 0.4167 -0.0312 0.0052  -0.0218 49  CYS A CB  
376 S  SG  . CYS A 49  ? 0.5402 0.4792 0.4681 -0.0314 0.0073  -0.0233 49  CYS A SG  
377 N  N   . GLU A 50  ? 0.2937 0.2726 0.2480 -0.0388 0.0067  -0.0125 50  GLU A N   
378 C  CA  . GLU A 50  ? 0.3322 0.3287 0.2988 -0.0363 0.0110  -0.0123 50  GLU A CA  
379 C  C   . GLU A 50  ? 0.2732 0.2673 0.2393 -0.0327 0.0151  -0.0167 50  GLU A C   
380 O  O   . GLU A 50  ? 0.3329 0.3153 0.2898 -0.0343 0.0135  -0.0177 50  GLU A O   
381 C  CB  . GLU A 50  ? 0.3294 0.3383 0.3000 -0.0422 0.0080  -0.0058 50  GLU A CB  
382 C  CG  . GLU A 50  ? 0.4412 0.4503 0.4096 -0.0478 0.0024  -0.0002 50  GLU A CG  
383 C  CD  . GLU A 50  ? 0.5108 0.5370 0.4858 -0.0523 0.0004  0.0068  50  GLU A CD  
384 O  OE1 . GLU A 50  ? 0.5351 0.5677 0.5119 -0.0532 0.0014  0.0079  50  GLU A OE1 
385 O  OE2 . GLU A 50  ? 0.4962 0.5297 0.4742 -0.0546 -0.0021 0.0112  50  GLU A OE2 
386 N  N   . ILE A 51  ? 0.2295 0.2343 0.2048 -0.0279 0.0201  -0.0190 51  ILE A N   
387 C  CA  . ILE A 51  ? 0.2064 0.2101 0.1820 -0.0249 0.0239  -0.0226 51  ILE A CA  
388 C  C   . ILE A 51  ? 0.3215 0.3385 0.3050 -0.0250 0.0257  -0.0208 51  ILE A C   
389 O  O   . ILE A 51  ? 0.2840 0.3121 0.2755 -0.0229 0.0273  -0.0202 51  ILE A O   
390 C  CB  . ILE A 51  ? 0.2307 0.2328 0.2088 -0.0183 0.0285  -0.0277 51  ILE A CB  
391 C  CG1 . ILE A 51  ? 0.2907 0.2811 0.2615 -0.0167 0.0270  -0.0293 51  ILE A CG1 
392 C  CG2 . ILE A 51  ? 0.2620 0.2616 0.2388 -0.0160 0.0317  -0.0306 51  ILE A CG2 
393 C  CD1 . ILE A 51  ? 0.4190 0.4107 0.3932 -0.0104 0.0312  -0.0333 51  ILE A CD1 
394 N  N   . LYS A 52  ? 0.2836 0.2988 0.2639 -0.0273 0.0253  -0.0200 52  LYS A N   
395 C  CA  . LYS A 52  ? 0.3340 0.3608 0.3207 -0.0273 0.0269  -0.0182 52  LYS A CA  
396 C  C   . LYS A 52  ? 0.2309 0.2565 0.2190 -0.0236 0.0310  -0.0220 52  LYS A C   
397 O  O   . LYS A 52  ? 0.2174 0.2334 0.1994 -0.0237 0.0314  -0.0243 52  LYS A O   
398 C  CB  . LYS A 52  ? 0.4142 0.4433 0.3974 -0.0332 0.0230  -0.0130 52  LYS A CB  
399 C  CG  . LYS A 52  ? 0.4234 0.4652 0.4126 -0.0326 0.0245  -0.0107 52  LYS A CG  
400 C  CD  . LYS A 52  ? 0.3245 0.3710 0.3111 -0.0386 0.0203  -0.0045 52  LYS A CD  
401 C  CE  . LYS A 52  ? 0.4300 0.4879 0.4212 -0.0371 0.0222  -0.0026 52  LYS A CE  
402 N  NZ  . LYS A 52  ? 0.5551 0.6184 0.5436 -0.0430 0.0185  0.0037  52  LYS A NZ  
403 N  N   . VAL A 53  ? 0.2075 0.2428 0.2032 -0.0204 0.0338  -0.0226 53  VAL A N   
404 C  CA  . VAL A 53  ? 0.2009 0.2358 0.1986 -0.0174 0.0373  -0.0256 53  VAL A CA  
405 C  C   . VAL A 53  ? 0.3450 0.3896 0.3475 -0.0167 0.0380  -0.0237 53  VAL A C   
406 O  O   . VAL A 53  ? 0.3888 0.4420 0.3957 -0.0152 0.0376  -0.0220 53  VAL A O   
407 C  CB  . VAL A 53  ? 0.3223 0.3572 0.3242 -0.0130 0.0403  -0.0294 53  VAL A CB  
408 C  CG1 . VAL A 53  ? 0.4038 0.4403 0.4086 -0.0106 0.0434  -0.0315 53  VAL A CG1 
409 C  CG2 . VAL A 53  ? 0.3271 0.3527 0.3240 -0.0124 0.0404  -0.0318 53  VAL A CG2 
410 N  N   . HIS A 54  ? 0.2581 0.3009 0.2588 -0.0171 0.0392  -0.0239 54  HIS A N   
411 C  CA  . HIS A 54  ? 0.2881 0.3386 0.2922 -0.0159 0.0399  -0.0222 54  HIS A CA  
412 C  C   . HIS A 54  ? 0.2663 0.3171 0.2744 -0.0116 0.0430  -0.0256 54  HIS A C   
413 O  O   . HIS A 54  ? 0.3448 0.3894 0.3520 -0.0109 0.0448  -0.0285 54  HIS A O   
414 C  CB  . HIS A 54  ? 0.3507 0.3995 0.3505 -0.0190 0.0391  -0.0201 54  HIS A CB  
415 C  CG  . HIS A 54  ? 0.3732 0.4223 0.3686 -0.0239 0.0353  -0.0160 54  HIS A CG  
416 N  ND1 . HIS A 54  ? 0.4686 0.5078 0.4575 -0.0274 0.0334  -0.0165 54  HIS A ND1 
417 C  CD2 . HIS A 54  ? 0.4417 0.4999 0.4381 -0.0261 0.0329  -0.0110 54  HIS A CD2 
418 C  CE1 . HIS A 54  ? 0.5138 0.5548 0.4995 -0.0322 0.0295  -0.0121 54  HIS A CE1 
419 N  NE2 . HIS A 54  ? 0.5566 0.6102 0.5474 -0.0317 0.0292  -0.0083 54  HIS A NE2 
420 N  N   . SER A 55  ? 0.2166 0.2747 0.2286 -0.0086 0.0432  -0.0249 55  SER A N   
421 C  CA  . SER A 55  ? 0.2780 0.3354 0.2931 -0.0050 0.0452  -0.0278 55  SER A CA  
422 C  C   . SER A 55  ? 0.2856 0.3382 0.2990 -0.0055 0.0466  -0.0287 55  SER A C   
423 O  O   . SER A 55  ? 0.4515 0.5010 0.4666 -0.0041 0.0482  -0.0314 55  SER A O   
424 C  CB  . SER A 55  ? 0.2824 0.3474 0.3000 -0.0013 0.0446  -0.0266 55  SER A CB  
425 O  OG  . SER A 55  ? 0.4531 0.5219 0.4734 0.0004  0.0439  -0.0269 55  SER A OG  
426 N  N   . ALA A 56  ? 0.3778 0.4305 0.3880 -0.0079 0.0460  -0.0264 56  ALA A N   
427 C  CA  . ALA A 56  ? 0.5166 0.5656 0.5250 -0.0087 0.0473  -0.0268 56  ALA A CA  
428 C  C   . ALA A 56  ? 0.6181 0.6599 0.6244 -0.0102 0.0487  -0.0290 56  ALA A C   
429 O  O   . ALA A 56  ? 0.6195 0.6588 0.6260 -0.0099 0.0503  -0.0300 56  ALA A O   
430 C  CB  . ALA A 56  ? 0.5935 0.6454 0.5989 -0.0107 0.0460  -0.0232 56  ALA A CB  
431 N  N   . ASP A 57  ? 0.5560 0.5953 0.5609 -0.0111 0.0482  -0.0299 57  ASP A N   
432 C  CA  . ASP A 57  ? 0.5196 0.5527 0.5215 -0.0118 0.0495  -0.0317 57  ASP A CA  
433 C  C   . ASP A 57  ? 0.4274 0.4583 0.4306 -0.0100 0.0508  -0.0342 57  ASP A C   
434 O  O   . ASP A 57  ? 0.4166 0.4485 0.4207 -0.0095 0.0497  -0.0344 57  ASP A O   
435 C  CB  . ASP A 57  ? 0.6382 0.6669 0.6334 -0.0149 0.0478  -0.0302 57  ASP A CB  
436 C  CG  . ASP A 57  ? 0.7960 0.8178 0.7864 -0.0147 0.0493  -0.0320 57  ASP A CG  
437 O  OD1 . ASP A 57  ? 0.8876 0.9097 0.8807 -0.0124 0.0518  -0.0340 57  ASP A OD1 
438 O  OD2 . ASP A 57  ? 0.8584 0.8748 0.8420 -0.0169 0.0477  -0.0314 57  ASP A OD2 
439 N  N   . ASN A 58  ? 0.3185 0.3476 0.3221 -0.0087 0.0528  -0.0360 58  ASN A N   
440 C  CA  . ASN A 58  ? 0.2886 0.3181 0.2949 -0.0065 0.0542  -0.0380 58  ASN A CA  
441 C  C   . ASN A 58  ? 0.2611 0.2855 0.2621 -0.0054 0.0548  -0.0393 58  ASN A C   
442 O  O   . ASN A 58  ? 0.3401 0.3653 0.3429 -0.0033 0.0557  -0.0406 58  ASN A O   
443 C  CB  . ASN A 58  ? 0.4608 0.4929 0.4712 -0.0056 0.0562  -0.0387 58  ASN A CB  
444 C  CG  . ASN A 58  ? 0.6045 0.6404 0.6201 -0.0052 0.0554  -0.0385 58  ASN A CG  
445 O  OD1 . ASN A 58  ? 0.6232 0.6611 0.6404 -0.0044 0.0540  -0.0387 58  ASN A OD1 
446 N  ND2 . ASN A 58  ? 0.6398 0.6761 0.6572 -0.0057 0.0559  -0.0382 58  ASN A ND2 
447 N  N   . THR A 59  ? 0.3193 0.3383 0.3136 -0.0067 0.0540  -0.0388 59  THR A N   
448 C  CA  . THR A 59  ? 0.3205 0.3329 0.3077 -0.0051 0.0543  -0.0401 59  THR A CA  
449 C  C   . THR A 59  ? 0.2826 0.2879 0.2628 -0.0071 0.0509  -0.0395 59  THR A C   
450 O  O   . THR A 59  ? 0.2362 0.2350 0.2104 -0.0053 0.0503  -0.0408 59  THR A O   
451 C  CB  . THR A 59  ? 0.3695 0.3797 0.3529 -0.0042 0.0562  -0.0405 59  THR A CB  
452 O  OG1 . THR A 59  ? 0.3920 0.4005 0.3726 -0.0074 0.0547  -0.0389 59  THR A OG1 
453 C  CG2 . THR A 59  ? 0.3022 0.3195 0.2923 -0.0028 0.0592  -0.0405 59  THR A CG2 
454 N  N   . ARG A 60  ? 0.2590 0.2653 0.2389 -0.0108 0.0484  -0.0372 60  ARG A N   
455 C  CA  . ARG A 60  ? 0.3109 0.3112 0.2842 -0.0138 0.0445  -0.0356 60  ARG A CA  
456 C  C   . ARG A 60  ? 0.2566 0.2591 0.2325 -0.0146 0.0425  -0.0347 60  ARG A C   
457 O  O   . ARG A 60  ? 0.2717 0.2825 0.2555 -0.0137 0.0434  -0.0342 60  ARG A O   
458 C  CB  . ARG A 60  ? 0.4011 0.4028 0.3728 -0.0180 0.0426  -0.0329 60  ARG A CB  
459 C  CG  . ARG A 60  ? 0.3675 0.3660 0.3352 -0.0179 0.0440  -0.0335 60  ARG A CG  
460 C  CD  . ARG A 60  ? 0.4609 0.4621 0.4279 -0.0218 0.0421  -0.0304 60  ARG A CD  
461 N  NE  . ARG A 60  ? 0.6571 0.6577 0.6213 -0.0261 0.0378  -0.0274 60  ARG A NE  
462 C  CZ  . ARG A 60  ? 0.6940 0.6977 0.6570 -0.0302 0.0354  -0.0239 60  ARG A CZ  
463 N  NH1 . ARG A 60  ? 0.7173 0.7213 0.6779 -0.0344 0.0312  -0.0205 60  ARG A NH1 
464 N  NH2 . ARG A 60  ? 0.6291 0.6358 0.5930 -0.0302 0.0370  -0.0233 60  ARG A NH2 
465 N  N   . MSE A 61  ? 0.2532 0.2476 0.2218 -0.0163 0.0393  -0.0342 61  MSE A N   
466 C  CA  . MSE A 61  ? 0.2346 0.2301 0.2044 -0.0177 0.0367  -0.0327 61  MSE A CA  
467 C  C   . MSE A 61  ? 0.3136 0.2996 0.2737 -0.0222 0.0318  -0.0306 61  MSE A C   
468 O  O   . MSE A 61  ? 0.3591 0.3354 0.3104 -0.0227 0.0308  -0.0317 61  MSE A O   
469 C  CB  . MSE A 61  ? 0.2088 0.2036 0.1808 -0.0133 0.0386  -0.0353 61  MSE A CB  
470 C  CG  . MSE A 61  ? 0.3392 0.3226 0.3021 -0.0104 0.0387  -0.0380 61  MSE A CG  
471 SE SE  . MSE A 61  ? 0.5717 0.5569 0.5384 -0.0043 0.0416  -0.0408 61  MSE A SE  
472 C  CE  . MSE A 61  ? 0.6606 0.6432 0.6237 0.0014  0.0461  -0.0441 61  MSE A CE  
473 N  N   . GLU A 62  ? 0.2716 0.2609 0.2332 -0.0259 0.0284  -0.0272 62  GLU A N   
474 C  CA  . GLU A 62  ? 0.3325 0.3133 0.2852 -0.0314 0.0228  -0.0242 62  GLU A CA  
475 C  C   . GLU A 62  ? 0.3539 0.3302 0.3043 -0.0318 0.0201  -0.0237 62  GLU A C   
476 O  O   . GLU A 62  ? 0.3317 0.3176 0.2903 -0.0308 0.0210  -0.0226 62  GLU A O   
477 C  CB  . GLU A 62  ? 0.3156 0.3054 0.2712 -0.0370 0.0202  -0.0191 62  GLU A CB  
478 C  CG  . GLU A 62  ? 0.4887 0.4720 0.4363 -0.0441 0.0137  -0.0147 62  GLU A CG  
479 C  CD  . GLU A 62  ? 0.5613 0.5562 0.5125 -0.0496 0.0112  -0.0088 62  GLU A CD  
480 O  OE1 . GLU A 62  ? 0.5545 0.5618 0.5139 -0.0473 0.0147  -0.0082 62  GLU A OE1 
481 O  OE2 . GLU A 62  ? 0.5383 0.5297 0.4836 -0.0563 0.0055  -0.0043 62  GLU A OE2 
482 N  N   . LEU A 63  ? 0.2923 0.2532 0.2310 -0.0330 0.0166  -0.0246 63  LEU A N   
483 C  CA  . LEU A 63  ? 0.2814 0.2354 0.2160 -0.0336 0.0134  -0.0239 63  LEU A CA  
484 C  C   . LEU A 63  ? 0.3676 0.3190 0.2973 -0.0420 0.0067  -0.0183 63  LEU A C   
485 O  O   . LEU A 63  ? 0.4253 0.3673 0.3457 -0.0461 0.0032  -0.0174 63  LEU A O   
486 C  CB  . LEU A 63  ? 0.3414 0.2788 0.2647 -0.0291 0.0133  -0.0283 63  LEU A CB  
487 C  CG  . LEU A 63  ? 0.4503 0.3900 0.3773 -0.0207 0.0196  -0.0332 63  LEU A CG  
488 C  CD1 . LEU A 63  ? 0.4635 0.3870 0.3780 -0.0160 0.0189  -0.0368 63  LEU A CD1 
489 C  CD2 . LEU A 63  ? 0.3898 0.3423 0.3288 -0.0183 0.0226  -0.0331 63  LEU A CD2 
490 N  N   . ILE A 64  ? 0.3420 0.3025 0.2780 -0.0449 0.0049  -0.0145 64  ILE A N   
491 C  CA  . ILE A 64  ? 0.2974 0.2584 0.2303 -0.0533 -0.0016 -0.0080 64  ILE A CA  
492 C  C   . ILE A 64  ? 0.2925 0.2476 0.2219 -0.0555 -0.0058 -0.0059 64  ILE A C   
493 O  O   . ILE A 64  ? 0.3308 0.2946 0.2682 -0.0524 -0.0034 -0.0061 64  ILE A O   
494 C  CB  . ILE A 64  ? 0.3937 0.3755 0.3387 -0.0555 -0.0005 -0.0032 64  ILE A CB  
495 C  CG1 . ILE A 64  ? 0.4103 0.3993 0.3592 -0.0538 0.0033  -0.0044 64  ILE A CG1 
496 C  CG2 . ILE A 64  ? 0.4657 0.4507 0.4083 -0.0644 -0.0072 0.0043  64  ILE A CG2 
497 C  CD1 . ILE A 64  ? 0.3676 0.3763 0.3285 -0.0523 0.0062  -0.0016 64  ILE A CD1 
498 N  N   . ILE A 65  ? 0.3531 0.2928 0.2699 -0.0613 -0.0124 -0.0038 65  ILE A N   
499 C  CA  . ILE A 65  ? 0.4334 0.3662 0.3458 -0.0647 -0.0175 -0.0010 65  ILE A CA  
500 C  C   . ILE A 65  ? 0.4880 0.4298 0.4021 -0.0747 -0.0233 0.0075  65  ILE A C   
501 O  O   . ILE A 65  ? 0.4996 0.4319 0.4042 -0.0816 -0.0290 0.0104  65  ILE A O   
502 C  CB  . ILE A 65  ? 0.4906 0.3981 0.3862 -0.0641 -0.0215 -0.0043 65  ILE A CB  
503 C  CG1 . ILE A 65  ? 0.4833 0.3851 0.3782 -0.0534 -0.0152 -0.0119 65  ILE A CG1 
504 C  CG2 . ILE A 65  ? 0.4935 0.3931 0.3834 -0.0690 -0.0278 -0.0003 65  ILE A CG2 
505 C  CD1 . ILE A 65  ? 0.4859 0.3641 0.3646 -0.0509 -0.0187 -0.0153 65  ILE A CD1 
506 N  N   . PRO A 66  ? 0.5165 0.4778 0.4431 -0.0752 -0.0219 0.0118  66  PRO A N   
507 C  CA  . PRO A 66  ? 0.5238 0.4981 0.4541 -0.0840 -0.0267 0.0205  66  PRO A CA  
508 C  C   . PRO A 66  ? 0.4951 0.4545 0.4129 -0.0935 -0.0360 0.0256  66  PRO A C   
509 O  O   . PRO A 66  ? 0.4502 0.3975 0.3620 -0.0939 -0.0391 0.0251  66  PRO A O   
510 C  CB  . PRO A 66  ? 0.4936 0.4865 0.4365 -0.0810 -0.0238 0.0230  66  PRO A CB  
511 C  CG  . PRO A 66  ? 0.4901 0.4821 0.4379 -0.0707 -0.0167 0.0151  66  PRO A CG  
512 C  CD  . PRO A 66  ? 0.5260 0.4951 0.4613 -0.0685 -0.0173 0.0092  66  PRO A CD  
513 N  N   . GLY A 67  ? 0.5787 0.5386 0.4922 -0.1015 -0.0408 0.0306  67  GLY A N   
514 C  CA  . GLY A 67  ? 0.6066 0.5528 0.5080 -0.1120 -0.0504 0.0362  67  GLY A CA  
515 C  C   . GLY A 67  ? 0.6576 0.5759 0.5417 -0.1123 -0.0539 0.0309  67  GLY A C   
516 O  O   . GLY A 67  ? 0.6945 0.5992 0.5666 -0.1214 -0.0624 0.0351  67  GLY A O   
517 N  N   . GLU A 68  ? 0.5999 0.5098 0.4823 -0.1022 -0.0475 0.0219  68  GLU A N   
518 C  CA  . GLU A 68  ? 0.5584 0.4424 0.4242 -0.1002 -0.0497 0.0162  68  GLU A CA  
519 C  C   . GLU A 68  ? 0.5608 0.4461 0.4265 -0.0967 -0.0454 0.0121  68  GLU A C   
520 O  O   . GLU A 68  ? 0.5409 0.4170 0.3969 -0.1028 -0.0504 0.0140  68  GLU A O   
521 C  CB  . GLU A 68  ? 0.5961 0.4672 0.4576 -0.0909 -0.0465 0.0092  68  GLU A CB  
522 C  CG  . GLU A 68  ? 0.6543 0.4964 0.4959 -0.0895 -0.0509 0.0046  68  GLU A CG  
523 C  CD  . GLU A 68  ? 0.6769 0.5072 0.5139 -0.0808 -0.0485 -0.0009 68  GLU A CD  
524 O  OE1 . GLU A 68  ? 0.7544 0.5618 0.5752 -0.0766 -0.0506 -0.0059 68  GLU A OE1 
525 O  OE2 . GLU A 68  ? 0.6871 0.5307 0.5358 -0.0777 -0.0449 -0.0002 68  GLU A OE2 
526 N  N   . GLN A 69  ? 0.5038 0.3997 0.3796 -0.0872 -0.0365 0.0067  69  GLN A N   
527 C  CA  . GLN A 69  ? 0.5850 0.4820 0.4609 -0.0836 -0.0322 0.0029  69  GLN A CA  
528 C  C   . GLN A 69  ? 0.5291 0.4449 0.4203 -0.0757 -0.0230 -0.0003 69  GLN A C   
529 O  O   . GLN A 69  ? 0.4088 0.3362 0.3104 -0.0717 -0.0192 -0.0005 69  GLN A O   
530 C  CB  . GLN A 69  ? 0.6851 0.5581 0.5451 -0.0789 -0.0330 -0.0036 69  GLN A CB  
531 C  CG  . GLN A 69  ? 0.7729 0.6424 0.6344 -0.0683 -0.0270 -0.0103 69  GLN A CG  
532 C  CD  . GLN A 69  ? 0.8879 0.7317 0.7313 -0.0646 -0.0302 -0.0149 69  GLN A CD  
533 O  OE1 . GLN A 69  ? 0.9145 0.7487 0.7497 -0.0603 -0.0285 -0.0195 69  GLN A OE1 
534 N  NE2 . GLN A 69  ? 0.9218 0.7543 0.7583 -0.0659 -0.0348 -0.0139 69  GLN A NE2 
535 N  N   . HIS A 70  ? 0.5196 0.4373 0.4112 -0.0734 -0.0196 -0.0028 70  HIS A N   
536 C  CA  . HIS A 70  ? 0.5762 0.5083 0.4800 -0.0661 -0.0114 -0.0061 70  HIS A CA  
537 C  C   . HIS A 70  ? 0.5622 0.4840 0.4595 -0.0607 -0.0081 -0.0121 70  HIS A C   
538 O  O   . HIS A 70  ? 0.6577 0.5664 0.5431 -0.0639 -0.0119 -0.0123 70  HIS A O   
539 C  CB  . HIS A 70  ? 0.7029 0.6565 0.6193 -0.0689 -0.0097 -0.0012 70  HIS A CB  
540 C  CG  . HIS A 70  ? 0.8660 0.8203 0.7782 -0.0754 -0.0132 0.0026  70  HIS A CG  
541 N  ND1 . HIS A 70  ? 0.9471 0.9194 0.8678 -0.0798 -0.0139 0.0090  70  HIS A ND1 
542 C  CD2 . HIS A 70  ? 0.9919 0.9319 0.8922 -0.0781 -0.0163 0.0013  70  HIS A CD2 
543 C  CE1 . HIS A 70  ? 0.9883 0.9578 0.9029 -0.0854 -0.0172 0.0115  70  HIS A CE1 
544 N  NE2 . HIS A 70  ? 1.0352 0.9846 0.9372 -0.0846 -0.0188 0.0069  70  HIS A NE2 
545 N  N   . PHE A 71  ? 0.4057 0.3305 0.3089 -0.0509 -0.0007 -0.0181 71  PHE A N   
546 C  CA  . PHE A 71  ? 0.4593 0.3813 0.3601 -0.0463 0.0033  -0.0222 71  PHE A CA  
547 C  C   . PHE A 71  ? 0.4536 0.3907 0.3676 -0.0404 0.0108  -0.0244 71  PHE A C   
548 O  O   . PHE A 71  ? 0.4029 0.3486 0.3259 -0.0371 0.0137  -0.0250 71  PHE A O   
549 C  CB  . PHE A 71  ? 0.6092 0.5108 0.4946 -0.0428 0.0017  -0.0266 71  PHE A CB  
550 C  CG  . PHE A 71  ? 0.5989 0.4933 0.4813 -0.0367 0.0030  -0.0299 71  PHE A CG  
551 C  CD1 . PHE A 71  ? 0.6529 0.5524 0.5407 -0.0283 0.0097  -0.0343 71  PHE A CD1 
552 C  CD2 . PHE A 71  ? 0.6340 0.5183 0.5096 -0.0396 -0.0023 -0.0283 71  PHE A CD2 
553 C  CE1 . PHE A 71  ? 0.6536 0.5484 0.5397 -0.0225 0.0112  -0.0371 71  PHE A CE1 
554 C  CE2 . PHE A 71  ? 0.7108 0.5892 0.5842 -0.0336 -0.0008 -0.0314 71  PHE A CE2 
555 C  CZ  . PHE A 71  ? 0.6675 0.5516 0.5462 -0.0248 0.0060  -0.0357 71  PHE A CZ  
556 N  N   . TYR A 72  ? 0.3739 0.3081 0.2846 -0.0381 0.0131  -0.0269 72  TYR A N   
557 C  CA  . TYR A 72  ? 0.3902 0.3373 0.3119 -0.0337 0.0194  -0.0285 72  TYR A CA  
558 C  C   . TYR A 72  ? 0.3979 0.3392 0.3161 -0.0265 0.0236  -0.0336 72  TYR A C   
559 O  O   . TYR A 72  ? 0.4073 0.3374 0.3149 -0.0253 0.0227  -0.0355 72  TYR A O   
560 C  CB  . TYR A 72  ? 0.3990 0.3536 0.3236 -0.0374 0.0195  -0.0258 72  TYR A CB  
561 C  CG  . TYR A 72  ? 0.4423 0.4051 0.3705 -0.0442 0.0155  -0.0201 72  TYR A CG  
562 C  CD1 . TYR A 72  ? 0.4592 0.4382 0.3996 -0.0439 0.0178  -0.0177 72  TYR A CD1 
563 C  CD2 . TYR A 72  ? 0.4895 0.4442 0.4083 -0.0509 0.0094  -0.0169 72  TYR A CD2 
564 C  CE1 . TYR A 72  ? 0.4649 0.4531 0.4085 -0.0495 0.0144  -0.0118 72  TYR A CE1 
565 C  CE2 . TYR A 72  ? 0.5675 0.5311 0.4898 -0.0574 0.0057  -0.0109 72  TYR A CE2 
566 C  CZ  . TYR A 72  ? 0.5968 0.5779 0.5316 -0.0564 0.0085  -0.0083 72  TYR A CZ  
567 O  OH  . TYR A 72  ? 0.6673 0.6585 0.6049 -0.0624 0.0047  -0.0018 72  TYR A OH  
568 N  N   . MSE A 73  ? 0.2839 0.2341 0.2115 -0.0216 0.0283  -0.0354 73  MSE A N   
569 C  CA  . MSE A 73  ? 0.2839 0.2327 0.2110 -0.0145 0.0328  -0.0393 73  MSE A CA  
570 C  C   . MSE A 73  ? 0.3644 0.3264 0.3027 -0.0124 0.0379  -0.0396 73  MSE A C   
571 O  O   . MSE A 73  ? 0.3450 0.3170 0.2922 -0.0153 0.0381  -0.0374 73  MSE A O   
572 C  CB  . MSE A 73  ? 0.3013 0.2487 0.2293 -0.0106 0.0336  -0.0409 73  MSE A CB  
573 C  CG  . MSE A 73  ? 0.4711 0.4096 0.3925 -0.0142 0.0283  -0.0393 73  MSE A CG  
574 SE SE  . MSE A 73  ? 1.0972 1.0134 0.9982 -0.0134 0.0241  -0.0414 73  MSE A SE  
575 C  CE  . MSE A 73  ? 0.8397 0.7486 0.7365 -0.0068 0.0245  -0.0441 73  MSE A CE  
576 N  N   . LYS A 74  ? 0.3346 0.2964 0.2719 -0.0072 0.0417  -0.0423 74  LYS A N   
577 C  CA  . LYS A 74  ? 0.3413 0.3145 0.2884 -0.0054 0.0461  -0.0424 74  LYS A CA  
578 C  C   . LYS A 74  ? 0.3887 0.3633 0.3362 0.0009  0.0499  -0.0448 74  LYS A C   
579 O  O   . LYS A 74  ? 0.3455 0.3123 0.2835 0.0044  0.0503  -0.0465 74  LYS A O   
580 C  CB  . LYS A 74  ? 0.4498 0.4231 0.3947 -0.0074 0.0464  -0.0415 74  LYS A CB  
581 C  CG  . LYS A 74  ? 0.4987 0.4825 0.4527 -0.0062 0.0504  -0.0412 74  LYS A CG  
582 C  CD  . LYS A 74  ? 0.5014 0.4861 0.4544 -0.0093 0.0499  -0.0395 74  LYS A CD  
583 C  CE  . LYS A 74  ? 0.6113 0.6009 0.5671 -0.0068 0.0538  -0.0401 74  LYS A CE  
584 N  NZ  . LYS A 74  ? 0.6154 0.6139 0.5804 -0.0090 0.0549  -0.0382 74  LYS A NZ  
585 N  N   . ALA A 75  ? 0.2553 0.2398 0.2130 0.0024  0.0526  -0.0448 75  ALA A N   
586 C  CA  . ALA A 75  ? 0.2963 0.2845 0.2555 0.0079  0.0562  -0.0464 75  ALA A CA  
587 C  C   . ALA A 75  ? 0.3273 0.3209 0.2883 0.0091  0.0594  -0.0460 75  ALA A C   
588 O  O   . ALA A 75  ? 0.3770 0.3723 0.3399 0.0057  0.0590  -0.0447 75  ALA A O   
589 C  CB  . ALA A 75  ? 0.2851 0.2819 0.2543 0.0083  0.0573  -0.0461 75  ALA A CB  
590 N  N   . VAL A 76  ? 0.3332 0.3299 0.2935 0.0143  0.0624  -0.0468 76  VAL A N   
591 C  CA  . VAL A 76  ? 0.3118 0.3148 0.2738 0.0158  0.0656  -0.0460 76  VAL A CA  
592 C  C   . VAL A 76  ? 0.3611 0.3745 0.3352 0.0119  0.0666  -0.0440 76  VAL A C   
593 O  O   . VAL A 76  ? 0.3606 0.3766 0.3362 0.0097  0.0671  -0.0427 76  VAL A O   
594 C  CB  . VAL A 76  ? 0.3303 0.3370 0.2901 0.0224  0.0687  -0.0466 76  VAL A CB  
595 C  CG1 . VAL A 76  ? 0.3590 0.3743 0.3215 0.0235  0.0718  -0.0449 76  VAL A CG1 
596 C  CG2 . VAL A 76  ? 0.2659 0.2606 0.2122 0.0271  0.0675  -0.0488 76  VAL A CG2 
597 N  N   . ASN A 77  ? 0.3059 0.3245 0.2875 0.0112  0.0665  -0.0439 77  ASN A N   
598 C  CA  . ASN A 77  ? 0.2696 0.2960 0.2612 0.0077  0.0667  -0.0424 77  ASN A CA  
599 C  C   . ASN A 77  ? 0.3259 0.3528 0.3224 0.0060  0.0646  -0.0428 77  ASN A C   
600 O  O   . ASN A 77  ? 0.3217 0.3440 0.3147 0.0071  0.0632  -0.0440 77  ASN A O   
601 C  CB  . ASN A 77  ? 0.2841 0.3199 0.2814 0.0092  0.0695  -0.0411 77  ASN A CB  
602 C  CG  . ASN A 77  ? 0.3329 0.3719 0.3304 0.0135  0.0710  -0.0418 77  ASN A CG  
603 O  OD1 . ASN A 77  ? 0.3661 0.4051 0.3664 0.0134  0.0699  -0.0426 77  ASN A OD1 
604 N  ND2 . ASN A 77  ? 0.3002 0.3429 0.2947 0.0176  0.0736  -0.0412 77  ASN A ND2 
605 N  N   . ALA A 78  ? 0.2701 0.3022 0.2741 0.0033  0.0643  -0.0419 78  ALA A N   
606 C  CA  . ALA A 78  ? 0.3153 0.3487 0.3240 0.0019  0.0624  -0.0422 78  ALA A CA  
607 C  C   . ALA A 78  ? 0.3033 0.3395 0.3146 0.0044  0.0629  -0.0431 78  ALA A C   
608 O  O   . ALA A 78  ? 0.2921 0.3269 0.3035 0.0045  0.0614  -0.0438 78  ALA A O   
609 C  CB  . ALA A 78  ? 0.3236 0.3609 0.3382 -0.0006 0.0619  -0.0412 78  ALA A CB  
610 N  N   . ALA A 79  ? 0.2996 0.3411 0.3131 0.0063  0.0653  -0.0428 79  ALA A N   
611 C  CA  . ALA A 79  ? 0.2323 0.2776 0.2483 0.0090  0.0661  -0.0435 79  ALA A CA  
612 C  C   . ALA A 79  ? 0.2893 0.3287 0.2983 0.0123  0.0660  -0.0448 79  ALA A C   
613 O  O   . ALA A 79  ? 0.2280 0.2671 0.2380 0.0135  0.0652  -0.0457 79  ALA A O   
614 C  CB  . ALA A 79  ? 0.2979 0.3512 0.3172 0.0103  0.0687  -0.0421 79  ALA A CB  
615 N  N   . GLU A 80  ? 0.2675 0.3011 0.2686 0.0141  0.0665  -0.0451 80  GLU A N   
616 C  CA  . GLU A 80  ? 0.2931 0.3182 0.2853 0.0173  0.0657  -0.0465 80  GLU A CA  
617 C  C   . GLU A 80  ? 0.2624 0.2812 0.2530 0.0145  0.0622  -0.0469 80  GLU A C   
618 O  O   . GLU A 80  ? 0.2955 0.3111 0.2837 0.0163  0.0613  -0.0477 80  GLU A O   
619 C  CB  . GLU A 80  ? 0.3065 0.3254 0.2897 0.0188  0.0661  -0.0468 80  GLU A CB  
620 C  CG  . GLU A 80  ? 0.4400 0.4593 0.4178 0.0251  0.0688  -0.0474 80  GLU A CG  
621 C  CD  . GLU A 80  ? 0.6050 0.6115 0.5693 0.0280  0.0673  -0.0490 80  GLU A CD  
622 O  OE1 . GLU A 80  ? 0.6332 0.6386 0.5911 0.0344  0.0693  -0.0498 80  GLU A OE1 
623 O  OE2 . GLU A 80  ? 0.5178 0.5154 0.4776 0.0242  0.0641  -0.0494 80  GLU A OE2 
624 N  N   . ARG A 81  ? 0.2526 0.2704 0.2445 0.0101  0.0605  -0.0460 81  ARG A N   
625 C  CA  . ARG A 81  ? 0.2328 0.2469 0.2238 0.0070  0.0571  -0.0455 81  ARG A CA  
626 C  C   . ARG A 81  ? 0.2336 0.2527 0.2309 0.0075  0.0567  -0.0455 81  ARG A C   
627 O  O   . ARG A 81  ? 0.2128 0.2279 0.2072 0.0074  0.0547  -0.0455 81  ARG A O   
628 C  CB  . ARG A 81  ? 0.1755 0.1910 0.1686 0.0029  0.0558  -0.0439 81  ARG A CB  
629 C  CG  . ARG A 81  ? 0.2730 0.2845 0.2628 -0.0003 0.0523  -0.0426 81  ARG A CG  
630 C  CD  . ARG A 81  ? 0.3712 0.3901 0.3686 -0.0023 0.0513  -0.0411 81  ARG A CD  
631 N  NE  . ARG A 81  ? 0.4751 0.4945 0.4717 -0.0055 0.0498  -0.0392 81  ARG A NE  
632 C  CZ  . ARG A 81  ? 0.2961 0.3221 0.2981 -0.0064 0.0497  -0.0379 81  ARG A CZ  
633 N  NH1 . ARG A 81  ? 0.3840 0.4157 0.3924 -0.0045 0.0506  -0.0387 81  ARG A NH1 
634 N  NH2 . ARG A 81  ? 0.2742 0.3006 0.2745 -0.0088 0.0485  -0.0359 81  ARG A NH2 
635 N  N   . GLN A 82  ? 0.2566 0.2842 0.2621 0.0076  0.0583  -0.0455 82  GLN A N   
636 C  CA  . GLN A 82  ? 0.3214 0.3540 0.3329 0.0081  0.0578  -0.0457 82  GLN A CA  
637 C  C   . GLN A 82  ? 0.2320 0.2627 0.2406 0.0116  0.0586  -0.0467 82  GLN A C   
638 O  O   . GLN A 82  ? 0.2577 0.2877 0.2666 0.0119  0.0570  -0.0467 82  GLN A O   
639 C  CB  . GLN A 82  ? 0.2520 0.2924 0.2712 0.0078  0.0593  -0.0456 82  GLN A CB  
640 C  CG  . GLN A 82  ? 0.2905 0.3357 0.3155 0.0077  0.0582  -0.0459 82  GLN A CG  
641 C  CD  . GLN A 82  ? 0.3377 0.3819 0.3624 0.0059  0.0556  -0.0451 82  GLN A CD  
642 O  OE1 . GLN A 82  ? 0.3347 0.3761 0.3566 0.0040  0.0547  -0.0441 82  GLN A OE1 
643 N  NE2 . GLN A 82  ? 0.3250 0.3723 0.3528 0.0067  0.0546  -0.0453 82  GLN A NE2 
644 N  N   . ARG A 83  ? 0.2452 0.2756 0.2510 0.0149  0.0609  -0.0472 83  ARG A N   
645 C  CA  . ARG A 83  ? 0.2751 0.3037 0.2771 0.0193  0.0619  -0.0482 83  ARG A CA  
646 C  C   . ARG A 83  ? 0.3297 0.3477 0.3233 0.0195  0.0591  -0.0486 83  ARG A C   
647 O  O   . ARG A 83  ? 0.2733 0.2899 0.2663 0.0210  0.0583  -0.0489 83  ARG A O   
648 C  CB  . ARG A 83  ? 0.2874 0.3178 0.2865 0.0233  0.0649  -0.0483 83  ARG A CB  
649 C  CG  . ARG A 83  ? 0.4496 0.4882 0.4526 0.0274  0.0674  -0.0482 83  ARG A CG  
650 C  CD  . ARG A 83  ? 0.4690 0.5129 0.4707 0.0310  0.0707  -0.0473 83  ARG A CD  
651 N  NE  . ARG A 83  ? 0.5117 0.5633 0.5204 0.0271  0.0715  -0.0457 83  ARG A NE  
652 C  CZ  . ARG A 83  ? 0.5214 0.5740 0.5279 0.0272  0.0729  -0.0448 83  ARG A CZ  
653 N  NH1 . ARG A 83  ? 0.4963 0.5424 0.4931 0.0314  0.0738  -0.0456 83  ARG A NH1 
654 N  NH2 . ARG A 83  ? 0.6415 0.7005 0.6543 0.0232  0.0733  -0.0431 83  ARG A NH2 
655 N  N   . TRP A 84  ? 0.2851 0.2950 0.2718 0.0174  0.0574  -0.0483 84  TRP A N   
656 C  CA  . TRP A 84  ? 0.2426 0.2412 0.2202 0.0163  0.0539  -0.0483 84  TRP A CA  
657 C  C   . TRP A 84  ? 0.2117 0.2125 0.1940 0.0123  0.0509  -0.0468 84  TRP A C   
658 O  O   . TRP A 84  ? 0.2491 0.2442 0.2272 0.0126  0.0486  -0.0465 84  TRP A O   
659 C  CB  . TRP A 84  ? 0.2529 0.2433 0.2226 0.0142  0.0524  -0.0481 84  TRP A CB  
660 C  CG  . TRP A 84  ? 0.2762 0.2600 0.2367 0.0191  0.0540  -0.0497 84  TRP A CG  
661 C  CD1 . TRP A 84  ? 0.2760 0.2636 0.2369 0.0210  0.0570  -0.0501 84  TRP A CD1 
662 C  CD2 . TRP A 84  ? 0.2854 0.2574 0.2342 0.0233  0.0526  -0.0511 84  TRP A CD2 
663 N  NE1 . TRP A 84  ? 0.2870 0.2673 0.2375 0.0265  0.0578  -0.0515 84  TRP A NE1 
664 C  CE2 . TRP A 84  ? 0.3531 0.3228 0.2955 0.0282  0.0551  -0.0525 84  TRP A CE2 
665 C  CE3 . TRP A 84  ? 0.3271 0.2901 0.2698 0.0235  0.0494  -0.0513 84  TRP A CE3 
666 C  CZ2 . TRP A 84  ? 0.3404 0.2986 0.2698 0.0340  0.0545  -0.0543 84  TRP A CZ2 
667 C  CZ3 . TRP A 84  ? 0.3287 0.2792 0.2585 0.0288  0.0485  -0.0531 84  TRP A CZ3 
668 C  CH2 . TRP A 84  ? 0.3371 0.2851 0.2599 0.0342  0.0511  -0.0547 84  TRP A CH2 
669 N  N   . LEU A 85  ? 0.1826 0.1916 0.1729 0.0091  0.0510  -0.0456 85  LEU A N   
670 C  CA  . LEU A 85  ? 0.2391 0.2521 0.2340 0.0061  0.0486  -0.0438 85  LEU A CA  
671 C  C   . LEU A 85  ? 0.2376 0.2547 0.2367 0.0085  0.0491  -0.0444 85  LEU A C   
672 O  O   . LEU A 85  ? 0.2429 0.2583 0.2410 0.0072  0.0465  -0.0431 85  LEU A O   
673 C  CB  . LEU A 85  ? 0.3035 0.3250 0.3059 0.0038  0.0492  -0.0429 85  LEU A CB  
674 C  CG  . LEU A 85  ? 0.2970 0.3161 0.2962 0.0004  0.0478  -0.0414 85  LEU A CG  
675 C  CD1 . LEU A 85  ? 0.2717 0.2990 0.2777 -0.0011 0.0481  -0.0403 85  LEU A CD1 
676 C  CD2 . LEU A 85  ? 0.3576 0.3701 0.3501 -0.0028 0.0441  -0.0394 85  LEU A CD2 
677 N  N   . VAL A 86  ? 0.2904 0.3132 0.2943 0.0118  0.0522  -0.0459 86  VAL A N   
678 C  CA  . VAL A 86  ? 0.2397 0.2670 0.2477 0.0144  0.0528  -0.0464 86  VAL A CA  
679 C  C   . VAL A 86  ? 0.2637 0.2824 0.2639 0.0167  0.0516  -0.0467 86  VAL A C   
680 O  O   . VAL A 86  ? 0.2783 0.2967 0.2790 0.0164  0.0498  -0.0459 86  VAL A O   
681 C  CB  . VAL A 86  ? 0.2565 0.2917 0.2706 0.0171  0.0561  -0.0475 86  VAL A CB  
682 C  CG1 . VAL A 86  ? 0.2668 0.3062 0.2840 0.0199  0.0567  -0.0479 86  VAL A CG1 
683 C  CG2 . VAL A 86  ? 0.2031 0.2454 0.2243 0.0145  0.0565  -0.0472 86  VAL A CG2 
684 N  N   . ALA A 87  ? 0.2359 0.2472 0.2281 0.0194  0.0526  -0.0478 87  ALA A N   
685 C  CA  . ALA A 87  ? 0.2962 0.2973 0.2791 0.0225  0.0512  -0.0484 87  ALA A CA  
686 C  C   . ALA A 87  ? 0.2514 0.2427 0.2277 0.0184  0.0466  -0.0469 87  ALA A C   
687 O  O   . ALA A 87  ? 0.3248 0.3105 0.2970 0.0194  0.0445  -0.0465 87  ALA A O   
688 C  CB  . ALA A 87  ? 0.2475 0.2421 0.2219 0.0270  0.0532  -0.0500 87  ALA A CB  
689 N  N   . LEU A 88  ? 0.2789 0.2684 0.2542 0.0135  0.0446  -0.0456 88  LEU A N   
690 C  CA  . LEU A 88  ? 0.2001 0.1807 0.1685 0.0088  0.0396  -0.0433 88  LEU A CA  
691 C  C   . LEU A 88  ? 0.3001 0.2883 0.2755 0.0044  0.0372  -0.0404 88  LEU A C   
692 O  O   . LEU A 88  ? 0.3428 0.3250 0.3134 0.0008  0.0329  -0.0380 88  LEU A O   
693 C  CB  . LEU A 88  ? 0.2401 0.2159 0.2037 0.0053  0.0383  -0.0427 88  LEU A CB  
694 C  CG  . LEU A 88  ? 0.2979 0.2629 0.2509 0.0080  0.0389  -0.0449 88  LEU A CG  
695 C  CD1 . LEU A 88  ? 0.3050 0.2700 0.2570 0.0038  0.0381  -0.0438 88  LEU A CD1 
696 C  CD2 . LEU A 88  ? 0.3490 0.2976 0.2884 0.0091  0.0350  -0.0452 88  LEU A CD2 
697 N  N   . GLY A 89  ? 0.2676 0.2691 0.2542 0.0046  0.0397  -0.0403 89  GLY A N   
698 C  CA  . GLY A 89  ? 0.3066 0.3170 0.2998 0.0012  0.0380  -0.0375 89  GLY A CA  
699 C  C   . GLY A 89  ? 0.2495 0.2715 0.2525 0.0034  0.0399  -0.0379 89  GLY A C   
700 O  O   . GLY A 89  ? 0.2415 0.2713 0.2495 0.0013  0.0387  -0.0358 89  GLY A O   
701 N  N   . SER A 90  ? 0.2502 0.2735 0.2554 0.0079  0.0429  -0.0405 90  SER A N   
702 C  CA  . SER A 90  ? 0.2880 0.3217 0.3019 0.0099  0.0443  -0.0409 90  SER A CA  
703 C  C   . SER A 90  ? 0.2985 0.3348 0.3138 0.0085  0.0416  -0.0385 90  SER A C   
704 O  O   . SER A 90  ? 0.3284 0.3743 0.3508 0.0092  0.0421  -0.0382 90  SER A O   
705 C  CB  . SER A 90  ? 0.2358 0.2707 0.2512 0.0145  0.0475  -0.0436 90  SER A CB  
706 O  OG  . SER A 90  ? 0.3049 0.3415 0.3218 0.0156  0.0503  -0.0452 90  SER A OG  
707 N  N   . SER A 91  ? 0.2774 0.3049 0.2853 0.0065  0.0385  -0.0368 91  SER A N   
708 C  CA  . SER A 91  ? 0.3541 0.3835 0.3627 0.0050  0.0356  -0.0340 91  SER A CA  
709 C  C   . SER A 91  ? 0.3493 0.3822 0.3582 -0.0003 0.0321  -0.0297 91  SER A C   
710 O  O   . SER A 91  ? 0.3483 0.3835 0.3574 -0.0025 0.0293  -0.0265 91  SER A O   
711 C  CB  . SER A 91  ? 0.4956 0.5123 0.4951 0.0058  0.0336  -0.0340 91  SER A CB  
712 O  OG  . SER A 91  ? 0.5970 0.6123 0.5964 0.0114  0.0367  -0.0373 91  SER A OG  
713 N  N   . LYS A 92  ? 0.2240 0.2579 0.2326 -0.0023 0.0323  -0.0294 92  LYS A N   
714 C  CA  . LYS A 92  ? 0.2999 0.3376 0.3082 -0.0074 0.0291  -0.0250 92  LYS A CA  
715 C  C   . LYS A 92  ? 0.2319 0.2840 0.2491 -0.0061 0.0308  -0.0242 92  LYS A C   
716 O  O   . LYS A 92  ? 0.2582 0.3141 0.2799 -0.0022 0.0342  -0.0276 92  LYS A O   
717 C  CB  . LYS A 92  ? 0.3006 0.3296 0.3021 -0.0104 0.0280  -0.0249 92  LYS A CB  
718 C  CG  . LYS A 92  ? 0.2312 0.2441 0.2218 -0.0114 0.0256  -0.0256 92  LYS A CG  
719 C  CD  . LYS A 92  ? 0.2541 0.2587 0.2378 -0.0137 0.0248  -0.0260 92  LYS A CD  
720 C  CE  . LYS A 92  ? 0.2085 0.1957 0.1799 -0.0138 0.0224  -0.0274 92  LYS A CE  
721 N  NZ  . LYS A 92  ? 0.3039 0.2843 0.2695 -0.0179 0.0171  -0.0238 92  LYS A NZ  
722 N  N   . ALA A 93  ? 0.2842 0.3440 0.3030 -0.0094 0.0280  -0.0195 93  ALA A N   
723 C  CA  . ALA A 93  ? 0.2670 0.3405 0.2926 -0.0075 0.0294  -0.0184 93  ALA A CA  
724 C  C   . ALA A 93  ? 0.3417 0.4147 0.3656 -0.0092 0.0296  -0.0179 93  ALA A C   
725 O  O   . ALA A 93  ? 0.3058 0.3705 0.3236 -0.0130 0.0277  -0.0167 93  ALA A O   
726 C  CB  . ALA A 93  ? 0.3186 0.4025 0.3468 -0.0095 0.0265  -0.0130 93  ALA A CB  
727 N  N   . SER A 94  ? 0.2530 0.3346 0.2816 -0.0061 0.0316  -0.0186 94  SER A N   
728 C  CA  . SER A 94  ? 0.2268 0.3089 0.2540 -0.0072 0.0320  -0.0180 94  SER A CA  
729 C  C   . SER A 94  ? 0.3486 0.4433 0.3780 -0.0076 0.0304  -0.0130 94  SER A C   
730 O  O   . SER A 94  ? 0.3502 0.4551 0.3839 -0.0050 0.0304  -0.0115 94  SER A O   
731 C  CB  . SER A 94  ? 0.2566 0.3364 0.2856 -0.0031 0.0354  -0.0229 94  SER A CB  
732 O  OG  . SER A 94  ? 0.2610 0.3495 0.2951 0.0012  0.0367  -0.0237 94  SER A OG  
733 N  N   . LEU A 95  ? 0.2468 0.3416 0.2735 -0.0108 0.0293  -0.0103 95  LEU A N   
734 C  CA  . LEU A 95  ? 0.2716 0.3793 0.3002 -0.0111 0.0279  -0.0051 95  LEU A CA  
735 C  C   . LEU A 95  ? 0.2985 0.4042 0.3254 -0.0103 0.0295  -0.0064 95  LEU A C   
736 O  O   . LEU A 95  ? 0.3069 0.4042 0.3295 -0.0142 0.0288  -0.0066 95  LEU A O   
737 C  CB  . LEU A 95  ? 0.3274 0.4373 0.3530 -0.0179 0.0236  0.0013  95  LEU A CB  
738 C  CG  . LEU A 95  ? 0.4093 0.5218 0.4359 -0.0198 0.0212  0.0041  95  LEU A CG  
739 C  CD1 . LEU A 95  ? 0.4302 0.5414 0.4524 -0.0278 0.0163  0.0103  95  LEU A CD1 
740 C  CD2 . LEU A 95  ? 0.3985 0.5266 0.4314 -0.0153 0.0221  0.0062  95  LEU A CD2 
741 N  N   . THR A 96  ? 0.2475 0.3607 0.2774 -0.0050 0.0315  -0.0074 96  THR A N   
742 C  CA  . THR A 96  ? 0.2700 0.3817 0.2986 -0.0035 0.0330  -0.0086 96  THR A CA  
743 C  C   . THR A 96  ? 0.2835 0.4079 0.3124 -0.0029 0.0320  -0.0030 96  THR A C   
744 O  O   . THR A 96  ? 0.2636 0.4000 0.2951 0.0005  0.0315  -0.0001 96  THR A O   
745 C  CB  . THR A 96  ? 0.2374 0.3458 0.2677 0.0025  0.0360  -0.0141 96  THR A CB  
746 O  OG1 . THR A 96  ? 0.2874 0.3853 0.3176 0.0017  0.0372  -0.0187 96  THR A OG1 
747 C  CG2 . THR A 96  ? 0.2614 0.3676 0.2900 0.0040  0.0373  -0.0151 96  THR A CG2 
748 N  N   . ASP A 97  ? 0.2852 0.4074 0.3112 -0.0058 0.0316  -0.0014 97  ASP A N   
749 C  CA  . ASP A 97  ? 0.3709 0.5053 0.3968 -0.0052 0.0307  0.0040  97  ASP A CA  
750 C  C   . ASP A 97  ? 0.3605 0.4904 0.3846 -0.0026 0.0328  0.0014  97  ASP A C   
751 O  O   . ASP A 97  ? 0.3383 0.4558 0.3603 -0.0046 0.0338  -0.0026 97  ASP A O   
752 C  CB  . ASP A 97  ? 0.3901 0.5274 0.4138 -0.0129 0.0272  0.0102  97  ASP A CB  
753 C  CG  . ASP A 97  ? 0.5567 0.6955 0.5811 -0.0171 0.0244  0.0130  97  ASP A CG  
754 O  OD1 . ASP A 97  ? 0.5980 0.7421 0.6259 -0.0133 0.0251  0.0124  97  ASP A OD1 
755 O  OD2 . ASP A 97  ? 0.6575 0.7913 0.6784 -0.0245 0.0212  0.0159  97  ASP A OD2 
756 N  N   . THR A 98  ? 0.2109 0.3512 0.2354 0.0024  0.0334  0.0039  98  THR A N   
757 C  CA  . THR A 98  ? 0.2795 0.4164 0.3020 0.0052  0.0351  0.0021  98  THR A CA  
758 C  C   . THR A 98  ? 0.2858 0.4349 0.3072 0.0042  0.0338  0.0088  98  THR A C   
759 O  O   . THR A 98  ? 0.2286 0.3921 0.2519 0.0060  0.0327  0.0139  98  THR A O   
760 C  CB  . THR A 98  ? 0.2679 0.4040 0.2906 0.0136  0.0372  -0.0020 98  THR A CB  
761 O  OG1 . THR A 98  ? 0.3139 0.4391 0.3377 0.0139  0.0382  -0.0079 98  THR A OG1 
762 C  CG2 . THR A 98  ? 0.2950 0.4275 0.3148 0.0162  0.0384  -0.0031 98  THR A CG2 
763 N  N   . ARG A 99  ? 0.2358 0.3799 0.2546 0.0012  0.0340  0.0091  99  ARG A N   
764 C  CA  . ARG A 99  ? 0.3041 0.4590 0.3218 -0.0005 0.0328  0.0154  99  ARG A CA  
765 C  C   . ARG A 99  ? 0.3142 0.4684 0.3299 0.0050  0.0349  0.0141  99  ARG A C   
766 O  O   . ARG A 99  ? 0.2776 0.4189 0.2916 0.0049  0.0364  0.0090  99  ARG A O   
767 C  CB  . ARG A 99  ? 0.3178 0.4664 0.3330 -0.0099 0.0305  0.0174  99  ARG A CB  
768 C  CG  . ARG A 99  ? 0.4689 0.6299 0.4835 -0.0149 0.0276  0.0255  99  ARG A CG  
769 C  CD  . ARG A 99  ? 0.5431 0.6934 0.5538 -0.0240 0.0251  0.0258  99  ARG A CD  
770 N  NE  . ARG A 99  ? 0.6383 0.7953 0.6483 -0.0317 0.0206  0.0326  99  ARG A NE  
771 C  CZ  . ARG A 99  ? 0.7004 0.8505 0.7092 -0.0368 0.0180  0.0324  99  ARG A CZ  
772 N  NH1 . ARG A 99  ? 0.7324 0.8885 0.7400 -0.0443 0.0134  0.0392  99  ARG A NH1 
773 N  NH2 . ARG A 99  ? 0.7322 0.8694 0.7410 -0.0346 0.0198  0.0256  99  ARG A NH2 
774 N  N   . LEU A 100 ? 0.2307 0.3994 0.2464 0.0100  0.0350  0.0189  100 LEU A N   
775 C  CA  . LEU A 100 ? 0.2277 0.3968 0.2407 0.0157  0.0367  0.0185  100 LEU A CA  
776 C  C   . LEU A 100 ? 0.2417 0.4162 0.2535 0.0101  0.0355  0.0239  100 LEU A C   
777 O  O   . LEU A 100 ? 0.2475 0.4356 0.2606 0.0065  0.0333  0.0308  100 LEU A O   
778 C  CB  . LEU A 100 ? 0.1871 0.3691 0.1998 0.0256  0.0375  0.0207  100 LEU A CB  
779 C  CG  . LEU A 100 ? 0.2672 0.4410 0.2781 0.0340  0.0391  0.0143  100 LEU A CG  
780 C  CD1 . LEU A 100 ? 0.2677 0.4258 0.2801 0.0303  0.0393  0.0077  100 LEU A CD1 
781 C  CD2 . LEU A 100 ? 0.2022 0.3894 0.2133 0.0423  0.0391  0.0167  100 LEU A CD2 
782 N  N   . VAL A 101 ? 0.2041 0.3682 0.2133 0.0088  0.0365  0.0210  101 VAL A N   
783 C  CA  . VAL A 101 ? 0.2370 0.4048 0.2447 0.0032  0.0354  0.0256  101 VAL A CA  
784 C  C   . VAL A 101 ? 0.2670 0.4355 0.2721 0.0083  0.0371  0.0258  101 VAL A C   
785 O  O   . VAL A 101 ? 0.2500 0.4102 0.2537 0.0145  0.0392  0.0209  101 VAL A O   
786 C  CB  . VAL A 101 ? 0.2799 0.4334 0.2863 -0.0055 0.0343  0.0226  101 VAL A CB  
787 C  CG1 . VAL A 101 ? 0.2842 0.4343 0.2921 -0.0098 0.0326  0.0216  101 VAL A CG1 
788 C  CG2 . VAL A 101 ? 0.2813 0.4193 0.2860 -0.0031 0.0369  0.0156  101 VAL A CG2 
789 N  N   . PRO A 102 ? 0.2916 0.4697 0.2957 0.0053  0.0360  0.0318  102 PRO A N   
790 C  CA  . PRO A 102 ? 0.3538 0.5332 0.3553 0.0101  0.0377  0.0325  102 PRO A CA  
791 C  C   . PRO A 102 ? 0.3786 0.5398 0.3780 0.0087  0.0392  0.0261  102 PRO A C   
792 O  O   . PRO A 102 ? 0.4208 0.5722 0.4203 0.0013  0.0384  0.0238  102 PRO A O   
793 C  CB  . PRO A 102 ? 0.4371 0.6291 0.4384 0.0040  0.0356  0.0403  102 PRO A CB  
794 C  CG  . PRO A 102 ? 0.3730 0.5774 0.3774 0.0004  0.0330  0.0454  102 PRO A CG  
795 C  CD  . PRO A 102 ? 0.3264 0.5179 0.3320 -0.0016 0.0330  0.0394  102 PRO A CD  
796 N  N   . ARG A 103 ? 0.4050 0.5614 0.4019 0.0159  0.0413  0.0234  103 ARG A N   
797 C  CA  . ARG A 103 ? 0.4932 0.6338 0.4883 0.0149  0.0426  0.0181  103 ARG A CA  
798 C  C   . ARG A 103 ? 0.5957 0.7387 0.5889 0.0110  0.0424  0.0215  103 ARG A C   
799 O  O   . ARG A 103 ? 0.6460 0.7813 0.6389 0.0038  0.0421  0.0203  103 ARG A O   
800 C  CB  . ARG A 103 ? 0.5201 0.6542 0.5125 0.0240  0.0442  0.0143  103 ARG A CB  
801 C  CG  . ARG A 103 ? 0.5627 0.6878 0.5561 0.0265  0.0444  0.0087  103 ARG A CG  
802 C  CD  . ARG A 103 ? 0.5205 0.6374 0.5099 0.0348  0.0452  0.0052  103 ARG A CD  
803 N  NE  . ARG A 103 ? 0.4886 0.5998 0.4785 0.0380  0.0449  0.0008  103 ARG A NE  
804 C  CZ  . ARG A 103 ? 0.5449 0.6447 0.5369 0.0336  0.0449  -0.0039 103 ARG A CZ  
805 N  NH1 . ARG A 103 ? 0.5448 0.6373 0.5382 0.0265  0.0454  -0.0052 103 ARG A NH1 
806 N  NH2 . ARG A 103 ? 0.6037 0.6998 0.5961 0.0368  0.0444  -0.0073 103 ARG A NH2 
# 
